data_3G1U
#
_entry.id   3G1U
#
_cell.length_a   72.380
_cell.length_b   82.470
_cell.length_c   83.880
_cell.angle_alpha   87.02
_cell.angle_beta   71.41
_cell.angle_gamma   74.00
#
_symmetry.space_group_name_H-M   'P 1'
#
loop_
_entity.id
_entity.type
_entity.pdbx_description
1 polymer Adenosylhomocysteinase
2 non-polymer ADENOSINE
3 non-polymer NICOTINAMIDE-ADENINE-DINUCLEOTIDE
4 water water
#
_entity_poly.entity_id   1
_entity_poly.type   'polypeptide(L)'
_entity_poly.pdbx_seq_one_letter_code
;MADYKVKDISLAEWGRKAIELAENEMPGLMELRREYGPSQPLKGAKIAGCLHMTVQTAVLIETLKALGAELRWSSCNIFS
TQDNAAAAIAKTGVPVFAWKGETDEEYEWCIAQTVKGFSGDGLPNMILDDGGDLTNLVIDRYPELVPKIFGISEETTTGV
KNLYKRLSKGNLPISAINVNDSVTKSKFDNLYGCRESLVDGIKRATDVMIAGKTCCVCGYGDVGKGCAAALRAFGARVVV
TEVDPINALQASMEGYQVALVEDVMADAHIFVTTTGNDDIITSDHFPHMRDDAIVCNIGHFDTEIQVGWLEANAKEHVEI
KPQVDRYTMENGRHIILLAKGRLVNLGCASGHPSFVMSNSFTNQVLAQIELWSNRDNGKYPRGDKAGVFFLPKALDEKVA
ALHLAHVGAKLTKLTPKQAEYINCPVNGPFKPDHYRY
;
_entity_poly.pdbx_strand_id   A,B,C,D
#
loop_
_chem_comp.id
_chem_comp.type
_chem_comp.name
_chem_comp.formula
ADN non-polymer ADENOSINE 'C10 H13 N5 O4'
NAD non-polymer NICOTINAMIDE-ADENINE-DINUCLEOTIDE 'C21 H27 N7 O14 P2'
#
# COMPACT_ATOMS: atom_id res chain seq x y z
N ASP A 3 -1.82 36.24 -35.57
CA ASP A 3 -2.81 35.13 -35.74
C ASP A 3 -2.84 34.11 -34.58
N TYR A 4 -3.00 34.65 -33.37
CA TYR A 4 -3.19 33.85 -32.16
C TYR A 4 -3.85 34.75 -31.14
N LYS A 5 -4.43 34.16 -30.09
CA LYS A 5 -4.81 34.93 -28.91
C LYS A 5 -4.51 34.19 -27.60
N VAL A 6 -3.58 34.74 -26.84
CA VAL A 6 -3.09 34.14 -25.60
C VAL A 6 -2.98 35.21 -24.52
N LYS A 7 -2.73 34.80 -23.27
CA LYS A 7 -2.66 35.73 -22.16
C LYS A 7 -1.45 36.67 -22.24
N ASP A 8 -0.27 36.13 -22.52
CA ASP A 8 0.96 36.90 -22.40
C ASP A 8 2.13 36.30 -23.19
N ILE A 9 2.45 36.92 -24.35
CA ILE A 9 3.48 36.40 -25.24
C ILE A 9 4.87 36.35 -24.61
N SER A 10 5.08 37.14 -23.55
CA SER A 10 6.37 37.18 -22.89
C SER A 10 6.65 35.95 -22.01
N LEU A 11 5.61 35.14 -21.73
CA LEU A 11 5.80 33.87 -21.02
C LEU A 11 6.33 32.77 -21.94
N ALA A 12 6.58 33.10 -23.21
CA ALA A 12 7.01 32.10 -24.21
C ALA A 12 8.33 31.41 -23.87
N GLU A 13 9.29 32.20 -23.40
CA GLU A 13 10.61 31.71 -23.02
C GLU A 13 10.53 30.68 -21.90
N TRP A 14 9.76 31.00 -20.86
CA TRP A 14 9.47 30.05 -19.78
C TRP A 14 8.78 28.78 -20.30
N GLY A 15 7.74 28.94 -21.13
CA GLY A 15 7.08 27.80 -21.75
C GLY A 15 8.04 26.89 -22.52
N ARG A 16 8.92 27.48 -23.32
CA ARG A 16 9.92 26.72 -24.09
C ARG A 16 10.84 25.85 -23.22
N LYS A 17 11.33 26.39 -22.11
CA LYS A 17 12.12 25.61 -21.14
C LYS A 17 11.29 24.45 -20.58
N ALA A 18 10.05 24.72 -20.22
CA ALA A 18 9.16 23.71 -19.66
C ALA A 18 8.88 22.62 -20.69
N ILE A 19 8.67 23.05 -21.94
CA ILE A 19 8.42 22.14 -23.06
C ILE A 19 9.63 21.22 -23.29
N GLU A 20 10.83 21.80 -23.29
CA GLU A 20 12.08 21.03 -23.37
C GLU A 20 12.20 19.93 -22.29
N LEU A 21 11.79 20.24 -21.06
CA LEU A 21 11.73 19.23 -20.00
C LEU A 21 10.71 18.12 -20.30
N ALA A 22 9.54 18.50 -20.81
CA ALA A 22 8.50 17.52 -21.14
C ALA A 22 8.93 16.52 -22.27
N GLU A 23 9.61 17.05 -23.29
CA GLU A 23 10.15 16.23 -24.39
C GLU A 23 10.95 15.04 -23.89
N ASN A 24 11.84 15.30 -22.92
CA ASN A 24 12.62 14.26 -22.28
C ASN A 24 11.79 13.26 -21.48
N GLU A 25 10.56 13.63 -21.14
CA GLU A 25 9.61 12.73 -20.46
C GLU A 25 8.60 12.14 -21.45
N MET A 26 8.75 12.45 -22.74
CA MET A 26 7.77 12.01 -23.72
C MET A 26 8.43 11.30 -24.92
N PRO A 27 9.06 10.14 -24.65
CA PRO A 27 9.87 9.47 -25.68
C PRO A 27 9.01 8.90 -26.81
N GLY A 28 7.78 8.51 -26.51
CA GLY A 28 6.83 8.09 -27.56
C GLY A 28 6.65 9.17 -28.62
N LEU A 29 6.40 10.40 -28.17
CA LEU A 29 6.24 11.51 -29.09
C LEU A 29 7.56 11.84 -29.81
N MET A 30 8.67 11.82 -29.07
CA MET A 30 9.96 12.15 -29.65
C MET A 30 10.40 11.09 -30.67
N GLU A 31 10.03 9.83 -30.41
CA GLU A 31 10.36 8.75 -31.32
C GLU A 31 9.55 8.82 -32.64
N LEU A 32 8.29 9.22 -32.56
CA LEU A 32 7.50 9.37 -33.77
C LEU A 32 8.06 10.44 -34.68
N ARG A 33 8.70 11.47 -34.10
CA ARG A 33 9.34 12.51 -34.90
C ARG A 33 10.54 11.94 -35.64
N ARG A 34 11.32 11.12 -34.96
CA ARG A 34 12.50 10.51 -35.56
C ARG A 34 12.07 9.51 -36.66
N GLU A 35 11.15 8.61 -36.31
CA GLU A 35 10.66 7.60 -37.25
C GLU A 35 9.90 8.18 -38.46
N TYR A 36 8.97 9.12 -38.22
CA TYR A 36 8.11 9.59 -39.32
C TYR A 36 8.51 10.91 -39.96
N GLY A 37 9.44 11.63 -39.35
CA GLY A 37 9.89 12.94 -39.85
C GLY A 37 10.27 12.95 -41.33
N PRO A 38 11.21 12.06 -41.72
CA PRO A 38 11.63 11.90 -43.12
C PRO A 38 10.48 11.75 -44.14
N SER A 39 9.47 10.94 -43.82
CA SER A 39 8.35 10.68 -44.75
C SER A 39 7.21 11.69 -44.76
N GLN A 40 7.18 12.61 -43.81
CA GLN A 40 6.09 13.62 -43.73
C GLN A 40 4.67 13.07 -43.93
N PRO A 41 4.28 12.05 -43.14
CA PRO A 41 2.99 11.40 -43.42
C PRO A 41 1.75 12.24 -43.12
N LEU A 42 1.91 13.46 -42.61
CA LEU A 42 0.77 14.34 -42.38
C LEU A 42 0.81 15.59 -43.26
N LYS A 43 1.70 15.59 -44.26
CA LYS A 43 1.73 16.67 -45.27
C LYS A 43 0.37 16.76 -45.95
N GLY A 44 -0.25 17.94 -45.92
CA GLY A 44 -1.59 18.10 -46.46
C GLY A 44 -2.66 18.19 -45.38
N ALA A 45 -2.40 17.59 -44.22
CA ALA A 45 -3.37 17.61 -43.11
C ALA A 45 -3.52 19.01 -42.53
N LYS A 46 -4.77 19.42 -42.38
CA LYS A 46 -5.10 20.69 -41.72
C LYS A 46 -5.94 20.38 -40.47
N ILE A 47 -5.26 20.24 -39.33
CA ILE A 47 -5.89 19.78 -38.09
C ILE A 47 -6.41 20.91 -37.20
N ALA A 48 -7.72 20.91 -36.99
CA ALA A 48 -8.36 21.77 -35.99
C ALA A 48 -8.28 20.95 -34.72
N GLY A 49 -7.67 21.51 -33.68
CA GLY A 49 -7.43 20.77 -32.42
C GLY A 49 -8.12 21.46 -31.26
N CYS A 50 -8.83 20.67 -30.46
CA CYS A 50 -9.48 21.20 -29.26
C CYS A 50 -9.09 20.32 -28.08
N LEU A 51 -8.06 20.74 -27.35
CA LEU A 51 -7.49 19.96 -26.25
C LEU A 51 -6.68 20.87 -25.36
N HIS A 52 -6.90 20.71 -24.05
CA HIS A 52 -6.28 21.54 -23.00
C HIS A 52 -4.88 22.03 -23.38
N MET A 53 -4.73 23.35 -23.56
CA MET A 53 -3.48 23.92 -24.05
C MET A 53 -2.37 23.90 -22.99
N THR A 54 -1.82 22.70 -22.73
CA THR A 54 -0.82 22.49 -21.70
C THR A 54 0.57 22.31 -22.30
N VAL A 55 1.57 22.28 -21.43
CA VAL A 55 2.95 21.97 -21.81
C VAL A 55 3.02 20.64 -22.56
N GLN A 56 2.28 19.63 -22.08
CA GLN A 56 2.17 18.32 -22.71
C GLN A 56 1.58 18.37 -24.11
N THR A 57 0.45 19.07 -24.23
CA THR A 57 -0.17 19.32 -25.50
C THR A 57 0.77 20.06 -26.48
N ALA A 58 1.61 20.95 -25.96
CA ALA A 58 2.53 21.70 -26.80
C ALA A 58 3.45 20.74 -27.52
N VAL A 59 3.79 19.65 -26.87
CA VAL A 59 4.69 18.66 -27.44
C VAL A 59 3.95 17.81 -28.46
N LEU A 60 2.67 17.63 -28.25
CA LEU A 60 1.79 16.96 -29.19
C LEU A 60 1.69 17.78 -30.48
N ILE A 61 1.46 19.08 -30.32
CA ILE A 61 1.35 20.01 -31.47
C ILE A 61 2.62 20.01 -32.32
N GLU A 62 3.78 20.04 -31.67
CA GLU A 62 5.05 20.07 -32.41
C GLU A 62 5.46 18.72 -32.99
N THR A 63 4.87 17.65 -32.47
CA THR A 63 4.98 16.35 -33.14
C THR A 63 4.17 16.30 -34.44
N LEU A 64 2.94 16.80 -34.40
CA LEU A 64 2.07 16.79 -35.56
C LEU A 64 2.65 17.70 -36.65
N LYS A 65 3.13 18.87 -36.23
CA LYS A 65 3.80 19.86 -37.09
C LYS A 65 5.07 19.31 -37.74
N ALA A 66 5.90 18.63 -36.95
CA ALA A 66 7.12 17.97 -37.46
C ALA A 66 6.82 16.88 -38.49
N LEU A 67 5.60 16.37 -38.51
CA LEU A 67 5.20 15.34 -39.46
C LEU A 67 4.47 15.93 -40.67
N GLY A 68 4.49 17.27 -40.75
CA GLY A 68 3.94 17.99 -41.89
C GLY A 68 2.58 18.64 -41.72
N ALA A 69 1.86 18.32 -40.64
CA ALA A 69 0.53 18.90 -40.47
C ALA A 69 0.61 20.42 -40.29
N GLU A 70 -0.48 21.07 -40.67
CA GLU A 70 -0.73 22.47 -40.37
C GLU A 70 -1.82 22.42 -39.29
N LEU A 71 -1.69 23.24 -38.25
CA LEU A 71 -2.62 23.15 -37.13
C LEU A 71 -3.15 24.48 -36.73
N ARG A 72 -4.36 24.46 -36.18
CA ARG A 72 -4.98 25.60 -35.49
C ARG A 72 -5.62 25.05 -34.23
N TRP A 73 -5.37 25.72 -33.10
CA TRP A 73 -5.59 25.09 -31.79
C TRP A 73 -6.33 25.94 -30.76
N SER A 74 -7.18 25.28 -29.98
CA SER A 74 -7.82 25.90 -28.83
C SER A 74 -7.87 24.90 -27.66
N SER A 75 -8.24 25.39 -26.48
CA SER A 75 -8.41 24.52 -25.30
C SER A 75 -9.85 23.98 -25.21
N CYS A 76 -10.03 22.81 -24.60
CA CYS A 76 -11.36 22.24 -24.42
C CYS A 76 -11.93 22.48 -23.01
N ASN A 77 -11.33 23.44 -22.29
CA ASN A 77 -11.80 23.82 -20.97
C ASN A 77 -11.30 25.22 -20.66
N ILE A 78 -12.16 25.99 -20.02
CA ILE A 78 -11.87 27.40 -19.69
C ILE A 78 -10.75 27.63 -18.68
N PHE A 79 -10.47 26.62 -17.84
CA PHE A 79 -9.47 26.74 -16.79
C PHE A 79 -8.22 25.89 -16.94
N SER A 80 -8.08 25.17 -18.06
CA SER A 80 -7.01 24.18 -18.21
C SER A 80 -5.73 24.66 -18.90
N THR A 81 -5.83 25.70 -19.73
CA THR A 81 -4.66 26.21 -20.45
C THR A 81 -3.53 26.57 -19.50
N GLN A 82 -2.30 26.22 -19.89
CA GLN A 82 -1.12 26.71 -19.21
C GLN A 82 -0.55 27.83 -20.08
N ASP A 83 -0.60 29.04 -19.53
CA ASP A 83 -0.33 30.26 -20.32
C ASP A 83 1.09 30.30 -20.90
N ASN A 84 2.08 29.82 -20.16
CA ASN A 84 3.43 29.72 -20.71
C ASN A 84 3.53 28.80 -21.94
N ALA A 85 2.82 27.67 -21.91
CA ALA A 85 2.74 26.76 -23.04
C ALA A 85 2.07 27.38 -24.26
N ALA A 86 0.93 28.05 -24.04
CA ALA A 86 0.20 28.72 -25.11
C ALA A 86 1.06 29.81 -25.75
N ALA A 87 1.75 30.60 -24.94
CA ALA A 87 2.69 31.60 -25.46
C ALA A 87 3.87 30.94 -26.21
N ALA A 88 4.42 29.86 -25.68
CA ALA A 88 5.55 29.17 -26.34
C ALA A 88 5.19 28.69 -27.75
N ILE A 89 3.98 28.16 -27.89
CA ILE A 89 3.42 27.71 -29.16
C ILE A 89 3.08 28.90 -30.08
N ALA A 90 2.48 29.95 -29.50
CA ALA A 90 2.09 31.13 -30.27
C ALA A 90 3.33 31.82 -30.87
N LYS A 91 4.41 31.86 -30.10
CA LYS A 91 5.70 32.42 -30.54
C LYS A 91 6.26 31.76 -31.79
N THR A 92 6.01 30.45 -31.95
CA THR A 92 6.56 29.70 -33.08
C THR A 92 5.75 29.87 -34.35
N GLY A 93 4.60 30.54 -34.23
CA GLY A 93 3.74 30.81 -35.37
C GLY A 93 2.59 29.83 -35.58
N VAL A 94 2.44 28.85 -34.68
CA VAL A 94 1.24 28.02 -34.69
C VAL A 94 0.06 28.84 -34.16
N PRO A 95 -1.03 28.93 -34.95
CA PRO A 95 -2.21 29.67 -34.48
C PRO A 95 -2.91 28.97 -33.30
N VAL A 96 -2.84 29.59 -32.13
CA VAL A 96 -3.48 29.03 -30.94
C VAL A 96 -4.32 30.09 -30.22
N PHE A 97 -5.48 29.68 -29.71
CA PHE A 97 -6.46 30.57 -29.10
C PHE A 97 -6.89 29.98 -27.77
N ALA A 98 -6.17 30.36 -26.74
CA ALA A 98 -6.27 29.73 -25.42
C ALA A 98 -5.65 30.59 -24.35
N TRP A 99 -6.40 30.78 -23.27
CA TRP A 99 -5.84 31.33 -22.03
C TRP A 99 -6.54 30.75 -20.80
N LYS A 100 -5.82 30.72 -19.67
CA LYS A 100 -6.41 30.31 -18.42
C LYS A 100 -7.43 31.36 -17.98
N GLY A 101 -8.65 30.91 -17.68
CA GLY A 101 -9.70 31.78 -17.17
C GLY A 101 -10.55 32.45 -18.24
N GLU A 102 -10.89 31.73 -19.30
CA GLU A 102 -11.82 32.23 -20.32
C GLU A 102 -13.26 32.26 -19.82
N THR A 103 -14.05 33.22 -20.30
CA THR A 103 -15.52 33.20 -20.14
C THR A 103 -16.12 32.24 -21.17
N ASP A 104 -17.41 31.91 -20.99
CA ASP A 104 -18.12 31.00 -21.89
C ASP A 104 -18.10 31.42 -23.36
N GLU A 105 -18.31 32.72 -23.58
CA GLU A 105 -18.33 33.33 -24.90
C GLU A 105 -16.94 33.44 -25.54
N GLU A 106 -15.92 33.65 -24.72
CA GLU A 106 -14.54 33.58 -25.17
C GLU A 106 -14.17 32.13 -25.53
N TYR A 107 -14.65 31.17 -24.73
CA TYR A 107 -14.46 29.75 -25.02
C TYR A 107 -14.97 29.41 -26.42
N GLU A 108 -16.21 29.80 -26.71
CA GLU A 108 -16.84 29.54 -28.00
C GLU A 108 -16.19 30.31 -29.14
N TRP A 109 -15.78 31.54 -28.87
CA TRP A 109 -15.02 32.34 -29.82
C TRP A 109 -13.72 31.63 -30.22
N CYS A 110 -13.01 31.05 -29.24
CA CYS A 110 -11.72 30.40 -29.49
C CYS A 110 -11.81 29.17 -30.41
N ILE A 111 -12.78 28.29 -30.18
CA ILE A 111 -12.97 27.12 -31.04
C ILE A 111 -13.26 27.55 -32.49
N ALA A 112 -13.99 28.66 -32.64
CA ALA A 112 -14.44 29.11 -33.95
C ALA A 112 -13.26 29.61 -34.77
N GLN A 113 -12.22 30.06 -34.09
CA GLN A 113 -11.01 30.52 -34.76
C GLN A 113 -10.20 29.38 -35.42
N THR A 114 -10.52 28.14 -35.05
CA THR A 114 -9.74 26.98 -35.48
C THR A 114 -10.32 26.28 -36.69
N VAL A 115 -11.55 26.62 -37.04
CA VAL A 115 -12.22 26.02 -38.19
C VAL A 115 -12.25 26.94 -39.43
N LYS A 116 -11.34 27.91 -39.44
CA LYS A 116 -11.08 28.77 -40.60
C LYS A 116 -9.66 29.30 -40.46
N GLY A 117 -9.06 29.78 -41.54
CA GLY A 117 -7.81 30.52 -41.44
C GLY A 117 -6.58 29.74 -41.83
N PHE A 118 -6.78 28.49 -42.25
CA PHE A 118 -5.69 27.68 -42.82
C PHE A 118 -5.24 28.24 -44.17
N SER A 119 -4.22 27.64 -44.77
CA SER A 119 -3.80 28.01 -46.14
C SER A 119 -4.81 27.47 -47.17
N GLY A 120 -4.65 27.82 -48.45
CA GLY A 120 -5.60 27.43 -49.50
C GLY A 120 -6.97 28.06 -49.28
N ASP A 121 -8.02 27.24 -49.29
CA ASP A 121 -9.38 27.72 -49.00
C ASP A 121 -9.63 28.05 -47.51
N GLY A 122 -8.61 27.85 -46.67
CA GLY A 122 -8.70 28.20 -45.25
C GLY A 122 -9.51 27.25 -44.38
N LEU A 123 -9.73 26.04 -44.85
CA LEU A 123 -10.58 25.08 -44.16
C LEU A 123 -9.82 23.86 -43.61
N PRO A 124 -10.22 23.38 -42.42
CA PRO A 124 -9.62 22.16 -41.87
C PRO A 124 -10.07 20.93 -42.65
N ASN A 125 -9.24 19.88 -42.63
CA ASN A 125 -9.62 18.57 -43.15
C ASN A 125 -9.55 17.43 -42.12
N MET A 126 -9.10 17.74 -40.90
CA MET A 126 -8.96 16.77 -39.81
C MET A 126 -9.35 17.36 -38.45
N ILE A 127 -9.95 16.55 -37.58
CA ILE A 127 -10.32 17.01 -36.24
C ILE A 127 -9.60 16.24 -35.16
N LEU A 128 -9.03 16.96 -34.20
CA LEU A 128 -8.52 16.35 -32.98
C LEU A 128 -9.26 16.93 -31.77
N ASP A 129 -9.98 16.08 -31.05
CA ASP A 129 -10.88 16.57 -30.02
C ASP A 129 -10.72 15.76 -28.74
N ASP A 130 -11.10 16.36 -27.63
CA ASP A 130 -11.55 15.57 -26.49
C ASP A 130 -12.67 16.23 -25.73
N GLY A 131 -13.71 15.44 -25.48
CA GLY A 131 -14.89 15.92 -24.79
C GLY A 131 -16.00 16.12 -25.79
N GLY A 132 -15.65 16.54 -27.00
CA GLY A 132 -16.57 16.54 -28.12
C GLY A 132 -17.16 17.88 -28.48
N ASP A 133 -16.62 18.96 -27.93
CA ASP A 133 -17.10 20.30 -28.26
C ASP A 133 -16.81 20.74 -29.71
N LEU A 134 -15.58 20.50 -30.19
CA LEU A 134 -15.23 20.84 -31.58
C LEU A 134 -16.00 19.97 -32.59
N THR A 135 -16.14 18.68 -32.27
CA THR A 135 -16.92 17.74 -33.07
C THR A 135 -18.38 18.19 -33.20
N ASN A 136 -19.00 18.57 -32.08
CA ASN A 136 -20.38 19.05 -32.08
C ASN A 136 -20.54 20.39 -32.75
N LEU A 137 -19.56 21.27 -32.57
CA LEU A 137 -19.63 22.58 -33.22
C LEU A 137 -19.62 22.44 -34.75
N VAL A 138 -18.70 21.61 -35.26
CA VAL A 138 -18.54 21.44 -36.70
C VAL A 138 -19.76 20.77 -37.35
N ILE A 139 -20.24 19.70 -36.74
CA ILE A 139 -21.35 18.94 -37.31
C ILE A 139 -22.63 19.78 -37.25
N ASP A 140 -22.86 20.45 -36.11
CA ASP A 140 -24.09 21.19 -35.91
C ASP A 140 -24.11 22.63 -36.43
N ARG A 141 -22.95 23.30 -36.49
CA ARG A 141 -22.93 24.72 -36.92
C ARG A 141 -22.06 24.98 -38.16
N TYR A 142 -21.32 23.97 -38.60
CA TYR A 142 -20.57 24.11 -39.85
C TYR A 142 -20.82 22.91 -40.75
N PRO A 143 -22.09 22.67 -41.13
CA PRO A 143 -22.38 21.48 -41.95
C PRO A 143 -21.66 21.53 -43.31
N GLU A 144 -21.42 22.74 -43.83
CA GLU A 144 -20.65 22.90 -45.07
C GLU A 144 -19.21 22.35 -44.93
N LEU A 145 -18.71 22.31 -43.68
CA LEU A 145 -17.40 21.74 -43.38
C LEU A 145 -17.38 20.22 -43.39
N VAL A 146 -18.51 19.61 -43.02
CA VAL A 146 -18.59 18.16 -42.80
C VAL A 146 -18.01 17.29 -43.93
N PRO A 147 -18.36 17.57 -45.20
CA PRO A 147 -17.73 16.81 -46.30
C PRO A 147 -16.21 17.01 -46.41
N LYS A 148 -15.68 18.05 -45.79
CA LYS A 148 -14.25 18.38 -45.91
C LYS A 148 -13.35 17.63 -44.93
N ILE A 149 -13.95 16.96 -43.95
CA ILE A 149 -13.22 16.34 -42.85
C ILE A 149 -13.11 14.81 -42.96
N PHE A 150 -11.89 14.34 -43.10
CA PHE A 150 -11.62 12.94 -43.34
C PHE A 150 -11.63 12.08 -42.07
N GLY A 151 -11.61 12.71 -40.88
CA GLY A 151 -11.59 11.94 -39.63
C GLY A 151 -11.56 12.70 -38.33
N ILE A 152 -12.00 12.03 -37.26
CA ILE A 152 -11.96 12.54 -35.89
C ILE A 152 -11.11 11.60 -35.02
N SER A 153 -10.18 12.16 -34.26
CA SER A 153 -9.57 11.38 -33.17
C SER A 153 -10.02 11.96 -31.81
N GLU A 154 -10.48 11.09 -30.92
CA GLU A 154 -11.09 11.54 -29.66
C GLU A 154 -10.37 10.97 -28.45
N GLU A 155 -10.02 11.89 -27.55
CA GLU A 155 -9.14 11.63 -26.39
C GLU A 155 -9.77 10.89 -25.20
N THR A 156 -11.03 11.22 -24.88
CA THR A 156 -11.57 11.00 -23.55
C THR A 156 -12.94 10.30 -23.50
N THR A 157 -13.17 9.61 -22.39
CA THR A 157 -14.42 8.86 -22.16
C THR A 157 -15.69 9.63 -22.52
N THR A 158 -15.86 10.83 -21.97
CA THR A 158 -17.04 11.67 -22.26
C THR A 158 -17.22 11.90 -23.76
N GLY A 159 -16.13 12.22 -24.45
CA GLY A 159 -16.12 12.38 -25.91
C GLY A 159 -16.54 11.11 -26.63
N VAL A 160 -15.98 9.98 -26.23
CA VAL A 160 -16.32 8.68 -26.82
C VAL A 160 -17.82 8.36 -26.67
N LYS A 161 -18.38 8.64 -25.50
CA LYS A 161 -19.82 8.47 -25.29
C LYS A 161 -20.67 9.41 -26.19
N ASN A 162 -20.22 10.65 -26.37
CA ASN A 162 -20.83 11.58 -27.33
C ASN A 162 -20.80 11.03 -28.77
N LEU A 163 -19.75 10.32 -29.15
CA LEU A 163 -19.65 9.75 -30.50
C LEU A 163 -20.67 8.63 -30.74
N TYR A 164 -20.76 7.68 -29.81
CA TYR A 164 -21.77 6.63 -29.90
C TYR A 164 -23.20 7.17 -29.78
N LYS A 165 -23.39 8.20 -28.95
CA LYS A 165 -24.70 8.86 -28.81
C LYS A 165 -25.19 9.34 -30.20
N ARG A 166 -24.35 10.14 -30.86
CA ARG A 166 -24.60 10.61 -32.22
C ARG A 166 -24.81 9.46 -33.22
N LEU A 167 -23.90 8.47 -33.18
CA LEU A 167 -23.92 7.34 -34.11
C LEU A 167 -25.26 6.58 -34.09
N SER A 168 -25.66 6.11 -32.92
CA SER A 168 -26.89 5.35 -32.73
C SER A 168 -28.09 5.95 -33.47
N LYS A 169 -28.18 7.29 -33.49
CA LYS A 169 -29.28 8.02 -34.11
C LYS A 169 -28.91 8.82 -35.38
N GLY A 170 -27.92 8.33 -36.12
CA GLY A 170 -27.58 8.86 -37.44
C GLY A 170 -27.09 10.29 -37.52
N ASN A 171 -26.42 10.77 -36.47
CA ASN A 171 -25.89 12.13 -36.47
C ASN A 171 -24.36 12.21 -36.47
N LEU A 172 -23.71 11.12 -36.84
CA LEU A 172 -22.26 11.13 -37.01
C LEU A 172 -21.92 10.91 -38.49
N PRO A 173 -21.58 11.98 -39.20
CA PRO A 173 -21.26 11.91 -40.63
C PRO A 173 -19.76 11.78 -40.95
N ILE A 174 -18.92 11.72 -39.91
CA ILE A 174 -17.46 11.61 -40.05
C ILE A 174 -16.98 10.47 -39.15
N SER A 175 -16.16 9.58 -39.69
CA SER A 175 -15.69 8.43 -38.90
C SER A 175 -14.69 8.88 -37.85
N ALA A 176 -14.62 8.14 -36.75
CA ALA A 176 -13.73 8.48 -35.65
C ALA A 176 -12.81 7.35 -35.24
N ILE A 177 -11.67 7.71 -34.66
CA ILE A 177 -10.87 6.74 -33.93
C ILE A 177 -10.91 7.04 -32.43
N ASN A 178 -11.46 6.07 -31.70
CA ASN A 178 -11.46 6.01 -30.26
C ASN A 178 -10.05 5.77 -29.70
N VAL A 179 -9.41 6.83 -29.22
CA VAL A 179 -8.06 6.68 -28.66
C VAL A 179 -8.13 6.47 -27.14
N ASN A 180 -9.18 7.00 -26.50
CA ASN A 180 -9.40 6.81 -25.05
C ASN A 180 -9.26 5.35 -24.64
N ASP A 181 -9.79 4.44 -25.45
CA ASP A 181 -9.70 3.02 -25.14
C ASP A 181 -8.59 2.39 -25.96
N PHE A 188 -4.41 1.61 -18.75
CA PHE A 188 -4.90 2.31 -17.58
C PHE A 188 -4.25 3.69 -17.32
N ASP A 189 -3.96 4.43 -18.39
CA ASP A 189 -3.30 5.75 -18.26
C ASP A 189 -3.99 6.73 -17.32
N ASN A 190 -5.32 6.77 -17.41
CA ASN A 190 -6.12 7.69 -16.65
C ASN A 190 -6.24 7.30 -15.19
N LEU A 191 -5.99 6.02 -14.90
CA LEU A 191 -5.83 5.59 -13.52
C LEU A 191 -4.52 6.13 -12.94
N TYR A 192 -3.40 5.89 -13.63
CA TYR A 192 -2.08 6.34 -13.13
C TYR A 192 -1.99 7.86 -13.16
N GLY A 193 -2.60 8.49 -14.16
CA GLY A 193 -2.61 9.95 -14.25
C GLY A 193 -3.30 10.64 -13.09
N CYS A 194 -4.57 10.29 -12.85
CA CYS A 194 -5.34 10.86 -11.75
C CYS A 194 -4.73 10.50 -10.39
N ARG A 195 -4.02 9.36 -10.32
CA ARG A 195 -3.34 8.94 -9.08
C ARG A 195 -2.32 10.00 -8.60
N GLU A 196 -1.78 10.77 -9.52
CA GLU A 196 -0.81 11.82 -9.18
C GLU A 196 -1.31 13.23 -9.34
N SER A 197 -2.32 13.43 -10.17
CA SER A 197 -2.74 14.80 -10.44
C SER A 197 -3.99 15.24 -9.66
N LEU A 198 -4.78 14.31 -9.12
CA LEU A 198 -5.92 14.74 -8.29
C LEU A 198 -5.47 15.47 -7.04
N VAL A 199 -4.57 14.85 -6.27
CA VAL A 199 -4.11 15.45 -5.02
C VAL A 199 -3.20 16.68 -5.25
N ASP A 200 -2.39 16.65 -6.31
CA ASP A 200 -1.70 17.85 -6.78
C ASP A 200 -2.67 19.03 -6.93
N GLY A 201 -3.81 18.82 -7.61
CA GLY A 201 -4.82 19.87 -7.72
C GLY A 201 -5.29 20.37 -6.37
N ILE A 202 -5.66 19.41 -5.51
CA ILE A 202 -6.26 19.73 -4.23
C ILE A 202 -5.26 20.49 -3.35
N LYS A 203 -4.01 20.01 -3.30
CA LYS A 203 -2.98 20.65 -2.49
C LYS A 203 -2.55 22.03 -3.00
N ARG A 204 -2.51 22.23 -4.31
CA ARG A 204 -2.13 23.54 -4.80
C ARG A 204 -3.21 24.58 -4.48
N ALA A 205 -4.46 24.11 -4.53
CA ALA A 205 -5.58 24.94 -4.23
C ALA A 205 -5.67 25.25 -2.71
N THR A 206 -5.50 24.23 -1.86
CA THR A 206 -5.82 24.37 -0.42
C THR A 206 -4.69 24.05 0.57
N ASP A 207 -3.62 23.41 0.13
CA ASP A 207 -2.55 22.94 1.04
C ASP A 207 -3.05 21.99 2.17
N VAL A 208 -4.30 21.55 2.06
CA VAL A 208 -4.93 20.74 3.11
C VAL A 208 -4.27 19.37 3.30
N MET A 209 -4.23 18.89 4.54
CA MET A 209 -3.73 17.57 4.82
C MET A 209 -4.70 16.50 4.36
N ILE A 210 -4.19 15.48 3.65
CA ILE A 210 -4.99 14.37 3.20
C ILE A 210 -5.14 13.28 4.29
N ALA A 211 -4.06 12.99 5.02
CA ALA A 211 -4.06 12.02 6.12
C ALA A 211 -5.15 12.34 7.16
N GLY A 212 -5.88 11.32 7.58
CA GLY A 212 -6.89 11.53 8.64
C GLY A 212 -8.25 11.97 8.15
N LYS A 213 -8.35 12.40 6.89
CA LYS A 213 -9.62 12.89 6.30
C LYS A 213 -10.52 11.76 5.80
N THR A 214 -11.83 11.95 5.84
CA THR A 214 -12.75 11.05 5.14
C THR A 214 -13.06 11.66 3.78
N CYS A 215 -12.98 10.86 2.71
CA CYS A 215 -13.21 11.39 1.36
C CYS A 215 -14.26 10.60 0.63
N CYS A 216 -15.05 11.28 -0.19
CA CYS A 216 -16.11 10.64 -0.90
C CYS A 216 -15.76 10.71 -2.38
N VAL A 217 -15.45 9.56 -2.98
CA VAL A 217 -15.16 9.53 -4.41
C VAL A 217 -16.38 8.95 -5.10
N CYS A 218 -16.95 9.74 -6.01
CA CYS A 218 -18.15 9.32 -6.71
C CYS A 218 -17.78 8.77 -8.06
N GLY A 219 -18.06 7.47 -8.26
CA GLY A 219 -17.68 6.76 -9.48
C GLY A 219 -16.42 5.97 -9.26
N TYR A 220 -16.30 4.83 -9.93
CA TYR A 220 -15.14 3.94 -9.76
C TYR A 220 -14.77 3.27 -11.09
N GLY A 221 -14.75 4.08 -12.15
CA GLY A 221 -14.10 3.70 -13.41
C GLY A 221 -12.61 3.92 -13.22
N ASP A 222 -11.85 3.99 -14.31
CA ASP A 222 -10.39 4.21 -14.20
C ASP A 222 -10.03 5.50 -13.41
N VAL A 223 -10.85 6.53 -13.56
CA VAL A 223 -10.59 7.82 -12.93
C VAL A 223 -10.86 7.77 -11.42
N GLY A 224 -12.01 7.23 -11.04
CA GLY A 224 -12.32 6.95 -9.63
C GLY A 224 -11.25 6.08 -8.98
N LYS A 225 -10.86 5.00 -9.65
CA LYS A 225 -9.84 4.10 -9.13
C LYS A 225 -8.57 4.84 -8.76
N GLY A 226 -8.11 5.69 -9.67
CA GLY A 226 -6.89 6.44 -9.49
C GLY A 226 -7.00 7.48 -8.40
N CYS A 227 -8.12 8.19 -8.41
CA CYS A 227 -8.43 9.18 -7.36
C CYS A 227 -8.48 8.55 -6.01
N ALA A 228 -9.15 7.40 -5.92
CA ALA A 228 -9.29 6.69 -4.65
C ALA A 228 -7.92 6.21 -4.16
N ALA A 229 -7.09 5.68 -5.08
CA ALA A 229 -5.73 5.24 -4.71
C ALA A 229 -4.88 6.40 -4.24
N ALA A 230 -4.97 7.53 -4.90
CA ALA A 230 -4.21 8.71 -4.51
C ALA A 230 -4.52 9.15 -3.06
N LEU A 231 -5.79 9.35 -2.75
CA LEU A 231 -6.19 9.76 -1.41
C LEU A 231 -5.82 8.74 -0.32
N ARG A 232 -5.99 7.46 -0.65
CA ARG A 232 -5.68 6.37 0.27
C ARG A 232 -4.17 6.26 0.50
N ALA A 233 -3.36 6.55 -0.52
CA ALA A 233 -1.90 6.57 -0.38
C ALA A 233 -1.41 7.54 0.73
N PHE A 234 -2.18 8.60 0.96
CA PHE A 234 -1.81 9.62 1.93
C PHE A 234 -2.49 9.49 3.29
N GLY A 235 -3.22 8.39 3.49
CA GLY A 235 -3.84 8.11 4.79
C GLY A 235 -5.26 8.62 4.93
N ALA A 236 -5.92 8.92 3.81
CA ALA A 236 -7.35 9.24 3.81
C ALA A 236 -8.18 7.96 3.90
N ARG A 237 -9.33 8.05 4.53
CA ARG A 237 -10.30 6.97 4.45
C ARG A 237 -11.24 7.32 3.30
N VAL A 238 -11.26 6.49 2.27
CA VAL A 238 -12.06 6.77 1.10
C VAL A 238 -13.35 5.96 1.10
N VAL A 239 -14.48 6.63 0.94
CA VAL A 239 -15.75 5.97 0.67
C VAL A 239 -16.09 6.16 -0.81
N VAL A 240 -16.46 5.08 -1.48
CA VAL A 240 -16.75 5.11 -2.90
C VAL A 240 -18.25 5.01 -3.15
N THR A 241 -18.73 5.71 -4.18
CA THR A 241 -20.10 5.49 -4.65
C THR A 241 -20.10 5.05 -6.10
N GLU A 242 -21.07 4.20 -6.42
CA GLU A 242 -21.20 3.61 -7.74
C GLU A 242 -22.64 3.21 -8.03
N VAL A 243 -22.98 3.25 -9.32
CA VAL A 243 -24.27 2.76 -9.81
C VAL A 243 -24.11 1.40 -10.49
N ASP A 244 -22.87 0.98 -10.71
CA ASP A 244 -22.57 -0.24 -11.43
C ASP A 244 -22.07 -1.33 -10.47
N PRO A 245 -22.74 -2.51 -10.49
CA PRO A 245 -22.41 -3.61 -9.60
C PRO A 245 -20.98 -4.14 -9.75
N ILE A 246 -20.48 -4.15 -10.99
CA ILE A 246 -19.15 -4.63 -11.25
C ILE A 246 -18.13 -3.72 -10.56
N ASN A 247 -18.24 -2.41 -10.78
CA ASN A 247 -17.28 -1.46 -10.19
C ASN A 247 -17.39 -1.38 -8.66
N ALA A 248 -18.60 -1.55 -8.13
CA ALA A 248 -18.83 -1.55 -6.68
C ALA A 248 -18.14 -2.74 -5.99
N LEU A 249 -18.28 -3.92 -6.58
CA LEU A 249 -17.60 -5.12 -6.11
C LEU A 249 -16.08 -4.93 -6.14
N GLN A 250 -15.55 -4.39 -7.24
CA GLN A 250 -14.12 -4.10 -7.37
C GLN A 250 -13.66 -3.13 -6.25
N ALA A 251 -14.42 -2.06 -6.00
CA ALA A 251 -14.09 -1.15 -4.88
C ALA A 251 -14.05 -1.86 -3.51
N SER A 252 -15.04 -2.70 -3.22
CA SER A 252 -15.04 -3.50 -1.98
C SER A 252 -13.82 -4.39 -1.90
N MET A 253 -13.48 -5.01 -3.03
CA MET A 253 -12.36 -5.95 -3.10
C MET A 253 -11.05 -5.23 -2.89
N GLU A 254 -11.06 -3.92 -3.08
CA GLU A 254 -9.88 -3.08 -2.95
C GLU A 254 -9.84 -2.47 -1.57
N GLY A 255 -10.84 -2.77 -0.76
CA GLY A 255 -10.84 -2.37 0.64
C GLY A 255 -11.64 -1.11 0.96
N TYR A 256 -12.47 -0.67 0.02
CA TYR A 256 -13.22 0.55 0.21
C TYR A 256 -14.66 0.23 0.53
N GLN A 257 -15.20 0.94 1.51
CA GLN A 257 -16.65 0.99 1.73
C GLN A 257 -17.35 1.62 0.52
N VAL A 258 -18.38 0.95 0.04
CA VAL A 258 -19.24 1.52 -0.99
C VAL A 258 -20.58 1.92 -0.37
N ALA A 259 -20.91 3.20 -0.50
CA ALA A 259 -22.09 3.76 0.16
C ALA A 259 -22.77 4.81 -0.75
N LEU A 260 -23.91 5.35 -0.31
CA LEU A 260 -24.54 6.47 -1.02
C LEU A 260 -23.86 7.74 -0.58
N VAL A 261 -23.91 8.80 -1.41
CA VAL A 261 -23.42 10.12 -1.02
C VAL A 261 -24.08 10.59 0.30
N GLU A 262 -25.38 10.34 0.44
CA GLU A 262 -26.15 10.71 1.65
C GLU A 262 -25.62 10.04 2.92
N ASP A 263 -25.12 8.82 2.80
CA ASP A 263 -24.54 8.09 3.95
C ASP A 263 -23.34 8.79 4.58
N VAL A 264 -22.62 9.58 3.80
CA VAL A 264 -21.37 10.19 4.25
C VAL A 264 -21.32 11.71 4.10
N MET A 265 -22.39 12.33 3.60
CA MET A 265 -22.35 13.77 3.28
C MET A 265 -22.00 14.66 4.47
N ALA A 266 -22.33 14.22 5.69
CA ALA A 266 -22.13 15.04 6.87
C ALA A 266 -20.73 14.87 7.49
N ASP A 267 -20.01 13.84 7.08
CA ASP A 267 -18.71 13.52 7.67
C ASP A 267 -17.53 13.74 6.70
N ALA A 268 -17.80 13.68 5.40
CA ALA A 268 -16.71 13.79 4.42
C ALA A 268 -16.05 15.18 4.42
N HIS A 269 -14.72 15.17 4.56
CA HIS A 269 -13.89 16.36 4.44
C HIS A 269 -13.71 16.78 2.98
N ILE A 270 -13.75 15.81 2.06
CA ILE A 270 -13.48 16.06 0.64
C ILE A 270 -14.44 15.24 -0.21
N PHE A 271 -15.00 15.88 -1.24
CA PHE A 271 -15.83 15.20 -2.22
C PHE A 271 -15.17 15.34 -3.59
N VAL A 272 -15.11 14.23 -4.33
CA VAL A 272 -14.48 14.20 -5.65
C VAL A 272 -15.41 13.47 -6.61
N THR A 273 -15.85 14.14 -7.67
CA THR A 273 -16.75 13.53 -8.66
C THR A 273 -15.99 13.05 -9.90
N THR A 274 -16.24 11.80 -10.29
CA THR A 274 -15.50 11.13 -11.37
C THR A 274 -16.44 10.41 -12.31
N THR A 275 -17.70 10.81 -12.36
CA THR A 275 -18.71 9.98 -13.00
C THR A 275 -18.84 10.14 -14.49
N GLY A 276 -18.45 11.31 -15.02
CA GLY A 276 -18.83 11.69 -16.36
C GLY A 276 -20.34 11.89 -16.54
N ASN A 277 -21.05 11.99 -15.42
CA ASN A 277 -22.52 12.11 -15.43
C ASN A 277 -22.93 13.33 -14.60
N ASP A 278 -24.13 13.84 -14.82
CA ASP A 278 -24.55 15.09 -14.18
C ASP A 278 -25.23 14.90 -12.81
N ASP A 279 -25.24 15.96 -12.00
CA ASP A 279 -26.03 16.02 -10.75
C ASP A 279 -25.66 14.96 -9.73
N ILE A 280 -24.39 14.92 -9.37
CA ILE A 280 -23.86 13.94 -8.46
C ILE A 280 -23.83 14.56 -7.08
N ILE A 281 -23.38 15.82 -7.03
CA ILE A 281 -23.34 16.61 -5.80
C ILE A 281 -24.33 17.77 -5.95
N THR A 282 -25.39 17.70 -5.17
CA THR A 282 -26.58 18.50 -5.41
C THR A 282 -26.98 19.37 -4.24
N SER A 283 -28.08 20.10 -4.44
CA SER A 283 -28.75 20.90 -3.41
C SER A 283 -29.21 20.06 -2.21
N ASP A 284 -29.30 18.75 -2.38
CA ASP A 284 -29.66 17.83 -1.30
C ASP A 284 -28.47 17.45 -0.44
N HIS A 285 -27.27 17.81 -0.88
CA HIS A 285 -26.04 17.45 -0.18
C HIS A 285 -25.40 18.64 0.53
N PHE A 286 -25.28 19.77 -0.18
CA PHE A 286 -24.57 20.95 0.34
C PHE A 286 -25.01 21.39 1.76
N PRO A 287 -26.33 21.46 2.03
CA PRO A 287 -26.77 21.93 3.35
C PRO A 287 -26.26 21.03 4.50
N HIS A 288 -25.94 19.78 4.19
CA HIS A 288 -25.52 18.84 5.21
C HIS A 288 -23.99 18.70 5.42
N MET A 289 -23.20 19.42 4.62
CA MET A 289 -21.74 19.27 4.61
C MET A 289 -21.05 19.88 5.82
N ARG A 290 -20.01 19.21 6.31
CA ARG A 290 -19.24 19.70 7.45
C ARG A 290 -18.55 21.02 7.10
N ASP A 291 -18.15 21.78 8.11
CA ASP A 291 -17.57 23.10 7.89
C ASP A 291 -16.25 23.00 7.11
N ASP A 292 -16.16 23.81 6.05
CA ASP A 292 -15.02 23.83 5.12
C ASP A 292 -14.83 22.53 4.32
N ALA A 293 -15.89 21.76 4.11
CA ALA A 293 -15.81 20.64 3.20
C ALA A 293 -15.26 21.07 1.82
N ILE A 294 -14.41 20.26 1.22
CA ILE A 294 -13.84 20.60 -0.07
C ILE A 294 -14.61 19.85 -1.15
N VAL A 295 -15.06 20.59 -2.18
CA VAL A 295 -15.85 20.01 -3.23
C VAL A 295 -15.15 20.27 -4.57
N CYS A 296 -14.91 19.18 -5.30
CA CYS A 296 -14.25 19.29 -6.61
C CYS A 296 -14.63 18.15 -7.55
N ASN A 297 -14.40 18.38 -8.85
CA ASN A 297 -14.71 17.44 -9.89
C ASN A 297 -13.52 17.17 -10.81
N ILE A 298 -13.41 15.95 -11.31
CA ILE A 298 -12.32 15.58 -12.21
C ILE A 298 -12.89 14.96 -13.49
N GLY A 299 -14.21 14.80 -13.52
CA GLY A 299 -14.94 14.45 -14.75
C GLY A 299 -14.88 15.59 -15.76
N HIS A 300 -15.09 15.25 -17.04
CA HIS A 300 -14.95 16.20 -18.14
C HIS A 300 -15.79 17.48 -18.01
N PHE A 301 -17.06 17.33 -17.60
CA PHE A 301 -17.96 18.48 -17.48
C PHE A 301 -18.25 18.81 -16.03
N ASP A 302 -18.21 20.11 -15.73
CA ASP A 302 -18.49 20.64 -14.39
C ASP A 302 -19.88 20.39 -13.83
N THR A 303 -20.84 19.97 -14.66
CA THR A 303 -22.23 19.81 -14.20
C THR A 303 -22.49 18.60 -13.28
N GLU A 304 -21.44 17.83 -13.00
CA GLU A 304 -21.45 16.79 -11.96
C GLU A 304 -21.79 17.40 -10.60
N ILE A 305 -21.45 18.67 -10.43
CA ILE A 305 -21.68 19.42 -9.19
C ILE A 305 -22.63 20.55 -9.51
N GLN A 306 -23.63 20.76 -8.65
CA GLN A 306 -24.58 21.86 -8.87
C GLN A 306 -23.98 23.18 -8.39
N VAL A 307 -23.00 23.67 -9.13
CA VAL A 307 -22.34 24.95 -8.84
C VAL A 307 -23.36 26.09 -8.90
N GLY A 308 -24.16 26.11 -9.96
CA GLY A 308 -25.22 27.07 -10.15
C GLY A 308 -26.03 27.21 -8.88
N TRP A 309 -26.51 26.08 -8.35
CA TRP A 309 -27.30 26.11 -7.13
C TRP A 309 -26.50 26.68 -5.96
N LEU A 310 -25.25 26.23 -5.83
CA LEU A 310 -24.44 26.63 -4.69
C LEU A 310 -24.23 28.15 -4.68
N GLU A 311 -23.93 28.72 -5.84
CA GLU A 311 -23.65 30.15 -5.91
C GLU A 311 -24.92 30.95 -5.63
N ALA A 312 -26.03 30.49 -6.18
CA ALA A 312 -27.32 31.13 -6.01
C ALA A 312 -27.86 31.05 -4.59
N ASN A 313 -27.40 30.06 -3.82
CA ASN A 313 -27.99 29.81 -2.52
C ASN A 313 -27.13 30.11 -1.32
N ALA A 314 -25.85 30.45 -1.54
CA ALA A 314 -24.95 30.78 -0.43
C ALA A 314 -25.35 32.12 0.17
N LYS A 315 -25.19 32.31 1.47
CA LYS A 315 -25.44 33.63 2.04
C LYS A 315 -24.28 34.58 1.75
N GLU A 316 -23.08 34.05 1.56
CA GLU A 316 -21.86 34.85 1.34
C GLU A 316 -20.86 34.13 0.42
N HIS A 317 -20.14 34.89 -0.41
CA HIS A 317 -19.07 34.31 -1.23
C HIS A 317 -17.76 35.07 -1.13
N VAL A 318 -16.66 34.35 -0.89
CA VAL A 318 -15.30 34.90 -0.88
C VAL A 318 -14.37 34.10 -1.83
N GLU A 319 -13.64 34.81 -2.68
CA GLU A 319 -12.56 34.18 -3.45
C GLU A 319 -11.31 34.17 -2.61
N ILE A 320 -10.83 32.97 -2.29
CA ILE A 320 -9.56 32.82 -1.53
C ILE A 320 -8.38 33.25 -2.41
N LYS A 321 -8.41 32.75 -3.65
CA LYS A 321 -7.44 33.00 -4.70
C LYS A 321 -8.06 32.31 -5.91
N PRO A 322 -7.60 32.65 -7.14
CA PRO A 322 -8.31 32.10 -8.30
C PRO A 322 -8.50 30.57 -8.26
N GLN A 323 -9.72 30.15 -8.64
CA GLN A 323 -10.13 28.75 -8.70
C GLN A 323 -10.27 28.09 -7.32
N VAL A 324 -10.35 28.93 -6.30
CA VAL A 324 -10.61 28.50 -4.94
C VAL A 324 -11.63 29.46 -4.34
N ASP A 325 -12.87 29.01 -4.27
CA ASP A 325 -13.97 29.85 -3.85
C ASP A 325 -14.62 29.26 -2.61
N ARG A 326 -14.80 30.12 -1.60
CA ARG A 326 -15.36 29.74 -0.31
C ARG A 326 -16.78 30.34 -0.12
N TYR A 327 -17.73 29.46 0.16
CA TYR A 327 -19.15 29.87 0.27
C TYR A 327 -19.67 29.67 1.68
N THR A 328 -20.31 30.70 2.22
CA THR A 328 -20.95 30.62 3.54
C THR A 328 -22.43 30.30 3.32
N MET A 329 -22.91 29.26 3.97
CA MET A 329 -24.28 28.80 3.78
C MET A 329 -25.21 29.42 4.84
N GLU A 330 -26.51 29.18 4.71
CA GLU A 330 -27.48 29.76 5.64
C GLU A 330 -27.23 29.29 7.07
N ASN A 331 -26.81 28.03 7.19
CA ASN A 331 -26.47 27.37 8.46
C ASN A 331 -25.19 27.86 9.16
N GLY A 332 -24.45 28.75 8.51
CA GLY A 332 -23.25 29.31 9.11
C GLY A 332 -21.95 28.59 8.74
N ARG A 333 -22.04 27.38 8.21
CA ARG A 333 -20.85 26.58 7.83
C ARG A 333 -20.35 26.93 6.41
N HIS A 334 -19.10 26.55 6.10
CA HIS A 334 -18.51 26.92 4.81
C HIS A 334 -18.33 25.73 3.86
N ILE A 335 -18.30 26.03 2.55
CA ILE A 335 -17.99 25.04 1.53
C ILE A 335 -16.94 25.66 0.65
N ILE A 336 -15.89 24.88 0.40
CA ILE A 336 -14.81 25.27 -0.48
C ILE A 336 -14.98 24.56 -1.82
N LEU A 337 -15.15 25.36 -2.88
CA LEU A 337 -15.33 24.84 -4.23
C LEU A 337 -14.04 25.04 -5.04
N LEU A 338 -13.63 24.02 -5.79
CA LEU A 338 -12.38 24.13 -6.60
C LEU A 338 -12.67 24.28 -8.09
N ALA A 339 -11.95 25.21 -8.73
CA ALA A 339 -12.07 25.52 -10.17
C ALA A 339 -13.50 25.69 -10.71
N LYS A 340 -14.41 26.16 -9.85
CA LYS A 340 -15.85 26.25 -10.17
C LYS A 340 -16.44 24.94 -10.69
N GLY A 341 -15.97 23.81 -10.14
CA GLY A 341 -16.46 22.49 -10.54
C GLY A 341 -15.81 21.91 -11.79
N ARG A 342 -14.89 22.66 -12.42
CA ARG A 342 -14.16 22.22 -13.61
C ARG A 342 -13.03 21.29 -13.22
N LEU A 343 -12.61 20.43 -14.15
CA LEU A 343 -11.64 19.37 -13.84
C LEU A 343 -10.47 19.88 -13.01
N VAL A 344 -10.42 19.41 -11.77
CA VAL A 344 -9.56 19.98 -10.74
C VAL A 344 -8.07 19.79 -10.98
N ASN A 345 -7.69 18.68 -11.62
CA ASN A 345 -6.28 18.44 -11.90
C ASN A 345 -5.69 19.47 -12.87
N LEU A 346 -6.47 19.87 -13.86
CA LEU A 346 -6.00 20.85 -14.83
C LEU A 346 -6.34 22.26 -14.38
N GLY A 347 -7.40 22.37 -13.59
CA GLY A 347 -7.88 23.67 -13.15
C GLY A 347 -7.05 24.28 -12.07
N CYS A 348 -6.56 23.43 -11.17
CA CYS A 348 -5.86 23.92 -9.98
C CYS A 348 -4.36 23.52 -9.97
N ALA A 349 -3.99 22.58 -10.83
CA ALA A 349 -2.58 22.22 -10.98
C ALA A 349 -2.25 22.12 -12.48
N SER A 350 -1.43 21.16 -12.87
CA SER A 350 -0.94 21.02 -14.24
C SER A 350 -1.53 19.86 -15.04
N GLY A 351 -2.54 19.18 -14.48
CA GLY A 351 -3.08 17.95 -15.07
C GLY A 351 -2.07 16.81 -15.00
N HIS A 352 -2.27 15.78 -15.83
CA HIS A 352 -1.46 14.57 -15.78
C HIS A 352 -0.03 14.91 -16.14
N PRO A 353 0.95 14.23 -15.53
CA PRO A 353 2.35 14.49 -15.94
C PRO A 353 2.64 14.05 -17.36
N SER A 354 3.70 14.62 -17.94
CA SER A 354 4.19 14.27 -19.29
C SER A 354 4.29 12.79 -19.63
N PHE A 355 4.88 12.01 -18.75
CA PHE A 355 5.17 10.61 -19.06
C PHE A 355 3.95 9.80 -19.45
N VAL A 356 2.90 9.90 -18.65
CA VAL A 356 1.65 9.23 -18.97
C VAL A 356 0.96 9.82 -20.21
N MET A 357 0.91 11.15 -20.29
CA MET A 357 0.39 11.84 -21.48
C MET A 357 1.10 11.44 -22.78
N SER A 358 2.36 11.07 -22.69
CA SER A 358 3.10 10.58 -23.85
C SER A 358 2.40 9.37 -24.47
N ASN A 359 1.90 8.46 -23.63
CA ASN A 359 1.15 7.30 -24.10
C ASN A 359 -0.07 7.68 -24.91
N SER A 360 -0.95 8.44 -24.28
CA SER A 360 -2.20 8.86 -24.91
C SER A 360 -1.93 9.64 -26.21
N PHE A 361 -0.87 10.47 -26.21
CA PHE A 361 -0.64 11.42 -27.29
C PHE A 361 0.06 10.76 -28.48
N THR A 362 0.89 9.76 -28.19
CA THR A 362 1.48 8.92 -29.22
C THR A 362 0.34 8.25 -30.03
N ASN A 363 -0.70 7.78 -29.35
CA ASN A 363 -1.90 7.26 -30.01
C ASN A 363 -2.70 8.29 -30.82
N GLN A 364 -2.84 9.47 -30.24
CA GLN A 364 -3.42 10.61 -30.94
C GLN A 364 -2.71 10.81 -32.31
N VAL A 365 -1.38 10.89 -32.28
CA VAL A 365 -0.59 11.08 -33.51
C VAL A 365 -0.83 9.91 -34.50
N LEU A 366 -0.81 8.67 -34.00
CA LEU A 366 -1.05 7.48 -34.82
C LEU A 366 -2.47 7.45 -35.40
N ALA A 367 -3.46 7.89 -34.62
CA ALA A 367 -4.85 7.99 -35.08
C ALA A 367 -4.98 9.01 -36.22
N GLN A 368 -4.27 10.14 -36.10
CA GLN A 368 -4.25 11.14 -37.16
C GLN A 368 -3.59 10.58 -38.43
N ILE A 369 -2.47 9.87 -38.30
CA ILE A 369 -1.81 9.24 -39.45
C ILE A 369 -2.74 8.24 -40.14
N GLU A 370 -3.32 7.34 -39.35
CA GLU A 370 -4.17 6.26 -39.84
C GLU A 370 -5.41 6.77 -40.60
N LEU A 371 -6.05 7.82 -40.10
CA LEU A 371 -7.18 8.43 -40.79
C LEU A 371 -6.75 9.24 -42.05
N TRP A 372 -5.68 10.02 -41.92
CA TRP A 372 -5.24 10.87 -43.01
C TRP A 372 -4.78 10.05 -44.19
N SER A 373 -3.96 9.03 -43.93
CA SER A 373 -3.35 8.21 -44.95
C SER A 373 -4.33 7.21 -45.57
N ASN A 374 -5.56 7.14 -45.04
CA ASN A 374 -6.62 6.26 -45.58
C ASN A 374 -7.88 7.06 -45.92
N ARG A 375 -7.70 8.35 -46.22
CA ARG A 375 -8.81 9.27 -46.49
C ARG A 375 -9.65 8.96 -47.74
N ASP A 376 -9.07 8.28 -48.73
CA ASP A 376 -9.73 7.99 -50.00
C ASP A 376 -10.04 6.50 -50.20
N ASN A 377 -10.02 5.74 -49.10
CA ASN A 377 -10.05 4.28 -49.11
C ASN A 377 -11.41 3.65 -48.93
N GLY A 378 -12.33 4.41 -48.33
CA GLY A 378 -13.54 3.83 -47.78
C GLY A 378 -13.27 3.02 -46.53
N LYS A 379 -12.06 3.11 -45.98
CA LYS A 379 -11.70 2.42 -44.74
C LYS A 379 -12.38 3.10 -43.55
N TYR A 380 -12.46 4.42 -43.60
CA TYR A 380 -13.11 5.21 -42.58
C TYR A 380 -14.11 6.06 -43.31
N PRO A 381 -15.28 5.48 -43.60
CA PRO A 381 -16.27 6.11 -44.50
C PRO A 381 -16.91 7.40 -43.95
N ARG A 382 -17.25 8.31 -44.87
CA ARG A 382 -18.00 9.52 -44.53
C ARG A 382 -19.48 9.33 -44.83
N GLY A 383 -20.33 9.98 -44.03
CA GLY A 383 -21.76 9.98 -44.28
C GLY A 383 -22.53 8.95 -43.45
N ASP A 384 -23.06 7.94 -44.12
CA ASP A 384 -23.99 7.01 -43.46
C ASP A 384 -23.33 5.74 -42.97
N LYS A 385 -22.19 5.40 -43.58
CA LYS A 385 -21.44 4.24 -43.14
C LYS A 385 -20.41 4.63 -42.06
N ALA A 386 -20.33 5.93 -41.76
CA ALA A 386 -19.40 6.42 -40.73
C ALA A 386 -19.54 5.65 -39.42
N GLY A 387 -18.40 5.28 -38.84
CA GLY A 387 -18.38 4.59 -37.55
C GLY A 387 -17.35 5.10 -36.56
N VAL A 388 -17.18 4.37 -35.46
CA VAL A 388 -16.15 4.63 -34.47
C VAL A 388 -15.22 3.42 -34.45
N PHE A 389 -13.92 3.65 -34.57
CA PHE A 389 -12.95 2.54 -34.73
C PHE A 389 -11.83 2.61 -33.71
N PHE A 390 -11.10 1.50 -33.59
CA PHE A 390 -9.92 1.45 -32.75
C PHE A 390 -8.68 1.41 -33.63
N LEU A 391 -7.55 1.90 -33.10
CA LEU A 391 -6.25 1.71 -33.74
C LEU A 391 -6.00 0.22 -33.87
N PRO A 392 -5.31 -0.20 -34.96
CA PRO A 392 -4.92 -1.61 -35.12
C PRO A 392 -4.15 -2.06 -33.89
N LYS A 393 -4.49 -3.25 -33.40
CA LYS A 393 -4.07 -3.70 -32.06
C LYS A 393 -2.56 -3.86 -31.87
N ALA A 394 -1.82 -4.00 -32.97
CA ALA A 394 -0.36 -4.11 -32.92
C ALA A 394 0.29 -2.79 -32.48
N LEU A 395 -0.45 -1.69 -32.61
CA LEU A 395 0.06 -0.37 -32.25
C LEU A 395 0.13 -0.13 -30.73
N ASP A 396 -0.67 -0.87 -29.97
CA ASP A 396 -0.62 -0.79 -28.51
C ASP A 396 0.71 -1.31 -27.97
N GLU A 397 1.18 -2.43 -28.52
CA GLU A 397 2.52 -2.95 -28.26
C GLU A 397 3.61 -1.97 -28.73
N LYS A 398 3.39 -1.33 -29.87
CA LYS A 398 4.35 -0.35 -30.39
C LYS A 398 4.53 0.80 -29.40
N VAL A 399 3.43 1.42 -29.01
CA VAL A 399 3.43 2.56 -28.10
C VAL A 399 4.11 2.21 -26.77
N ALA A 400 3.64 1.14 -26.14
CA ALA A 400 4.16 0.68 -24.85
C ALA A 400 5.68 0.49 -24.89
N ALA A 401 6.17 -0.25 -25.89
CA ALA A 401 7.62 -0.50 -26.02
C ALA A 401 8.42 0.80 -26.06
N LEU A 402 7.87 1.84 -26.67
CA LEU A 402 8.56 3.12 -26.82
C LEU A 402 8.83 3.80 -25.48
N HIS A 403 8.17 3.33 -24.42
CA HIS A 403 8.29 3.96 -23.11
C HIS A 403 9.12 3.18 -22.09
N LEU A 404 9.52 1.96 -22.45
CA LEU A 404 10.29 1.08 -21.56
C LEU A 404 11.71 1.52 -21.21
N ALA A 405 12.45 2.05 -22.18
CA ALA A 405 13.81 2.55 -21.93
C ALA A 405 13.80 3.63 -20.85
N HIS A 406 12.85 4.55 -20.91
CA HIS A 406 12.84 5.63 -19.94
C HIS A 406 12.85 5.09 -18.48
N VAL A 407 12.12 4.00 -18.24
CA VAL A 407 12.01 3.49 -16.86
C VAL A 407 13.01 2.36 -16.53
N GLY A 408 13.82 2.00 -17.51
CA GLY A 408 14.85 0.98 -17.35
C GLY A 408 14.26 -0.41 -17.34
N ALA A 409 13.06 -0.55 -17.90
CA ALA A 409 12.40 -1.84 -17.95
C ALA A 409 12.99 -2.72 -19.05
N LYS A 410 13.46 -3.91 -18.69
CA LYS A 410 14.15 -4.80 -19.64
C LYS A 410 13.31 -6.04 -19.95
N LEU A 411 12.93 -6.12 -21.22
CA LEU A 411 11.99 -7.11 -21.71
C LEU A 411 12.70 -8.44 -21.97
N THR A 412 12.08 -9.55 -21.55
CA THR A 412 12.58 -10.91 -21.84
C THR A 412 12.22 -11.30 -23.28
N LYS A 413 13.12 -12.04 -23.92
CA LYS A 413 12.90 -12.52 -25.29
C LYS A 413 12.48 -13.98 -25.31
N LEU A 414 11.35 -14.26 -25.96
CA LEU A 414 10.88 -15.64 -26.12
C LEU A 414 11.92 -16.41 -26.94
N THR A 415 12.10 -17.68 -26.60
CA THR A 415 12.92 -18.59 -27.39
C THR A 415 12.05 -19.04 -28.57
N PRO A 416 12.68 -19.49 -29.68
CA PRO A 416 11.91 -20.08 -30.78
C PRO A 416 10.81 -21.07 -30.30
N LYS A 417 11.18 -22.00 -29.42
CA LYS A 417 10.27 -23.00 -28.85
C LYS A 417 9.08 -22.33 -28.15
N GLN A 418 9.36 -21.28 -27.37
CA GLN A 418 8.35 -20.59 -26.57
C GLN A 418 7.33 -19.82 -27.41
N ALA A 419 7.81 -19.13 -28.43
CA ALA A 419 6.95 -18.39 -29.37
C ALA A 419 5.89 -19.32 -29.99
N GLU A 420 6.32 -20.51 -30.39
CA GLU A 420 5.47 -21.53 -30.99
C GLU A 420 5.02 -22.54 -29.92
N ASP B 3 8.79 48.92 11.29
CA ASP B 3 9.38 47.86 12.18
C ASP B 3 8.98 46.43 11.83
N TYR B 4 9.33 46.05 10.61
CA TYR B 4 9.18 44.72 10.04
C TYR B 4 9.81 44.85 8.67
N LYS B 5 10.06 43.74 8.01
CA LYS B 5 10.46 43.78 6.61
C LYS B 5 9.99 42.50 5.91
N VAL B 6 9.13 42.71 4.92
CA VAL B 6 8.52 41.62 4.15
C VAL B 6 8.57 42.02 2.69
N LYS B 7 8.25 41.06 1.83
CA LYS B 7 8.29 41.27 0.38
C LYS B 7 7.22 42.24 -0.10
N ASP B 8 5.97 42.02 0.31
CA ASP B 8 4.85 42.81 -0.18
C ASP B 8 3.64 42.85 0.76
N ILE B 9 3.47 43.98 1.42
CA ILE B 9 2.42 44.16 2.42
C ILE B 9 0.99 44.03 1.84
N SER B 10 0.85 44.26 0.54
CA SER B 10 -0.44 44.16 -0.11
C SER B 10 -0.95 42.70 -0.20
N LEU B 11 -0.05 41.74 0.04
CA LEU B 11 -0.44 40.32 0.05
C LEU B 11 -1.13 39.92 1.35
N ALA B 12 -1.23 40.85 2.31
CA ALA B 12 -1.83 40.60 3.63
C ALA B 12 -3.24 40.02 3.64
N GLU B 13 -4.10 40.57 2.78
CA GLU B 13 -5.51 40.21 2.73
C GLU B 13 -5.64 38.76 2.28
N TRP B 14 -4.87 38.38 1.27
CA TRP B 14 -4.80 36.99 0.81
C TRP B 14 -4.28 36.09 1.93
N GLY B 15 -3.18 36.50 2.55
CA GLY B 15 -2.60 35.74 3.65
C GLY B 15 -3.56 35.55 4.80
N ARG B 16 -4.40 36.55 5.06
CA ARG B 16 -5.39 36.46 6.15
C ARG B 16 -6.46 35.40 5.89
N LYS B 17 -6.93 35.30 4.64
CA LYS B 17 -7.86 34.25 4.26
C LYS B 17 -7.24 32.86 4.39
N ALA B 18 -5.98 32.73 3.93
CA ALA B 18 -5.20 31.50 4.09
C ALA B 18 -5.06 31.12 5.58
N ILE B 19 -4.74 32.11 6.42
CA ILE B 19 -4.62 31.90 7.85
C ILE B 19 -5.91 31.42 8.48
N GLU B 20 -7.02 32.04 8.09
CA GLU B 20 -8.36 31.66 8.56
C GLU B 20 -8.70 30.19 8.22
N LEU B 21 -8.34 29.76 7.01
CA LEU B 21 -8.52 28.35 6.64
C LEU B 21 -7.65 27.40 7.46
N ALA B 22 -6.42 27.83 7.75
CA ALA B 22 -5.49 27.04 8.56
C ALA B 22 -5.99 26.87 10.01
N GLU B 23 -6.43 27.96 10.64
CA GLU B 23 -7.01 27.88 12.00
C GLU B 23 -7.97 26.68 12.13
N ASN B 24 -8.85 26.55 11.15
CA ASN B 24 -9.80 25.42 11.09
C ASN B 24 -9.20 24.02 11.00
N GLU B 25 -7.96 23.94 10.55
CA GLU B 25 -7.20 22.69 10.40
C GLU B 25 -6.23 22.48 11.55
N MET B 26 -6.23 23.40 12.52
CA MET B 26 -5.29 23.40 13.63
C MET B 26 -6.03 23.54 14.97
N PRO B 27 -6.88 22.55 15.31
CA PRO B 27 -7.69 22.60 16.53
C PRO B 27 -6.86 22.65 17.83
N GLY B 28 -5.66 22.09 17.80
CA GLY B 28 -4.78 22.13 18.95
C GLY B 28 -4.49 23.55 19.36
N LEU B 29 -4.05 24.36 18.40
CA LEU B 29 -3.67 25.73 18.68
C LEU B 29 -4.86 26.60 19.07
N MET B 30 -5.98 26.41 18.36
CA MET B 30 -7.20 27.14 18.68
C MET B 30 -7.76 26.79 20.07
N GLU B 31 -7.62 25.54 20.50
CA GLU B 31 -8.03 25.14 21.86
C GLU B 31 -7.16 25.73 22.96
N LEU B 32 -5.88 25.92 22.66
CA LEU B 32 -4.98 26.56 23.61
C LEU B 32 -5.41 28.00 23.84
N ARG B 33 -5.79 28.68 22.75
CA ARG B 33 -6.27 30.06 22.85
C ARG B 33 -7.49 30.19 23.77
N ARG B 34 -8.46 29.29 23.56
CA ARG B 34 -9.66 29.25 24.40
CA ARG B 34 -9.66 29.21 24.37
C ARG B 34 -9.34 28.95 25.85
N GLU B 35 -8.50 27.96 26.09
CA GLU B 35 -8.21 27.49 27.44
C GLU B 35 -7.33 28.45 28.23
N TYR B 36 -6.34 29.05 27.58
CA TYR B 36 -5.34 29.90 28.25
C TYR B 36 -5.50 31.39 28.03
N GLY B 37 -6.37 31.79 27.11
CA GLY B 37 -6.67 33.19 26.86
C GLY B 37 -6.86 33.97 28.16
N PRO B 38 -7.88 33.60 28.95
CA PRO B 38 -8.17 34.30 30.22
C PRO B 38 -6.98 34.43 31.17
N SER B 39 -6.16 33.39 31.30
CA SER B 39 -5.06 33.39 32.29
C SER B 39 -3.75 34.01 31.81
N GLN B 40 -3.66 34.34 30.53
CA GLN B 40 -2.50 35.01 29.96
C GLN B 40 -1.15 34.44 30.41
N PRO B 41 -0.92 33.11 30.23
CA PRO B 41 0.26 32.53 30.89
C PRO B 41 1.60 33.03 30.33
N LEU B 42 1.59 33.75 29.21
CA LEU B 42 2.83 34.25 28.63
C LEU B 42 3.04 35.76 28.79
N LYS B 43 2.14 36.42 29.53
CA LYS B 43 2.29 37.85 29.86
C LYS B 43 3.68 38.09 30.40
N GLY B 44 4.44 39.00 29.77
CA GLY B 44 5.81 39.27 30.19
C GLY B 44 6.85 38.55 29.36
N ALA B 45 6.47 37.44 28.73
CA ALA B 45 7.42 36.70 27.89
C ALA B 45 7.71 37.52 26.65
N LYS B 46 8.99 37.60 26.27
CA LYS B 46 9.42 38.29 25.07
C LYS B 46 10.16 37.28 24.19
N ILE B 47 9.44 36.70 23.22
CA ILE B 47 9.93 35.55 22.46
C ILE B 47 10.57 36.00 21.16
N ALA B 48 11.86 35.72 21.01
CA ALA B 48 12.50 35.84 19.71
C ALA B 48 12.27 34.49 19.01
N GLY B 49 11.62 34.54 17.86
CA GLY B 49 11.27 33.33 17.11
C GLY B 49 12.01 33.23 15.79
N CYS B 50 12.60 32.06 15.52
CA CYS B 50 13.26 31.80 14.25
C CYS B 50 12.76 30.47 13.69
N LEU B 51 11.75 30.54 12.82
CA LEU B 51 11.03 29.38 12.30
C LEU B 51 10.28 29.77 11.03
N HIS B 52 10.38 28.94 9.99
CA HIS B 52 9.73 29.16 8.67
C HIS B 52 8.46 29.99 8.71
N MET B 53 8.52 31.16 8.09
CA MET B 53 7.42 32.13 8.18
C MET B 53 6.27 31.71 7.25
N THR B 54 5.53 30.69 7.66
CA THR B 54 4.47 30.16 6.82
C THR B 54 3.11 30.50 7.40
N VAL B 55 2.07 30.25 6.61
CA VAL B 55 0.70 30.28 7.08
C VAL B 55 0.52 29.52 8.41
N GLN B 56 1.12 28.33 8.52
CA GLN B 56 1.02 27.53 9.76
C GLN B 56 1.69 28.27 10.93
N THR B 57 2.87 28.83 10.68
CA THR B 57 3.62 29.55 11.72
C THR B 57 2.88 30.81 12.18
N ALA B 58 2.15 31.43 11.27
CA ALA B 58 1.30 32.59 11.57
C ALA B 58 0.26 32.22 12.62
N VAL B 59 -0.32 31.04 12.52
CA VAL B 59 -1.26 30.57 13.54
C VAL B 59 -0.57 30.39 14.90
N LEU B 60 0.65 29.85 14.89
CA LEU B 60 1.47 29.74 16.09
C LEU B 60 1.78 31.12 16.70
N ILE B 61 2.24 32.04 15.86
CA ILE B 61 2.55 33.41 16.30
C ILE B 61 1.34 34.05 16.99
N GLU B 62 0.17 33.93 16.36
CA GLU B 62 -1.02 34.52 16.91
C GLU B 62 -1.52 33.79 18.17
N THR B 63 -1.24 32.51 18.28
CA THR B 63 -1.56 31.78 19.52
C THR B 63 -0.73 32.27 20.70
N LEU B 64 0.58 32.39 20.48
CA LEU B 64 1.52 32.92 21.47
C LEU B 64 1.14 34.36 21.89
N LYS B 65 0.79 35.21 20.92
CA LYS B 65 0.34 36.56 21.22
C LYS B 65 -0.99 36.58 21.96
N ALA B 66 -1.94 35.72 21.57
CA ALA B 66 -3.22 35.61 22.29
C ALA B 66 -3.04 35.25 23.76
N LEU B 67 -1.95 34.56 24.07
CA LEU B 67 -1.64 34.17 25.44
C LEU B 67 -0.79 35.20 26.20
N GLY B 68 -0.44 36.29 25.53
CA GLY B 68 0.21 37.42 26.18
C GLY B 68 1.64 37.72 25.78
N ALA B 69 2.24 36.83 24.97
CA ALA B 69 3.61 36.99 24.53
C ALA B 69 3.80 38.23 23.68
N GLU B 70 5.01 38.77 23.74
CA GLU B 70 5.51 39.78 22.80
C GLU B 70 6.51 39.04 21.93
N LEU B 71 6.43 39.24 20.62
CA LEU B 71 7.19 38.42 19.67
C LEU B 71 7.89 39.25 18.65
N ARG B 72 9.07 38.80 18.26
CA ARG B 72 9.74 39.25 17.04
C ARG B 72 10.23 38.04 16.26
N TRP B 73 9.97 38.01 14.95
CA TRP B 73 10.11 36.77 14.19
C TRP B 73 11.00 36.87 12.96
N SER B 74 11.74 35.81 12.69
CA SER B 74 12.39 35.64 11.41
C SER B 74 12.17 34.20 10.93
N SER B 75 12.53 33.93 9.68
CA SER B 75 12.45 32.59 9.12
C SER B 75 13.79 31.89 9.34
N CYS B 76 13.76 30.55 9.45
CA CYS B 76 15.01 29.79 9.61
C CYS B 76 15.50 29.22 8.27
N ASN B 77 14.97 29.74 7.16
CA ASN B 77 15.44 29.37 5.84
C ASN B 77 15.20 30.51 4.83
N ILE B 78 16.13 30.66 3.91
CA ILE B 78 16.05 31.74 2.93
C ILE B 78 14.93 31.56 1.92
N PHE B 79 14.46 30.31 1.75
CA PHE B 79 13.45 30.02 0.73
C PHE B 79 12.10 29.55 1.25
N SER B 80 11.95 29.41 2.57
CA SER B 80 10.76 28.82 3.14
C SER B 80 9.59 29.77 3.43
N THR B 81 9.85 31.08 3.50
CA THR B 81 8.80 32.06 3.81
C THR B 81 7.68 32.04 2.77
N GLN B 82 6.45 32.21 3.25
CA GLN B 82 5.27 32.38 2.41
C GLN B 82 4.91 33.86 2.57
N ASP B 83 5.12 34.62 1.49
CA ASP B 83 5.05 36.08 1.55
C ASP B 83 3.66 36.59 1.96
N ASN B 84 2.60 35.87 1.60
CA ASN B 84 1.26 36.26 2.05
C ASN B 84 1.08 36.15 3.59
N ALA B 85 1.74 35.16 4.17
CA ALA B 85 1.72 34.93 5.59
C ALA B 85 2.55 35.99 6.34
N ALA B 86 3.73 36.29 5.81
CA ALA B 86 4.59 37.30 6.39
C ALA B 86 3.86 38.67 6.40
N ALA B 87 3.22 39.02 5.29
CA ALA B 87 2.44 40.25 5.14
C ALA B 87 1.27 40.35 6.11
N ALA B 88 0.49 39.27 6.24
CA ALA B 88 -0.68 39.28 7.11
C ALA B 88 -0.30 39.46 8.58
N ILE B 89 0.88 38.94 8.95
CA ILE B 89 1.43 39.09 10.28
C ILE B 89 2.00 40.50 10.47
N ALA B 90 2.82 40.94 9.52
CA ALA B 90 3.34 42.31 9.51
C ALA B 90 2.22 43.33 9.69
N LYS B 91 1.11 43.14 8.97
CA LYS B 91 -0.05 44.03 9.02
C LYS B 91 -0.65 44.16 10.43
N THR B 92 -0.58 43.09 11.23
CA THR B 92 -1.14 43.13 12.59
C THR B 92 -0.26 43.90 13.57
N GLY B 93 1.00 44.13 13.22
CA GLY B 93 1.88 44.91 14.06
C GLY B 93 2.86 44.06 14.83
N VAL B 94 2.95 42.78 14.48
CA VAL B 94 3.99 41.90 15.01
C VAL B 94 5.22 42.05 14.15
N PRO B 95 6.38 42.36 14.78
CA PRO B 95 7.61 42.50 13.99
C PRO B 95 8.10 41.18 13.36
N VAL B 96 8.11 41.12 12.03
CA VAL B 96 8.57 39.95 11.29
C VAL B 96 9.51 40.41 10.19
N PHE B 97 10.59 39.66 10.02
CA PHE B 97 11.64 40.02 9.10
C PHE B 97 11.88 38.74 8.30
N ALA B 98 11.20 38.65 7.15
CA ALA B 98 11.17 37.43 6.35
C ALA B 98 10.54 37.66 4.99
N TRP B 99 11.17 37.07 3.98
CA TRP B 99 10.61 37.02 2.63
C TRP B 99 11.20 35.82 1.91
N LYS B 100 10.47 35.29 0.94
CA LYS B 100 11.04 34.17 0.15
C LYS B 100 12.18 34.69 -0.71
N GLY B 101 13.30 33.99 -0.71
CA GLY B 101 14.42 34.34 -1.57
C GLY B 101 15.37 35.35 -0.97
N GLU B 102 15.62 35.24 0.34
CA GLU B 102 16.67 36.01 1.01
C GLU B 102 18.06 35.57 0.52
N THR B 103 19.00 36.50 0.55
CA THR B 103 20.41 36.17 0.42
C THR B 103 20.89 35.89 1.83
N ASP B 104 22.10 35.35 1.93
CA ASP B 104 22.68 35.00 3.23
C ASP B 104 22.89 36.19 4.16
N GLU B 105 23.36 37.32 3.61
CA GLU B 105 23.52 38.54 4.39
C GLU B 105 22.17 39.03 4.89
N GLU B 106 21.18 39.03 4.00
CA GLU B 106 19.82 39.37 4.38
C GLU B 106 19.28 38.43 5.46
N TYR B 107 19.54 37.13 5.31
CA TYR B 107 19.13 36.13 6.29
C TYR B 107 19.67 36.45 7.69
N GLU B 108 20.99 36.67 7.78
CA GLU B 108 21.66 37.03 9.03
C GLU B 108 21.10 38.31 9.61
N TRP B 109 20.98 39.35 8.78
CA TRP B 109 20.36 40.61 9.22
C TRP B 109 18.97 40.39 9.84
N CYS B 110 18.15 39.55 9.21
CA CYS B 110 16.79 39.29 9.68
C CYS B 110 16.79 38.73 11.10
N ILE B 111 17.68 37.78 11.36
CA ILE B 111 17.77 37.18 12.70
C ILE B 111 18.27 38.19 13.74
N ALA B 112 19.21 39.05 13.34
CA ALA B 112 19.72 40.12 14.23
C ALA B 112 18.56 41.00 14.74
N GLN B 113 17.56 41.23 13.89
CA GLN B 113 16.45 42.12 14.24
C GLN B 113 15.53 41.61 15.36
N THR B 114 15.57 40.30 15.63
CA THR B 114 14.68 39.68 16.62
C THR B 114 15.22 39.67 18.05
N VAL B 115 16.50 39.99 18.23
CA VAL B 115 17.12 39.95 19.56
C VAL B 115 17.34 41.35 20.14
N LYS B 116 16.65 42.33 19.56
CA LYS B 116 16.62 43.70 20.05
C LYS B 116 15.24 44.27 19.65
N GLY B 117 14.88 45.40 20.23
CA GLY B 117 13.67 46.13 19.81
C GLY B 117 12.37 45.81 20.53
N PHE B 118 12.42 45.00 21.58
CA PHE B 118 11.25 44.74 22.42
C PHE B 118 11.01 45.95 23.33
N SER B 119 9.88 45.96 24.04
CA SER B 119 9.60 46.94 25.10
C SER B 119 10.61 46.81 26.25
N GLY B 120 10.61 47.78 27.16
CA GLY B 120 11.55 47.81 28.30
C GLY B 120 12.96 48.05 27.81
N ASP B 121 13.91 47.22 28.26
CA ASP B 121 15.31 47.32 27.81
C ASP B 121 15.55 46.81 26.38
N GLY B 122 14.48 46.36 25.72
CA GLY B 122 14.54 45.97 24.31
C GLY B 122 15.00 44.56 24.03
N LEU B 123 15.15 43.75 25.08
CA LEU B 123 15.80 42.46 24.92
C LEU B 123 14.81 41.29 25.04
N PRO B 124 15.07 40.17 24.32
CA PRO B 124 14.26 38.98 24.50
C PRO B 124 14.55 38.32 25.83
N ASN B 125 13.66 37.42 26.25
CA ASN B 125 13.94 36.58 27.41
C ASN B 125 13.58 35.11 27.16
N MET B 126 13.25 34.76 25.91
CA MET B 126 12.80 33.42 25.51
C MET B 126 13.19 33.16 24.06
N ILE B 127 13.61 31.94 23.73
CA ILE B 127 13.94 31.59 22.36
C ILE B 127 13.05 30.48 21.83
N LEU B 128 12.42 30.71 20.69
CA LEU B 128 11.74 29.62 19.99
C LEU B 128 12.54 29.35 18.71
N ASP B 129 13.11 28.17 18.60
CA ASP B 129 14.05 27.92 17.50
C ASP B 129 13.67 26.71 16.65
N ASP B 130 14.17 26.71 15.42
CA ASP B 130 13.97 25.61 14.50
C ASP B 130 15.30 25.43 13.80
N GLY B 131 16.11 24.51 14.29
CA GLY B 131 17.38 24.18 13.64
C GLY B 131 18.65 24.72 14.28
N GLY B 132 18.52 25.57 15.29
CA GLY B 132 19.67 26.02 16.06
C GLY B 132 20.34 27.34 15.70
N ASP B 133 20.01 27.93 14.56
CA ASP B 133 20.71 29.15 14.14
C ASP B 133 20.57 30.30 15.14
N LEU B 134 19.34 30.55 15.62
CA LEU B 134 19.09 31.62 16.58
C LEU B 134 19.74 31.31 17.94
N THR B 135 19.70 30.04 18.31
CA THR B 135 20.32 29.57 19.53
C THR B 135 21.83 29.83 19.48
N ASN B 136 22.47 29.41 18.38
CA ASN B 136 23.89 29.62 18.15
C ASN B 136 24.26 31.10 18.09
N LEU B 137 23.39 31.92 17.53
CA LEU B 137 23.67 33.35 17.42
C LEU B 137 23.75 34.00 18.81
N VAL B 138 22.74 33.74 19.64
CA VAL B 138 22.67 34.34 20.97
C VAL B 138 23.86 33.87 21.80
N ILE B 139 24.13 32.57 21.79
CA ILE B 139 25.18 32.02 22.64
C ILE B 139 26.55 32.52 22.17
N ASP B 140 26.84 32.37 20.88
CA ASP B 140 28.17 32.72 20.36
C ASP B 140 28.46 34.20 20.12
N ARG B 141 27.44 34.99 19.74
CA ARG B 141 27.66 36.38 19.33
C ARG B 141 26.94 37.41 20.20
N TYR B 142 26.23 36.94 21.23
CA TYR B 142 25.54 37.84 22.13
C TYR B 142 25.71 37.41 23.59
N PRO B 143 26.97 37.31 24.07
CA PRO B 143 27.23 36.81 25.42
C PRO B 143 26.49 37.56 26.51
N GLU B 144 26.28 38.88 26.35
CA GLU B 144 25.53 39.69 27.31
C GLU B 144 24.07 39.25 27.44
N LEU B 145 23.53 38.67 26.38
CA LEU B 145 22.13 38.30 26.31
C LEU B 145 21.85 36.96 27.00
N VAL B 146 22.81 36.06 26.94
CA VAL B 146 22.69 34.71 27.47
C VAL B 146 22.03 34.60 28.85
N PRO B 147 22.50 35.39 29.86
CA PRO B 147 21.85 35.28 31.18
C PRO B 147 20.41 35.78 31.22
N LYS B 148 19.98 36.54 30.22
CA LYS B 148 18.60 37.06 30.14
C LYS B 148 17.55 36.08 29.54
N ILE B 149 18.00 35.00 28.91
CA ILE B 149 17.08 34.04 28.26
C ILE B 149 16.71 32.93 29.22
N PHE B 150 15.40 32.78 29.47
CA PHE B 150 14.94 31.80 30.47
C PHE B 150 14.74 30.38 29.92
N GLY B 151 14.61 30.24 28.60
CA GLY B 151 14.54 28.90 28.01
C GLY B 151 14.56 28.91 26.50
N ILE B 152 14.82 27.74 25.93
CA ILE B 152 14.76 27.54 24.50
C ILE B 152 13.76 26.41 24.22
N SER B 153 12.89 26.56 23.22
CA SER B 153 12.19 25.39 22.69
C SER B 153 12.61 25.13 21.23
N GLU B 154 12.86 23.86 20.92
CA GLU B 154 13.46 23.46 19.65
C GLU B 154 12.63 22.40 18.90
N GLU B 155 12.26 22.78 17.69
CA GLU B 155 11.35 22.06 16.80
C GLU B 155 11.89 20.78 16.13
N THR B 156 13.19 20.74 15.81
CA THR B 156 13.67 19.83 14.75
C THR B 156 14.91 18.98 15.11
N THR B 157 15.04 17.83 14.46
CA THR B 157 16.13 16.88 14.75
C THR B 157 17.51 17.55 14.71
N THR B 158 17.83 18.24 13.63
CA THR B 158 19.09 18.97 13.51
C THR B 158 19.31 19.91 14.71
N GLY B 159 18.29 20.69 15.08
CA GLY B 159 18.39 21.56 16.24
C GLY B 159 18.60 20.79 17.54
N VAL B 160 17.93 19.66 17.67
CA VAL B 160 18.06 18.87 18.88
C VAL B 160 19.49 18.31 19.02
N LYS B 161 20.04 17.77 17.93
CA LYS B 161 21.44 17.33 17.90
C LYS B 161 22.45 18.45 18.21
N ASN B 162 22.20 19.67 17.73
CA ASN B 162 23.02 20.83 18.05
C ASN B 162 23.04 21.13 19.55
N LEU B 163 21.88 21.01 20.20
CA LEU B 163 21.75 21.21 21.64
C LEU B 163 22.57 20.19 22.43
N TYR B 164 22.45 18.92 22.08
CA TYR B 164 23.19 17.86 22.77
C TYR B 164 24.70 17.94 22.51
N LYS B 165 25.08 18.39 21.31
CA LYS B 165 26.48 18.61 20.99
C LYS B 165 27.07 19.69 21.91
N ARG B 166 26.41 20.84 21.97
CA ARG B 166 26.80 21.95 22.85
C ARG B 166 26.88 21.54 24.31
N LEU B 167 25.87 20.81 24.77
CA LEU B 167 25.80 20.33 26.13
C LEU B 167 27.05 19.49 26.44
N SER B 168 27.37 18.54 25.57
CA SER B 168 28.50 17.65 25.76
C SER B 168 29.86 18.36 25.78
N LYS B 169 29.93 19.57 25.25
CA LYS B 169 31.16 20.36 25.28
C LYS B 169 31.14 21.41 26.39
N GLY B 170 30.08 21.36 27.21
CA GLY B 170 29.84 22.39 28.24
C GLY B 170 29.48 23.77 27.69
N ASN B 171 29.07 23.83 26.42
CA ASN B 171 28.71 25.12 25.79
C ASN B 171 27.21 25.40 25.74
N LEU B 172 26.41 24.71 26.57
CA LEU B 172 24.99 25.04 26.67
C LEU B 172 24.65 25.77 27.97
N PRO B 173 24.54 27.10 27.91
CA PRO B 173 24.25 27.87 29.11
C PRO B 173 22.76 28.16 29.33
N ILE B 174 21.88 27.71 28.42
CA ILE B 174 20.44 27.93 28.55
C ILE B 174 19.68 26.60 28.41
N SER B 175 18.75 26.33 29.33
CA SER B 175 18.02 25.05 29.32
C SER B 175 16.97 25.01 28.21
N ALA B 176 16.77 23.82 27.63
CA ALA B 176 15.93 23.68 26.46
C ALA B 176 14.88 22.58 26.62
N ILE B 177 13.72 22.79 26.01
CA ILE B 177 12.76 21.73 25.86
C ILE B 177 12.82 21.13 24.46
N ASN B 178 13.07 19.83 24.40
CA ASN B 178 13.12 19.08 23.17
C ASN B 178 11.68 18.78 22.73
N VAL B 179 11.23 19.53 21.73
CA VAL B 179 9.87 19.40 21.22
C VAL B 179 9.81 18.39 20.06
N ASN B 180 10.88 18.30 19.27
CA ASN B 180 10.95 17.35 18.14
C ASN B 180 10.46 15.95 18.55
N ASP B 181 10.81 15.52 19.76
CA ASP B 181 10.56 14.15 20.20
C ASP B 181 9.50 14.09 21.27
N PHE B 188 5.48 10.04 15.72
CA PHE B 188 5.75 10.41 14.32
C PHE B 188 4.83 11.49 13.78
N ASP B 189 5.41 12.64 13.43
CA ASP B 189 4.71 13.71 12.72
C ASP B 189 5.49 14.10 11.47
N ASN B 190 6.82 14.13 11.57
CA ASN B 190 7.69 14.32 10.43
C ASN B 190 7.47 13.24 9.37
N LEU B 191 7.05 12.04 9.79
CA LEU B 191 6.80 10.97 8.84
C LEU B 191 5.58 11.34 8.02
N TYR B 192 4.47 11.62 8.70
CA TYR B 192 3.23 11.99 8.02
C TYR B 192 3.32 13.26 7.19
N GLY B 193 4.08 14.23 7.69
CA GLY B 193 4.23 15.51 7.02
C GLY B 193 4.95 15.40 5.69
N CYS B 194 6.07 14.67 5.70
CA CYS B 194 6.95 14.53 4.55
C CYS B 194 6.28 13.65 3.52
N ARG B 195 5.50 12.69 4.00
CA ARG B 195 4.78 11.79 3.13
C ARG B 195 3.82 12.58 2.23
N GLU B 196 3.37 13.72 2.71
CA GLU B 196 2.51 14.56 1.87
C GLU B 196 3.21 15.72 1.21
N SER B 197 4.28 16.22 1.81
CA SER B 197 4.86 17.47 1.30
C SER B 197 6.12 17.31 0.40
N LEU B 198 6.77 16.16 0.45
CA LEU B 198 7.93 15.94 -0.43
C LEU B 198 7.51 15.92 -1.89
N VAL B 199 6.46 15.15 -2.18
CA VAL B 199 5.96 15.04 -3.53
C VAL B 199 5.31 16.34 -4.02
N ASP B 200 4.56 17.00 -3.14
CA ASP B 200 4.00 18.33 -3.40
C ASP B 200 5.09 19.30 -3.93
N GLY B 201 6.24 19.32 -3.26
CA GLY B 201 7.36 20.16 -3.69
C GLY B 201 7.97 19.77 -5.03
N ILE B 202 8.22 18.48 -5.23
CA ILE B 202 8.77 17.96 -6.49
C ILE B 202 7.84 18.29 -7.65
N LYS B 203 6.54 18.03 -7.47
CA LYS B 203 5.54 18.28 -8.50
C LYS B 203 5.30 19.75 -8.87
N ARG B 204 5.20 20.64 -7.86
CA ARG B 204 5.08 22.07 -8.13
C ARG B 204 6.29 22.58 -8.89
N ALA B 205 7.47 22.07 -8.53
CA ALA B 205 8.72 22.41 -9.21
C ALA B 205 8.79 21.90 -10.65
N THR B 206 8.46 20.64 -10.88
CA THR B 206 8.85 19.94 -12.12
C THR B 206 7.70 19.31 -12.90
N ASP B 207 6.55 19.13 -12.25
CA ASP B 207 5.37 18.41 -12.81
C ASP B 207 5.72 16.97 -13.28
N VAL B 208 6.84 16.46 -12.81
CA VAL B 208 7.30 15.16 -13.25
C VAL B 208 6.38 14.07 -12.70
N MET B 209 6.30 13.00 -13.47
CA MET B 209 5.63 11.79 -13.07
C MET B 209 6.49 10.99 -12.09
N ILE B 210 5.85 10.50 -11.02
CA ILE B 210 6.53 9.69 -10.01
C ILE B 210 6.52 8.21 -10.40
N ALA B 211 5.35 7.72 -10.82
CA ALA B 211 5.19 6.35 -11.29
C ALA B 211 6.23 6.02 -12.35
N GLY B 212 6.81 4.82 -12.23
CA GLY B 212 7.79 4.36 -13.20
C GLY B 212 9.21 4.77 -12.89
N LYS B 213 9.40 5.74 -11.97
CA LYS B 213 10.74 6.26 -11.66
CA LYS B 213 10.74 6.26 -11.66
C LYS B 213 11.53 5.42 -10.67
N THR B 214 12.85 5.51 -10.77
CA THR B 214 13.73 4.95 -9.76
C THR B 214 14.14 6.12 -8.86
N CYS B 215 13.93 5.98 -7.56
CA CYS B 215 14.25 7.06 -6.63
C CYS B 215 15.25 6.63 -5.58
N CYS B 216 16.25 7.49 -5.31
CA CYS B 216 17.23 7.22 -4.27
C CYS B 216 16.97 8.13 -3.05
N VAL B 217 16.55 7.50 -1.95
CA VAL B 217 16.24 8.24 -0.72
C VAL B 217 17.32 7.95 0.27
N CYS B 218 18.05 8.99 0.65
CA CYS B 218 19.21 8.88 1.51
C CYS B 218 18.81 9.14 2.93
N GLY B 219 18.93 8.12 3.77
CA GLY B 219 18.51 8.23 5.17
C GLY B 219 17.16 7.59 5.37
N TYR B 220 16.96 6.94 6.51
CA TYR B 220 15.67 6.29 6.77
C TYR B 220 15.19 6.55 8.19
N GLY B 221 15.37 7.78 8.67
CA GLY B 221 14.73 8.23 9.93
C GLY B 221 13.26 8.50 9.62
N ASP B 222 12.55 9.20 10.50
CA ASP B 222 11.14 9.53 10.20
C ASP B 222 10.92 10.27 8.86
N VAL B 223 11.86 11.13 8.48
CA VAL B 223 11.75 11.91 7.23
C VAL B 223 11.90 11.01 6.01
N GLY B 224 12.94 10.19 6.01
CA GLY B 224 13.19 9.24 4.95
C GLY B 224 12.03 8.26 4.81
N LYS B 225 11.49 7.79 5.94
CA LYS B 225 10.38 6.81 5.93
C LYS B 225 9.19 7.38 5.22
N GLY B 226 8.86 8.63 5.54
CA GLY B 226 7.76 9.35 4.93
C GLY B 226 7.99 9.65 3.45
N CYS B 227 9.22 10.00 3.10
CA CYS B 227 9.58 10.32 1.70
C CYS B 227 9.47 9.07 0.84
N ALA B 228 10.07 7.98 1.31
CA ALA B 228 9.98 6.68 0.66
C ALA B 228 8.51 6.24 0.52
N ALA B 229 7.69 6.44 1.54
CA ALA B 229 6.30 5.93 1.46
C ALA B 229 5.56 6.73 0.40
N ALA B 230 5.82 8.04 0.36
CA ALA B 230 5.18 8.93 -0.63
C ALA B 230 5.48 8.49 -2.05
N LEU B 231 6.78 8.32 -2.35
CA LEU B 231 7.23 7.96 -3.70
C LEU B 231 6.76 6.57 -4.12
N ARG B 232 6.89 5.60 -3.22
CA ARG B 232 6.33 4.25 -3.40
C ARG B 232 4.80 4.26 -3.67
N ALA B 233 4.04 5.08 -2.94
CA ALA B 233 2.58 5.16 -3.18
C ALA B 233 2.23 5.53 -4.65
N PHE B 234 3.01 6.43 -5.24
CA PHE B 234 2.78 6.83 -6.64
C PHE B 234 3.41 5.89 -7.69
N GLY B 235 3.97 4.78 -7.22
CA GLY B 235 4.53 3.77 -8.11
C GLY B 235 5.98 3.98 -8.51
N ALA B 236 6.73 4.66 -7.66
CA ALA B 236 8.17 4.72 -7.89
C ALA B 236 8.84 3.50 -7.28
N ARG B 237 10.03 3.17 -7.77
CA ARG B 237 10.83 2.17 -7.10
C ARG B 237 11.87 2.91 -6.28
N VAL B 238 11.79 2.76 -4.96
CA VAL B 238 12.64 3.48 -4.02
C VAL B 238 13.80 2.60 -3.53
N VAL B 239 15.02 3.09 -3.71
CA VAL B 239 16.20 2.49 -3.11
C VAL B 239 16.62 3.44 -1.97
N VAL B 240 16.87 2.87 -0.80
CA VAL B 240 17.18 3.62 0.41
C VAL B 240 18.68 3.45 0.76
N THR B 241 19.33 4.50 1.25
CA THR B 241 20.69 4.38 1.78
C THR B 241 20.60 4.70 3.27
N GLU B 242 21.46 4.06 4.07
CA GLU B 242 21.49 4.23 5.51
C GLU B 242 22.88 3.90 6.03
N VAL B 243 23.23 4.47 7.19
CA VAL B 243 24.45 4.13 7.92
C VAL B 243 24.15 3.33 9.21
N ASP B 244 22.93 3.43 9.71
CA ASP B 244 22.51 2.73 10.94
C ASP B 244 21.86 1.39 10.60
N PRO B 245 22.36 0.28 11.18
CA PRO B 245 21.79 -1.02 10.76
C PRO B 245 20.33 -1.21 11.16
N ILE B 246 19.89 -0.57 12.23
CA ILE B 246 18.49 -0.64 12.66
C ILE B 246 17.57 -0.03 11.60
N ASN B 247 17.91 1.16 11.12
CA ASN B 247 17.07 1.83 10.12
C ASN B 247 17.15 1.08 8.78
N ALA B 248 18.32 0.55 8.47
CA ALA B 248 18.51 -0.21 7.23
C ALA B 248 17.64 -1.50 7.19
N LEU B 249 17.63 -2.22 8.30
CA LEU B 249 16.78 -3.39 8.47
C LEU B 249 15.28 -3.07 8.35
N GLN B 250 14.86 -1.96 8.96
CA GLN B 250 13.48 -1.51 8.80
C GLN B 250 13.12 -1.25 7.35
N ALA B 251 14.00 -0.55 6.63
CA ALA B 251 13.74 -0.28 5.22
C ALA B 251 13.57 -1.58 4.42
N SER B 252 14.42 -2.57 4.69
CA SER B 252 14.29 -3.91 4.04
C SER B 252 12.97 -4.57 4.39
N MET B 253 12.55 -4.42 5.65
CA MET B 253 11.32 -5.09 6.10
C MET B 253 10.11 -4.41 5.48
N GLU B 254 10.30 -3.19 4.98
CA GLU B 254 9.22 -2.42 4.38
C GLU B 254 9.20 -2.61 2.87
N GLY B 255 10.16 -3.37 2.35
CA GLY B 255 10.19 -3.73 0.94
C GLY B 255 11.16 -2.96 0.06
N TYR B 256 12.09 -2.23 0.67
CA TYR B 256 12.98 -1.38 -0.09
C TYR B 256 14.35 -2.01 -0.19
N GLN B 257 14.93 -2.00 -1.39
CA GLN B 257 16.38 -2.26 -1.50
C GLN B 257 17.19 -1.21 -0.71
N VAL B 258 18.15 -1.68 0.08
CA VAL B 258 19.09 -0.82 0.77
C VAL B 258 20.44 -0.98 0.08
N ALA B 259 20.98 0.14 -0.43
CA ALA B 259 22.19 0.15 -1.26
C ALA B 259 22.96 1.45 -1.06
N LEU B 260 24.07 1.57 -1.79
CA LEU B 260 24.92 2.77 -1.76
C LEU B 260 24.44 3.75 -2.82
N VAL B 261 24.68 5.04 -2.61
CA VAL B 261 24.38 6.02 -3.64
C VAL B 261 25.06 5.60 -4.97
N GLU B 262 26.30 5.12 -4.90
CA GLU B 262 27.01 4.72 -6.13
C GLU B 262 26.42 3.51 -6.82
N ASP B 263 25.68 2.68 -6.09
CA ASP B 263 25.00 1.54 -6.71
C ASP B 263 23.87 1.98 -7.64
N VAL B 264 23.21 3.11 -7.36
CA VAL B 264 22.05 3.54 -8.14
C VAL B 264 22.23 4.88 -8.85
N MET B 265 23.39 5.52 -8.67
CA MET B 265 23.56 6.91 -9.12
C MET B 265 23.37 7.09 -10.63
N ALA B 266 23.63 6.02 -11.39
CA ALA B 266 23.54 6.06 -12.85
C ALA B 266 22.11 5.88 -13.31
N ASP B 267 21.28 5.25 -12.49
CA ASP B 267 19.91 4.86 -12.88
C ASP B 267 18.79 5.68 -12.21
N ALA B 268 19.09 6.29 -11.06
CA ALA B 268 18.06 7.01 -10.33
C ALA B 268 17.52 8.21 -11.08
N HIS B 269 16.20 8.38 -11.11
CA HIS B 269 15.61 9.56 -11.72
C HIS B 269 15.56 10.73 -10.72
N ILE B 270 15.44 10.38 -9.44
CA ILE B 270 15.28 11.37 -8.38
C ILE B 270 16.15 10.99 -7.18
N PHE B 271 16.83 11.98 -6.62
CA PHE B 271 17.62 11.80 -5.43
C PHE B 271 17.03 12.70 -4.33
N VAL B 272 16.84 12.14 -3.14
CA VAL B 272 16.28 12.87 -2.01
C VAL B 272 17.11 12.59 -0.77
N THR B 273 17.72 13.64 -0.24
CA THR B 273 18.57 13.53 0.96
C THR B 273 17.76 13.90 2.18
N THR B 274 17.80 13.02 3.19
CA THR B 274 16.98 13.15 4.39
C THR B 274 17.80 12.95 5.67
N THR B 275 19.11 13.13 5.58
CA THR B 275 20.02 12.61 6.63
C THR B 275 20.28 13.55 7.80
N GLY B 276 20.25 14.86 7.55
CA GLY B 276 20.62 15.82 8.59
C GLY B 276 22.12 15.93 8.64
N ASN B 277 22.78 15.34 7.63
CA ASN B 277 24.25 15.25 7.57
C ASN B 277 24.76 15.86 6.24
N ASP B 278 26.02 16.29 6.19
CA ASP B 278 26.58 16.94 4.99
C ASP B 278 27.21 15.94 3.99
N ASP B 279 27.33 16.37 2.73
CA ASP B 279 28.06 15.65 1.70
C ASP B 279 27.50 14.27 1.43
N ILE B 280 26.21 14.23 1.11
CA ILE B 280 25.53 13.00 0.77
C ILE B 280 25.59 12.81 -0.74
N ILE B 281 25.29 13.89 -1.47
CA ILE B 281 25.32 13.90 -2.93
C ILE B 281 26.46 14.82 -3.35
N THR B 282 27.45 14.25 -4.00
CA THR B 282 28.74 14.93 -4.11
C THR B 282 29.26 14.99 -5.53
N SER B 283 30.42 15.63 -5.67
CA SER B 283 31.22 15.64 -6.89
C SER B 283 31.51 14.22 -7.40
N ASP B 284 31.45 13.21 -6.53
CA ASP B 284 31.64 11.82 -6.94
C ASP B 284 30.37 11.19 -7.56
N HIS B 285 29.27 11.93 -7.56
CA HIS B 285 27.99 11.41 -8.04
C HIS B 285 27.42 12.11 -9.26
N PHE B 286 27.44 13.45 -9.23
CA PHE B 286 26.90 14.30 -10.30
C PHE B 286 27.31 13.85 -11.71
N PRO B 287 28.60 13.52 -11.93
CA PRO B 287 29.03 13.20 -13.31
C PRO B 287 28.49 11.89 -13.88
N HIS B 288 27.92 11.03 -13.03
CA HIS B 288 27.37 9.73 -13.46
C HIS B 288 25.84 9.68 -13.59
N MET B 289 25.17 10.77 -13.22
CA MET B 289 23.71 10.83 -13.17
C MET B 289 23.08 10.86 -14.56
N ARG B 290 21.94 10.18 -14.71
CA ARG B 290 21.27 10.16 -16.01
C ARG B 290 20.77 11.54 -16.35
N ASP B 291 20.39 11.71 -17.62
CA ASP B 291 19.87 12.96 -18.10
C ASP B 291 18.61 13.48 -17.36
N ASP B 292 18.69 14.71 -16.88
CA ASP B 292 17.58 15.37 -16.19
C ASP B 292 17.21 14.72 -14.87
N ALA B 293 18.19 14.03 -14.27
CA ALA B 293 18.03 13.55 -12.91
C ALA B 293 17.68 14.74 -11.99
N ILE B 294 16.77 14.48 -11.05
CA ILE B 294 16.28 15.49 -10.14
C ILE B 294 16.94 15.31 -8.79
N VAL B 295 17.54 16.39 -8.31
CA VAL B 295 18.25 16.35 -7.04
C VAL B 295 17.62 17.33 -6.06
N CYS B 296 17.22 16.82 -4.90
CA CYS B 296 16.61 17.67 -3.88
C CYS B 296 16.95 17.20 -2.50
N ASN B 297 16.83 18.12 -1.55
CA ASN B 297 17.03 17.86 -0.14
C ASN B 297 15.80 18.23 0.66
N ILE B 298 15.47 17.43 1.67
CA ILE B 298 14.41 17.80 2.58
C ILE B 298 14.93 17.84 4.03
N GLY B 299 16.22 17.51 4.22
CA GLY B 299 16.91 17.74 5.50
C GLY B 299 17.01 19.23 5.82
N HIS B 300 17.31 19.58 7.08
CA HIS B 300 17.33 20.99 7.51
C HIS B 300 18.35 21.93 6.79
N PHE B 301 19.57 21.45 6.53
CA PHE B 301 20.58 22.27 5.85
C PHE B 301 20.86 21.81 4.42
N ASP B 302 21.07 22.79 3.52
CA ASP B 302 21.34 22.53 2.10
C ASP B 302 22.64 21.76 1.81
N THR B 303 23.56 21.75 2.75
CA THR B 303 24.90 21.19 2.49
C THR B 303 24.96 19.65 2.44
N GLU B 304 23.79 19.02 2.54
CA GLU B 304 23.64 17.59 2.24
C GLU B 304 24.04 17.33 0.78
N ILE B 305 23.80 18.32 -0.08
CA ILE B 305 24.14 18.29 -1.51
C ILE B 305 25.27 19.30 -1.76
N GLN B 306 26.28 18.92 -2.53
CA GLN B 306 27.38 19.84 -2.83
C GLN B 306 26.99 20.83 -3.92
N VAL B 307 26.12 21.78 -3.56
CA VAL B 307 25.59 22.75 -4.54
C VAL B 307 26.67 23.70 -5.09
N GLY B 308 27.58 24.17 -4.22
CA GLY B 308 28.72 25.00 -4.65
C GLY B 308 29.56 24.34 -5.75
N TRP B 309 29.80 23.04 -5.62
CA TRP B 309 30.57 22.30 -6.62
C TRP B 309 29.77 22.20 -7.91
N LEU B 310 28.49 21.85 -7.80
CA LEU B 310 27.65 21.71 -8.98
C LEU B 310 27.67 23.00 -9.79
N GLU B 311 27.39 24.13 -9.13
CA GLU B 311 27.34 25.42 -9.81
C GLU B 311 28.67 25.85 -10.39
N ALA B 312 29.77 25.48 -9.73
CA ALA B 312 31.12 25.84 -10.17
C ALA B 312 31.64 24.97 -11.31
N ASN B 313 31.04 23.80 -11.50
CA ASN B 313 31.52 22.86 -12.51
C ASN B 313 30.59 22.65 -13.67
N ALA B 314 29.37 23.16 -13.54
CA ALA B 314 28.43 23.07 -14.62
C ALA B 314 28.89 24.00 -15.75
N LYS B 315 28.90 23.49 -16.97
CA LYS B 315 29.23 24.28 -18.13
C LYS B 315 28.06 25.18 -18.59
N GLU B 316 26.83 24.82 -18.20
CA GLU B 316 25.66 25.68 -18.42
C GLU B 316 24.71 25.67 -17.21
N HIS B 317 24.05 26.79 -17.00
CA HIS B 317 22.96 26.87 -16.02
C HIS B 317 21.77 27.58 -16.64
N VAL B 318 20.56 27.05 -16.43
CA VAL B 318 19.31 27.75 -16.79
C VAL B 318 18.33 27.74 -15.59
N GLU B 319 17.84 28.93 -15.19
CA GLU B 319 16.76 28.98 -14.23
C GLU B 319 15.45 28.70 -14.99
N ILE B 320 14.84 27.55 -14.71
CA ILE B 320 13.56 27.21 -15.35
C ILE B 320 12.48 28.17 -14.81
N LYS B 321 12.50 28.36 -13.49
CA LYS B 321 11.75 29.38 -12.77
C LYS B 321 12.40 29.42 -11.40
N PRO B 322 11.97 30.39 -10.55
CA PRO B 322 12.64 30.44 -9.25
C PRO B 322 12.59 29.08 -8.50
N GLN B 323 13.73 28.72 -7.91
CA GLN B 323 13.93 27.46 -7.16
C GLN B 323 13.89 26.18 -8.01
N VAL B 324 14.00 26.32 -9.33
CA VAL B 324 14.18 25.18 -10.24
C VAL B 324 15.32 25.52 -11.22
N ASP B 325 16.45 24.86 -11.06
CA ASP B 325 17.63 25.16 -11.85
C ASP B 325 18.18 23.92 -12.52
N ARG B 326 18.47 24.06 -13.80
CA ARG B 326 18.96 22.97 -14.64
C ARG B 326 20.41 23.23 -15.03
N TYR B 327 21.27 22.25 -14.78
CA TYR B 327 22.71 22.36 -15.03
C TYR B 327 23.17 21.35 -16.09
N THR B 328 23.84 21.87 -17.11
CA THR B 328 24.49 21.03 -18.11
C THR B 328 25.93 20.78 -17.68
N MET B 329 26.28 19.51 -17.53
CA MET B 329 27.65 19.10 -17.17
C MET B 329 28.55 19.01 -18.39
N GLU B 330 29.85 18.80 -18.16
CA GLU B 330 30.79 18.64 -19.25
C GLU B 330 30.40 17.47 -20.18
N ASN B 331 29.84 16.40 -19.60
CA ASN B 331 29.38 15.25 -20.39
C ASN B 331 28.16 15.52 -21.30
N GLY B 332 27.59 16.71 -21.25
CA GLY B 332 26.40 17.02 -22.07
C GLY B 332 25.04 16.80 -21.42
N ARG B 333 24.99 16.05 -20.32
CA ARG B 333 23.71 15.72 -19.69
C ARG B 333 23.28 16.78 -18.65
N HIS B 334 22.03 16.71 -18.21
CA HIS B 334 21.50 17.75 -17.32
C HIS B 334 21.17 17.19 -15.93
N ILE B 335 21.26 18.08 -14.96
CA ILE B 335 20.86 17.84 -13.58
C ILE B 335 19.87 18.92 -13.21
N ILE B 336 18.77 18.54 -12.59
CA ILE B 336 17.76 19.48 -12.13
C ILE B 336 17.86 19.60 -10.60
N LEU B 337 18.13 20.81 -10.12
CA LEU B 337 18.33 21.04 -8.71
C LEU B 337 17.12 21.81 -8.22
N LEU B 338 16.52 21.36 -7.10
CA LEU B 338 15.37 22.06 -6.55
C LEU B 338 15.75 22.95 -5.37
N ALA B 339 15.21 24.17 -5.35
CA ALA B 339 15.45 25.16 -4.25
C ALA B 339 16.90 25.45 -3.84
N LYS B 340 17.83 25.28 -4.77
CA LYS B 340 19.26 25.32 -4.47
C LYS B 340 19.66 24.42 -3.30
N GLY B 341 19.04 23.24 -3.27
CA GLY B 341 19.32 22.27 -2.21
C GLY B 341 18.68 22.57 -0.86
N ARG B 342 17.93 23.66 -0.73
CA ARG B 342 17.23 23.94 0.55
C ARG B 342 15.98 23.06 0.68
N LEU B 343 15.45 22.91 1.89
CA LEU B 343 14.32 21.98 2.13
C LEU B 343 13.20 22.16 1.11
N VAL B 344 13.00 21.10 0.32
CA VAL B 344 12.26 21.18 -0.93
C VAL B 344 10.75 21.34 -0.69
N ASN B 345 10.28 20.73 0.41
CA ASN B 345 8.84 20.82 0.72
C ASN B 345 8.43 22.26 0.97
N LEU B 346 9.30 23.01 1.65
CA LEU B 346 9.08 24.42 1.97
C LEU B 346 9.56 25.38 0.87
N GLY B 347 10.61 25.00 0.15
CA GLY B 347 11.20 25.87 -0.83
C GLY B 347 10.48 25.89 -2.15
N CYS B 348 9.85 24.76 -2.49
CA CYS B 348 9.12 24.61 -3.74
C CYS B 348 7.60 24.40 -3.60
N ALA B 349 7.12 24.08 -2.40
CA ALA B 349 5.68 24.03 -2.12
C ALA B 349 5.36 24.82 -0.84
N SER B 350 4.49 24.29 0.00
CA SER B 350 4.04 25.02 1.19
C SER B 350 4.47 24.41 2.52
N GLY B 351 5.37 23.43 2.48
CA GLY B 351 5.76 22.68 3.68
C GLY B 351 4.71 21.69 4.13
N HIS B 352 4.85 21.12 5.32
CA HIS B 352 3.81 20.25 5.90
C HIS B 352 2.49 21.00 6.01
N PRO B 353 1.36 20.30 5.83
CA PRO B 353 0.06 20.97 5.92
C PRO B 353 -0.31 21.36 7.36
N SER B 354 -1.27 22.27 7.52
CA SER B 354 -1.76 22.72 8.82
C SER B 354 -2.05 21.65 9.89
N PHE B 355 -2.80 20.61 9.53
CA PHE B 355 -3.25 19.67 10.54
C PHE B 355 -2.10 19.02 11.31
N VAL B 356 -1.10 18.56 10.59
CA VAL B 356 0.05 17.96 11.26
C VAL B 356 0.91 19.00 11.98
N MET B 357 1.03 20.20 11.42
CA MET B 357 1.79 21.25 12.09
C MET B 357 1.15 21.67 13.44
N SER B 358 -0.17 21.51 13.53
CA SER B 358 -0.89 21.73 14.78
C SER B 358 -0.36 20.89 15.96
N ASN B 359 0.02 19.63 15.71
CA ASN B 359 0.62 18.81 16.77
C ASN B 359 1.87 19.46 17.36
N SER B 360 2.85 19.76 16.51
CA SER B 360 4.13 20.15 17.07
C SER B 360 4.08 21.59 17.59
N PHE B 361 3.26 22.40 16.95
CA PHE B 361 3.07 23.81 17.33
C PHE B 361 2.27 23.96 18.63
N THR B 362 1.31 23.07 18.86
CA THR B 362 0.63 22.99 20.17
C THR B 362 1.67 22.67 21.26
N ASN B 363 2.60 21.78 20.95
CA ASN B 363 3.71 21.49 21.85
C ASN B 363 4.70 22.63 22.02
N GLN B 364 4.99 23.37 20.96
CA GLN B 364 5.83 24.54 21.08
C GLN B 364 5.23 25.52 22.10
N VAL B 365 3.92 25.79 22.00
CA VAL B 365 3.23 26.76 22.88
C VAL B 365 3.36 26.28 24.32
N LEU B 366 3.17 24.96 24.52
CA LEU B 366 3.20 24.35 25.83
C LEU B 366 4.62 24.35 26.45
N ALA B 367 5.63 24.10 25.62
CA ALA B 367 7.02 24.15 26.07
C ALA B 367 7.39 25.54 26.60
N GLN B 368 6.92 26.54 25.86
CA GLN B 368 7.15 27.95 26.11
C GLN B 368 6.50 28.37 27.45
N ILE B 369 5.24 27.98 27.67
CA ILE B 369 4.58 28.16 28.97
C ILE B 369 5.34 27.48 30.12
N GLU B 370 5.72 26.23 29.91
CA GLU B 370 6.48 25.46 30.86
C GLU B 370 7.80 26.13 31.30
N LEU B 371 8.61 26.54 30.31
CA LEU B 371 9.88 27.23 30.54
C LEU B 371 9.66 28.58 31.23
N TRP B 372 8.73 29.37 30.69
CA TRP B 372 8.50 30.72 31.16
C TRP B 372 7.99 30.72 32.59
N SER B 373 7.00 29.88 32.85
CA SER B 373 6.35 29.87 34.13
C SER B 373 7.18 29.22 35.27
N ASN B 374 8.26 28.52 34.91
CA ASN B 374 9.15 27.93 35.90
C ASN B 374 10.55 28.57 35.87
N ARG B 375 10.62 29.81 35.37
CA ARG B 375 11.89 30.51 35.13
C ARG B 375 12.71 30.87 36.38
N ASP B 376 12.07 30.88 37.55
CA ASP B 376 12.72 31.31 38.79
C ASP B 376 12.93 30.22 39.84
N ASN B 377 12.19 29.12 39.74
CA ASN B 377 12.29 28.04 40.73
C ASN B 377 13.39 27.01 40.40
N GLY B 378 14.24 27.35 39.43
CA GLY B 378 15.36 26.50 39.01
C GLY B 378 15.01 25.15 38.40
N LYS B 379 13.75 24.97 37.96
CA LYS B 379 13.38 23.72 37.29
C LYS B 379 14.17 23.57 35.99
N TYR B 380 14.46 24.71 35.35
CA TYR B 380 15.22 24.73 34.12
C TYR B 380 16.43 25.65 34.29
N PRO B 381 17.49 25.12 34.94
CA PRO B 381 18.70 25.87 35.30
C PRO B 381 19.36 26.62 34.14
N ARG B 382 19.76 27.86 34.39
CA ARG B 382 20.68 28.56 33.51
C ARG B 382 22.12 28.40 34.01
N GLY B 383 23.08 28.51 33.09
CA GLY B 383 24.50 28.42 33.41
C GLY B 383 25.07 27.02 33.30
N ASP B 384 25.84 26.62 34.32
CA ASP B 384 26.60 25.37 34.28
C ASP B 384 25.73 24.12 34.28
N LYS B 385 24.58 24.21 34.94
CA LYS B 385 23.66 23.08 35.10
C LYS B 385 22.58 22.99 34.02
N ALA B 386 22.68 23.84 32.99
CA ALA B 386 21.70 23.83 31.88
C ALA B 386 21.57 22.44 31.23
N GLY B 387 20.34 22.06 30.91
CA GLY B 387 20.08 20.81 30.19
C GLY B 387 19.02 20.86 29.11
N VAL B 388 18.79 19.71 28.47
CA VAL B 388 17.74 19.52 27.50
C VAL B 388 16.68 18.64 28.16
N PHE B 389 15.42 19.10 28.16
CA PHE B 389 14.32 18.38 28.79
C PHE B 389 13.20 18.04 27.81
N PHE B 390 12.28 17.20 28.27
CA PHE B 390 11.09 16.83 27.54
C PHE B 390 9.86 17.34 28.28
N LEU B 391 8.80 17.61 27.53
CA LEU B 391 7.49 17.92 28.11
C LEU B 391 7.00 16.73 28.94
N PRO B 392 6.32 16.99 30.07
CA PRO B 392 5.72 15.87 30.83
C PRO B 392 4.85 14.99 29.94
N LYS B 393 5.03 13.67 30.06
CA LYS B 393 4.45 12.68 29.13
C LYS B 393 2.92 12.75 29.02
N ALA B 394 2.26 13.27 30.06
CA ALA B 394 0.81 13.44 30.04
C ALA B 394 0.31 14.49 29.04
N LEU B 395 1.20 15.39 28.61
CA LEU B 395 0.83 16.41 27.63
C LEU B 395 0.75 15.81 26.22
N ASP B 396 1.52 14.76 25.97
CA ASP B 396 1.46 14.06 24.69
C ASP B 396 0.05 13.55 24.42
N GLU B 397 -0.54 12.91 25.42
CA GLU B 397 -1.94 12.49 25.43
C GLU B 397 -2.93 13.65 25.22
N LYS B 398 -2.77 14.75 25.96
CA LYS B 398 -3.65 15.92 25.85
C LYS B 398 -3.64 16.51 24.45
N VAL B 399 -2.46 16.67 23.86
CA VAL B 399 -2.32 17.25 22.51
C VAL B 399 -3.02 16.38 21.46
N ALA B 400 -2.72 15.09 21.47
CA ALA B 400 -3.35 14.11 20.60
C ALA B 400 -4.88 14.19 20.72
N ALA B 401 -5.38 14.16 21.95
CA ALA B 401 -6.84 14.25 22.20
C ALA B 401 -7.51 15.47 21.54
N LEU B 402 -6.82 16.61 21.49
CA LEU B 402 -7.38 17.80 20.84
C LEU B 402 -7.61 17.65 19.34
N HIS B 403 -6.97 16.67 18.70
CA HIS B 403 -7.06 16.53 17.24
C HIS B 403 -8.05 15.45 16.76
N LEU B 404 -8.62 14.71 17.70
CA LEU B 404 -9.47 13.57 17.37
C LEU B 404 -10.82 13.90 16.77
N ALA B 405 -11.48 14.93 17.29
CA ALA B 405 -12.79 15.31 16.76
C ALA B 405 -12.70 15.68 15.29
N HIS B 406 -11.66 16.45 14.90
CA HIS B 406 -11.51 16.88 13.50
C HIS B 406 -11.56 15.69 12.54
N VAL B 407 -10.94 14.58 12.92
CA VAL B 407 -10.94 13.41 12.04
C VAL B 407 -12.09 12.42 12.31
N GLY B 408 -12.94 12.74 13.30
CA GLY B 408 -14.10 11.89 13.65
C GLY B 408 -13.71 10.57 14.30
N ALA B 409 -12.65 10.60 15.11
CA ALA B 409 -12.15 9.41 15.79
C ALA B 409 -12.84 9.28 17.14
N LYS B 410 -13.46 8.13 17.40
CA LYS B 410 -14.24 7.91 18.64
C LYS B 410 -13.46 7.03 19.59
N LEU B 411 -13.11 7.59 20.73
CA LEU B 411 -12.31 6.89 21.73
C LEU B 411 -13.17 5.94 22.56
N THR B 412 -12.65 4.74 22.81
CA THR B 412 -13.29 3.80 23.73
C THR B 412 -12.96 4.16 25.18
N LYS B 413 -13.97 4.13 26.04
CA LYS B 413 -13.79 4.34 27.49
C LYS B 413 -13.45 3.02 28.17
N LEU B 414 -12.38 3.00 28.97
CA LEU B 414 -12.13 1.83 29.82
C LEU B 414 -13.18 1.76 30.93
N THR B 415 -13.62 0.55 31.26
CA THR B 415 -14.49 0.33 32.42
C THR B 415 -13.62 0.51 33.67
N PRO B 416 -14.25 0.74 34.83
CA PRO B 416 -13.45 0.80 36.08
C PRO B 416 -12.56 -0.44 36.31
N LYS B 417 -13.06 -1.62 35.98
CA LYS B 417 -12.27 -2.84 36.13
C LYS B 417 -11.08 -2.91 35.16
N GLN B 418 -11.29 -2.46 33.92
CA GLN B 418 -10.22 -2.41 32.92
C GLN B 418 -9.09 -1.45 33.28
N ALA B 419 -9.44 -0.29 33.85
CA ALA B 419 -8.44 0.69 34.29
C ALA B 419 -7.38 0.11 35.26
N GLU B 420 -7.82 -0.71 36.22
CA GLU B 420 -6.89 -1.41 37.12
C GLU B 420 -6.55 -2.82 36.63
N ASP C 3 13.04 -38.43 30.42
CA ASP C 3 12.84 -37.17 31.21
C ASP C 3 12.21 -36.04 30.38
N TYR C 4 11.00 -36.28 29.88
CA TYR C 4 10.28 -35.31 29.06
C TYR C 4 8.84 -35.76 28.86
N LYS C 5 8.00 -34.86 28.38
CA LYS C 5 6.62 -35.20 27.98
C LYS C 5 6.19 -34.36 26.77
N VAL C 6 6.11 -35.02 25.63
CA VAL C 6 5.71 -34.43 24.35
C VAL C 6 4.61 -35.32 23.77
N LYS C 7 4.00 -34.90 22.66
CA LYS C 7 2.92 -35.67 22.05
C LYS C 7 3.39 -37.00 21.46
N ASP C 8 4.49 -36.98 20.72
CA ASP C 8 4.83 -38.06 19.80
C ASP C 8 6.28 -37.95 19.34
N ILE C 9 7.17 -38.67 20.02
CA ILE C 9 8.62 -38.63 19.77
C ILE C 9 9.00 -39.05 18.34
N SER C 10 8.04 -39.62 17.61
CA SER C 10 8.32 -40.03 16.24
C SER C 10 8.19 -38.84 15.25
N LEU C 11 7.90 -37.65 15.77
CA LEU C 11 7.85 -36.45 14.92
C LEU C 11 9.20 -35.74 14.89
N ALA C 12 10.18 -36.31 15.60
CA ALA C 12 11.51 -35.76 15.76
C ALA C 12 12.24 -35.52 14.43
N GLU C 13 12.13 -36.48 13.52
CA GLU C 13 12.75 -36.42 12.20
C GLU C 13 12.28 -35.21 11.40
N TRP C 14 10.96 -35.04 11.33
CA TRP C 14 10.33 -33.91 10.69
C TRP C 14 10.76 -32.61 11.39
N GLY C 15 10.58 -32.56 12.71
CA GLY C 15 11.09 -31.47 13.53
C GLY C 15 12.49 -30.99 13.16
N ARG C 16 13.45 -31.91 13.20
CA ARG C 16 14.87 -31.63 12.85
C ARG C 16 15.09 -31.00 11.48
N LYS C 17 14.42 -31.52 10.45
CA LYS C 17 14.48 -30.93 9.11
C LYS C 17 13.98 -29.48 9.07
N ALA C 18 12.93 -29.22 9.84
CA ALA C 18 12.29 -27.93 9.87
C ALA C 18 13.21 -26.95 10.62
N ILE C 19 13.78 -27.43 11.71
CA ILE C 19 14.73 -26.66 12.51
C ILE C 19 15.97 -26.24 11.71
N GLU C 20 16.45 -27.16 10.86
CA GLU C 20 17.61 -26.89 10.02
C GLU C 20 17.32 -25.75 9.03
N LEU C 21 16.15 -25.78 8.41
CA LEU C 21 15.67 -24.71 7.54
C LEU C 21 15.51 -23.40 8.32
N ALA C 22 14.92 -23.46 9.51
CA ALA C 22 14.81 -22.28 10.37
C ALA C 22 16.20 -21.65 10.66
N GLU C 23 17.17 -22.49 10.99
CA GLU C 23 18.55 -22.04 11.21
C GLU C 23 19.02 -21.14 10.10
N ASN C 24 18.75 -21.51 8.86
CA ASN C 24 19.11 -20.69 7.72
C ASN C 24 18.45 -19.33 7.67
N GLU C 25 17.32 -19.22 8.36
CA GLU C 25 16.53 -18.01 8.42
C GLU C 25 16.77 -17.23 9.70
N MET C 26 17.74 -17.67 10.50
CA MET C 26 17.97 -17.06 11.83
C MET C 26 19.46 -16.69 12.09
N PRO C 27 20.06 -15.85 11.20
CA PRO C 27 21.50 -15.56 11.29
C PRO C 27 21.94 -14.94 12.61
N GLY C 28 21.06 -14.22 13.28
CA GLY C 28 21.37 -13.66 14.58
C GLY C 28 21.79 -14.74 15.57
N LEU C 29 20.92 -15.73 15.78
CA LEU C 29 21.24 -16.85 16.65
C LEU C 29 22.43 -17.68 16.18
N MET C 30 22.49 -17.96 14.88
CA MET C 30 23.62 -18.72 14.33
C MET C 30 24.98 -18.01 14.51
N GLU C 31 25.02 -16.69 14.35
CA GLU C 31 26.25 -15.92 14.59
C GLU C 31 26.64 -15.88 16.07
N LEU C 32 25.67 -15.87 16.98
CA LEU C 32 25.96 -15.90 18.40
C LEU C 32 26.60 -17.23 18.81
N ARG C 33 26.10 -18.32 18.23
CA ARG C 33 26.74 -19.63 18.37
C ARG C 33 28.22 -19.58 17.96
N ARG C 34 28.48 -19.01 16.78
CA ARG C 34 29.85 -18.91 16.27
CA ARG C 34 29.85 -18.90 16.25
C ARG C 34 30.76 -18.05 17.14
N GLU C 35 30.26 -16.87 17.54
CA GLU C 35 31.06 -15.88 18.30
C GLU C 35 31.27 -16.20 19.80
N TYR C 36 30.25 -16.75 20.46
CA TYR C 36 30.33 -17.02 21.89
C TYR C 36 30.60 -18.48 22.24
N GLY C 37 30.61 -19.35 21.23
CA GLY C 37 30.85 -20.80 21.40
C GLY C 37 32.12 -21.18 22.17
N PRO C 38 33.30 -20.73 21.68
CA PRO C 38 34.59 -20.94 22.35
C PRO C 38 34.64 -20.56 23.83
N SER C 39 34.06 -19.42 24.18
CA SER C 39 34.15 -18.92 25.55
C SER C 39 33.08 -19.47 26.50
N GLN C 40 32.05 -20.09 25.96
CA GLN C 40 31.00 -20.72 26.78
C GLN C 40 30.45 -19.80 27.89
N PRO C 41 29.96 -18.60 27.50
CA PRO C 41 29.52 -17.61 28.50
C PRO C 41 28.40 -18.07 29.45
N LEU C 42 27.66 -19.10 29.07
CA LEU C 42 26.55 -19.55 29.92
C LEU C 42 26.84 -20.85 30.69
N LYS C 43 28.11 -21.28 30.64
CA LYS C 43 28.57 -22.47 31.42
C LYS C 43 28.26 -22.21 32.88
N GLY C 44 27.37 -23.01 33.45
CA GLY C 44 26.93 -22.81 34.82
C GLY C 44 25.47 -22.39 34.91
N ALA C 45 25.01 -21.65 33.91
CA ALA C 45 23.61 -21.21 33.88
C ALA C 45 22.67 -22.41 33.89
N LYS C 46 21.66 -22.35 34.75
CA LYS C 46 20.59 -23.34 34.72
C LYS C 46 19.28 -22.60 34.42
N ILE C 47 18.78 -22.69 33.20
CA ILE C 47 17.66 -21.87 32.76
C ILE C 47 16.32 -22.61 32.73
N ALA C 48 15.38 -22.14 33.52
CA ALA C 48 13.98 -22.53 33.39
C ALA C 48 13.40 -21.67 32.27
N GLY C 49 12.86 -22.34 31.25
CA GLY C 49 12.32 -21.69 30.07
C GLY C 49 10.83 -21.93 29.95
N CYS C 50 10.09 -20.86 29.70
CA CYS C 50 8.66 -20.93 29.50
C CYS C 50 8.28 -20.03 28.31
N LEU C 51 8.26 -20.62 27.13
CA LEU C 51 8.10 -19.90 25.89
C LEU C 51 7.67 -20.87 24.80
N HIS C 52 6.63 -20.47 24.04
CA HIS C 52 5.99 -21.27 22.98
C HIS C 52 6.96 -22.26 22.33
N MET C 53 6.67 -23.55 22.43
CA MET C 53 7.63 -24.58 22.00
C MET C 53 7.57 -24.84 20.48
N THR C 54 8.06 -23.86 19.74
CA THR C 54 8.01 -23.86 18.29
C THR C 54 9.37 -24.23 17.70
N VAL C 55 9.39 -24.47 16.40
CA VAL C 55 10.61 -24.53 15.59
C VAL C 55 11.58 -23.38 15.91
N GLN C 56 11.07 -22.16 16.02
CA GLN C 56 11.91 -20.98 16.28
C GLN C 56 12.53 -21.07 17.66
N THR C 57 11.74 -21.45 18.65
CA THR C 57 12.20 -21.60 20.00
C THR C 57 13.30 -22.69 20.10
N ALA C 58 13.13 -23.78 19.36
CA ALA C 58 14.14 -24.83 19.30
C ALA C 58 15.51 -24.29 18.92
N VAL C 59 15.56 -23.45 17.90
CA VAL C 59 16.82 -22.79 17.55
C VAL C 59 17.34 -21.96 18.72
N LEU C 60 16.45 -21.28 19.44
CA LEU C 60 16.83 -20.52 20.62
C LEU C 60 17.41 -21.43 21.72
N ILE C 61 16.72 -22.54 21.95
CA ILE C 61 17.13 -23.53 22.95
C ILE C 61 18.52 -24.04 22.61
N GLU C 62 18.74 -24.35 21.35
CA GLU C 62 20.01 -24.95 20.95
C GLU C 62 21.15 -23.92 20.90
N THR C 63 20.79 -22.65 20.78
CA THR C 63 21.78 -21.58 20.90
C THR C 63 22.21 -21.48 22.38
N LEU C 64 21.23 -21.46 23.27
CA LEU C 64 21.50 -21.38 24.70
C LEU C 64 22.36 -22.56 25.21
N LYS C 65 22.04 -23.78 24.77
CA LYS C 65 22.85 -24.98 25.08
C LYS C 65 24.25 -24.94 24.46
N ALA C 66 24.34 -24.54 23.19
CA ALA C 66 25.64 -24.34 22.53
C ALA C 66 26.56 -23.35 23.25
N LEU C 67 25.97 -22.50 24.09
CA LEU C 67 26.75 -21.50 24.83
C LEU C 67 27.05 -21.93 26.27
N GLY C 68 26.64 -23.15 26.62
CA GLY C 68 26.97 -23.76 27.92
C GLY C 68 25.88 -23.92 28.95
N ALA C 69 24.64 -23.55 28.61
CA ALA C 69 23.53 -23.60 29.57
C ALA C 69 22.90 -24.98 29.73
N GLU C 70 22.35 -25.25 30.93
CA GLU C 70 21.42 -26.35 31.13
C GLU C 70 20.00 -25.79 31.07
N LEU C 71 19.16 -26.43 30.27
CA LEU C 71 17.77 -25.96 30.08
C LEU C 71 16.71 -26.98 30.47
N ARG C 72 15.62 -26.48 31.05
CA ARG C 72 14.36 -27.25 31.17
C ARG C 72 13.22 -26.39 30.64
N TRP C 73 12.48 -26.90 29.66
CA TRP C 73 11.56 -26.07 28.90
C TRP C 73 10.09 -26.48 28.96
N SER C 74 9.22 -25.48 29.10
CA SER C 74 7.79 -25.64 28.84
C SER C 74 7.27 -24.55 27.89
N SER C 75 6.12 -24.83 27.26
CA SER C 75 5.41 -23.84 26.46
C SER C 75 4.69 -22.86 27.38
N CYS C 76 4.46 -21.62 26.93
CA CYS C 76 3.71 -20.62 27.71
C CYS C 76 2.26 -20.46 27.23
N ASN C 77 1.84 -21.39 26.38
CA ASN C 77 0.46 -21.43 25.92
C ASN C 77 0.03 -22.86 25.62
N ILE C 78 -1.22 -23.14 25.94
CA ILE C 78 -1.85 -24.44 25.72
C ILE C 78 -1.92 -24.97 24.27
N PHE C 79 -2.00 -24.05 23.30
CA PHE C 79 -2.21 -24.43 21.89
C PHE C 79 -1.08 -24.05 20.94
N SER C 80 0.02 -23.53 21.48
CA SER C 80 1.11 -22.98 20.65
C SER C 80 2.27 -23.94 20.31
N THR C 81 2.43 -25.02 21.09
CA THR C 81 3.49 -25.99 20.80
C THR C 81 3.35 -26.56 19.39
N GLN C 82 4.48 -26.70 18.71
CA GLN C 82 4.57 -27.43 17.44
C GLN C 82 5.20 -28.77 17.78
N ASP C 83 4.39 -29.82 17.74
CA ASP C 83 4.79 -31.12 18.28
C ASP C 83 6.07 -31.67 17.63
N ASN C 84 6.27 -31.40 16.33
CA ASN C 84 7.51 -31.82 15.65
C ASN C 84 8.77 -31.19 16.26
N ALA C 85 8.66 -29.93 16.67
CA ALA C 85 9.77 -29.21 17.25
C ALA C 85 10.10 -29.68 18.67
N ALA C 86 9.06 -29.85 19.48
CA ALA C 86 9.18 -30.39 20.83
C ALA C 86 9.82 -31.78 20.80
N ALA C 87 9.37 -32.61 19.84
CA ALA C 87 9.90 -33.97 19.66
C ALA C 87 11.37 -33.96 19.29
N ALA C 88 11.75 -33.08 18.37
CA ALA C 88 13.15 -32.93 17.95
C ALA C 88 14.05 -32.51 19.11
N ILE C 89 13.53 -31.64 19.97
CA ILE C 89 14.24 -31.17 21.15
C ILE C 89 14.37 -32.29 22.21
N ALA C 90 13.29 -33.01 22.47
CA ALA C 90 13.31 -34.09 23.46
C ALA C 90 14.34 -35.16 23.07
N LYS C 91 14.32 -35.53 21.79
CA LYS C 91 15.25 -36.49 21.21
C LYS C 91 16.74 -36.12 21.38
N THR C 92 17.05 -34.85 21.69
CA THR C 92 18.44 -34.46 21.94
C THR C 92 18.81 -34.58 23.41
N GLY C 93 17.80 -34.85 24.24
CA GLY C 93 18.01 -35.01 25.67
C GLY C 93 17.91 -33.73 26.45
N VAL C 94 17.24 -32.73 25.89
CA VAL C 94 16.89 -31.53 26.63
C VAL C 94 15.49 -31.76 27.23
N PRO C 95 15.37 -31.63 28.57
CA PRO C 95 14.05 -31.83 29.21
C PRO C 95 13.01 -30.79 28.77
N VAL C 96 11.98 -31.26 28.06
CA VAL C 96 10.96 -30.37 27.51
C VAL C 96 9.58 -30.95 27.79
N PHE C 97 8.69 -30.11 28.31
CA PHE C 97 7.36 -30.55 28.67
C PHE C 97 6.32 -29.70 27.96
N ALA C 98 5.86 -30.21 26.81
CA ALA C 98 5.06 -29.43 25.89
C ALA C 98 4.41 -30.26 24.78
N TRP C 99 3.12 -30.05 24.60
CA TRP C 99 2.39 -30.56 23.45
C TRP C 99 1.24 -29.63 23.06
N LYS C 100 0.89 -29.59 21.78
CA LYS C 100 -0.29 -28.83 21.36
C LYS C 100 -1.55 -29.45 21.97
N GLY C 101 -2.38 -28.62 22.58
CA GLY C 101 -3.64 -29.09 23.12
C GLY C 101 -3.65 -29.51 24.58
N GLU C 102 -2.67 -29.07 25.37
CA GLU C 102 -2.65 -29.34 26.82
C GLU C 102 -3.95 -28.86 27.50
N THR C 103 -4.35 -29.53 28.59
CA THR C 103 -5.38 -28.99 29.48
C THR C 103 -4.70 -28.02 30.44
N ASP C 104 -5.50 -27.19 31.10
CA ASP C 104 -5.03 -26.26 32.13
C ASP C 104 -4.15 -26.93 33.18
N GLU C 105 -4.63 -28.06 33.72
CA GLU C 105 -3.92 -28.84 34.73
C GLU C 105 -2.58 -29.30 34.19
N GLU C 106 -2.61 -29.85 32.99
CA GLU C 106 -1.37 -30.30 32.33
C GLU C 106 -0.41 -29.13 32.12
N TYR C 107 -0.98 -27.95 31.83
CA TYR C 107 -0.18 -26.75 31.58
C TYR C 107 0.68 -26.39 32.79
N GLU C 108 0.06 -26.39 33.97
CA GLU C 108 0.75 -26.08 35.22
C GLU C 108 1.78 -27.14 35.57
N TRP C 109 1.37 -28.40 35.44
CA TRP C 109 2.27 -29.54 35.59
C TRP C 109 3.55 -29.34 34.77
N CYS C 110 3.40 -29.01 33.50
CA CYS C 110 4.54 -28.75 32.62
C CYS C 110 5.49 -27.71 33.19
N ILE C 111 4.96 -26.58 33.64
CA ILE C 111 5.81 -25.55 34.18
C ILE C 111 6.52 -26.06 35.44
N ALA C 112 5.79 -26.77 36.30
CA ALA C 112 6.37 -27.33 37.54
C ALA C 112 7.58 -28.23 37.28
N GLN C 113 7.59 -28.92 36.14
CA GLN C 113 8.70 -29.80 35.77
C GLN C 113 9.99 -29.08 35.43
N THR C 114 9.88 -27.79 35.10
CA THR C 114 11.05 -27.00 34.69
C THR C 114 11.77 -26.41 35.89
N VAL C 115 11.15 -26.54 37.06
CA VAL C 115 11.60 -25.83 38.25
C VAL C 115 12.37 -26.76 39.23
N LYS C 116 12.61 -27.98 38.78
CA LYS C 116 13.39 -28.98 39.51
C LYS C 116 14.08 -29.85 38.47
N GLY C 117 15.02 -30.70 38.90
CA GLY C 117 15.60 -31.71 38.00
C GLY C 117 16.90 -31.37 37.30
N PHE C 118 17.52 -30.25 37.65
CA PHE C 118 18.84 -29.89 37.09
C PHE C 118 19.95 -30.69 37.81
N SER C 119 21.20 -30.48 37.40
CA SER C 119 22.35 -31.04 38.11
C SER C 119 22.59 -30.29 39.42
N GLY C 120 23.47 -30.81 40.27
CA GLY C 120 23.65 -30.24 41.60
C GLY C 120 22.36 -30.43 42.40
N ASP C 121 21.97 -29.40 43.15
CA ASP C 121 20.75 -29.47 43.96
C ASP C 121 19.45 -29.64 43.13
N GLY C 122 19.61 -29.67 41.81
CA GLY C 122 18.48 -29.83 40.90
C GLY C 122 17.66 -28.56 40.69
N LEU C 123 18.26 -27.41 40.99
CA LEU C 123 17.52 -26.14 41.01
C LEU C 123 17.95 -25.21 39.87
N PRO C 124 16.98 -24.46 39.30
CA PRO C 124 17.30 -23.41 38.32
C PRO C 124 17.91 -22.17 38.99
N ASN C 125 18.80 -21.50 38.28
CA ASN C 125 19.28 -20.19 38.72
C ASN C 125 18.94 -19.04 37.74
N MET C 126 18.21 -19.35 36.66
CA MET C 126 17.80 -18.34 35.66
C MET C 126 16.38 -18.57 35.15
N ILE C 127 15.68 -17.49 34.80
CA ILE C 127 14.35 -17.57 34.20
C ILE C 127 14.34 -16.83 32.86
N LEU C 128 13.83 -17.50 31.83
CA LEU C 128 13.54 -16.92 30.52
C LEU C 128 12.05 -17.09 30.32
N ASP C 129 11.32 -15.99 30.36
CA ASP C 129 9.87 -16.05 30.41
C ASP C 129 9.19 -15.32 29.27
N ASP C 130 7.91 -15.61 29.09
CA ASP C 130 7.10 -15.06 28.02
C ASP C 130 5.68 -15.01 28.57
N GLY C 131 5.32 -13.87 29.14
CA GLY C 131 3.99 -13.71 29.67
C GLY C 131 3.94 -13.58 31.18
N GLY C 132 4.95 -14.12 31.86
CA GLY C 132 5.09 -13.94 33.31
C GLY C 132 4.62 -15.12 34.14
N ASP C 133 4.08 -16.14 33.48
CA ASP C 133 3.57 -17.33 34.18
C ASP C 133 4.65 -18.02 35.05
N LEU C 134 5.81 -18.33 34.47
CA LEU C 134 6.91 -18.94 35.21
C LEU C 134 7.45 -18.03 36.34
N THR C 135 7.63 -16.76 36.02
CA THR C 135 8.00 -15.73 36.98
C THR C 135 7.04 -15.77 38.19
N ASN C 136 5.74 -15.74 37.90
CA ASN C 136 4.70 -15.73 38.94
C ASN C 136 4.64 -17.02 39.75
N LEU C 137 4.91 -18.15 39.11
CA LEU C 137 4.98 -19.41 39.84
C LEU C 137 6.15 -19.41 40.82
N VAL C 138 7.33 -18.98 40.35
CA VAL C 138 8.52 -19.00 41.19
C VAL C 138 8.36 -18.07 42.40
N ILE C 139 7.90 -16.84 42.17
CA ILE C 139 7.74 -15.89 43.26
C ILE C 139 6.62 -16.33 44.22
N ASP C 140 5.42 -16.55 43.70
CA ASP C 140 4.26 -16.88 44.54
C ASP C 140 4.26 -18.30 45.12
N ARG C 141 4.79 -19.28 44.39
CA ARG C 141 4.69 -20.68 44.82
C ARG C 141 6.00 -21.34 45.26
N TYR C 142 7.14 -20.73 44.93
CA TYR C 142 8.43 -21.28 45.35
C TYR C 142 9.32 -20.22 46.02
N PRO C 143 8.83 -19.62 47.13
CA PRO C 143 9.59 -18.52 47.74
C PRO C 143 10.95 -18.96 48.26
N GLU C 144 11.11 -20.25 48.53
CA GLU C 144 12.41 -20.78 48.93
C GLU C 144 13.42 -20.77 47.78
N LEU C 145 12.91 -20.63 46.56
CA LEU C 145 13.74 -20.60 45.34
C LEU C 145 14.15 -19.19 44.89
N VAL C 146 13.38 -18.17 45.29
CA VAL C 146 13.67 -16.77 44.94
C VAL C 146 15.17 -16.38 45.09
N PRO C 147 15.77 -16.61 46.29
CA PRO C 147 17.19 -16.27 46.44
C PRO C 147 18.15 -16.92 45.43
N LYS C 148 17.70 -17.94 44.71
CA LYS C 148 18.58 -18.72 43.84
C LYS C 148 18.65 -18.17 42.42
N ILE C 149 17.63 -17.42 42.04
CA ILE C 149 17.50 -16.93 40.67
C ILE C 149 18.19 -15.58 40.46
N PHE C 150 19.17 -15.57 39.56
CA PHE C 150 20.02 -14.40 39.32
C PHE C 150 19.41 -13.38 38.36
N GLY C 151 18.34 -13.76 37.65
CA GLY C 151 17.69 -12.85 36.71
C GLY C 151 16.54 -13.43 35.91
N ILE C 152 15.67 -12.54 35.42
CA ILE C 152 14.58 -12.88 34.52
C ILE C 152 14.79 -12.12 33.22
N SER C 153 14.65 -12.79 32.08
CA SER C 153 14.47 -12.09 30.81
C SER C 153 13.07 -12.33 30.25
N GLU C 154 12.35 -11.24 30.00
CA GLU C 154 10.93 -11.27 29.60
C GLU C 154 10.72 -10.86 28.14
N GLU C 155 9.98 -11.71 27.42
CA GLU C 155 9.82 -11.66 25.99
C GLU C 155 8.77 -10.65 25.49
N THR C 156 7.63 -10.54 26.19
CA THR C 156 6.41 -9.95 25.61
C THR C 156 5.78 -8.78 26.41
N THR C 157 4.94 -8.00 25.74
CA THR C 157 4.34 -6.81 26.36
C THR C 157 3.61 -7.14 27.67
N THR C 158 2.71 -8.13 27.61
CA THR C 158 1.97 -8.61 28.82
C THR C 158 2.88 -8.96 30.01
N GLY C 159 3.94 -9.74 29.76
CA GLY C 159 4.92 -10.07 30.79
C GLY C 159 5.59 -8.84 31.40
N VAL C 160 5.90 -7.85 30.55
CA VAL C 160 6.53 -6.62 30.99
C VAL C 160 5.58 -5.83 31.90
N LYS C 161 4.31 -5.73 31.50
CA LYS C 161 3.25 -5.15 32.35
C LYS C 161 3.16 -5.88 33.68
N ASN C 162 3.24 -7.20 33.64
CA ASN C 162 3.25 -8.00 34.87
C ASN C 162 4.40 -7.66 35.83
N LEU C 163 5.59 -7.38 35.27
CA LEU C 163 6.76 -7.05 36.10
C LEU C 163 6.62 -5.68 36.78
N TYR C 164 6.26 -4.67 35.99
CA TYR C 164 6.03 -3.33 36.52
C TYR C 164 4.93 -3.32 37.56
N LYS C 165 3.89 -4.12 37.33
CA LYS C 165 2.79 -4.25 38.28
C LYS C 165 3.34 -4.79 39.59
N ARG C 166 3.99 -5.95 39.52
CA ARG C 166 4.70 -6.53 40.66
C ARG C 166 5.56 -5.51 41.40
N LEU C 167 6.49 -4.89 40.66
CA LEU C 167 7.42 -3.94 41.24
C LEU C 167 6.70 -2.90 42.10
N SER C 168 5.69 -2.24 41.52
CA SER C 168 4.95 -1.17 42.21
C SER C 168 4.24 -1.61 43.50
N LYS C 169 4.13 -2.92 43.72
CA LYS C 169 3.54 -3.45 44.96
C LYS C 169 4.59 -4.14 45.85
N GLY C 170 5.87 -3.94 45.53
CA GLY C 170 6.98 -4.55 46.26
C GLY C 170 7.08 -6.05 46.09
N ASN C 171 6.51 -6.57 45.00
CA ASN C 171 6.49 -8.00 44.78
C ASN C 171 7.44 -8.48 43.67
N LEU C 172 8.47 -7.69 43.38
CA LEU C 172 9.52 -8.11 42.45
C LEU C 172 10.91 -8.24 43.11
N PRO C 173 11.25 -9.44 43.60
CA PRO C 173 12.54 -9.62 44.28
C PRO C 173 13.64 -10.16 43.37
N ILE C 174 13.36 -10.33 42.09
CA ILE C 174 14.38 -10.75 41.13
C ILE C 174 14.44 -9.67 40.05
N SER C 175 15.65 -9.28 39.66
CA SER C 175 15.77 -8.30 38.58
C SER C 175 15.52 -8.90 37.19
N ALA C 176 14.89 -8.10 36.32
CA ALA C 176 14.47 -8.54 34.99
C ALA C 176 15.03 -7.67 33.88
N ILE C 177 15.41 -8.29 32.77
CA ILE C 177 15.68 -7.54 31.53
C ILE C 177 14.49 -7.60 30.58
N ASN C 178 13.93 -6.42 30.32
CA ASN C 178 12.87 -6.16 29.35
C ASN C 178 13.42 -6.30 27.92
N VAL C 179 13.22 -7.46 27.31
CA VAL C 179 13.65 -7.71 25.92
C VAL C 179 12.60 -7.22 24.91
N ASN C 180 11.31 -7.31 25.30
CA ASN C 180 10.21 -6.82 24.45
C ASN C 180 10.51 -5.42 23.88
N ASP C 181 11.05 -4.53 24.72
CA ASP C 181 11.37 -3.18 24.29
C ASP C 181 12.86 -3.01 24.09
N LYS C 185 13.31 -5.58 18.87
CA LYS C 185 12.29 -6.56 19.25
C LYS C 185 10.85 -6.08 18.92
N SER C 186 10.21 -5.30 19.80
CA SER C 186 8.78 -4.95 19.63
C SER C 186 8.46 -4.16 18.35
N LYS C 187 9.42 -3.32 17.93
CA LYS C 187 9.33 -2.56 16.67
C LYS C 187 9.32 -3.50 15.47
N PHE C 188 9.75 -4.75 15.70
CA PHE C 188 10.00 -5.72 14.64
C PHE C 188 9.13 -6.94 14.83
N ASP C 189 9.50 -7.77 15.80
CA ASP C 189 8.68 -8.90 16.19
C ASP C 189 7.18 -8.55 16.04
N ASN C 190 6.75 -7.51 16.73
CA ASN C 190 5.34 -7.33 16.95
C ASN C 190 4.64 -6.88 15.69
N LEU C 191 5.08 -5.78 15.09
CA LEU C 191 4.44 -5.24 13.90
C LEU C 191 4.65 -6.19 12.72
N TYR C 192 5.90 -6.35 12.31
CA TYR C 192 6.20 -7.16 11.12
C TYR C 192 5.75 -8.60 11.27
N GLY C 193 5.87 -9.14 12.48
CA GLY C 193 5.52 -10.54 12.77
C GLY C 193 4.03 -10.77 12.62
N CYS C 194 3.23 -9.92 13.27
CA CYS C 194 1.78 -10.07 13.23
C CYS C 194 1.24 -9.79 11.83
N ARG C 195 1.89 -8.84 11.16
CA ARG C 195 1.55 -8.54 9.76
C ARG C 195 1.56 -9.77 8.85
N GLU C 196 2.36 -10.78 9.18
CA GLU C 196 2.35 -12.00 8.40
C GLU C 196 1.65 -13.17 9.06
N SER C 197 1.68 -13.21 10.38
CA SER C 197 1.18 -14.41 11.05
C SER C 197 -0.32 -14.32 11.42
N LEU C 198 -0.86 -13.10 11.52
CA LEU C 198 -2.31 -12.98 11.82
C LEU C 198 -3.15 -13.66 10.77
N VAL C 199 -2.98 -13.26 9.52
CA VAL C 199 -3.79 -13.77 8.43
C VAL C 199 -3.46 -15.27 8.15
N ASP C 200 -2.22 -15.67 8.44
CA ASP C 200 -1.78 -17.05 8.30
C ASP C 200 -2.66 -17.93 9.22
N GLY C 201 -2.84 -17.53 10.47
CA GLY C 201 -3.71 -18.23 11.41
C GLY C 201 -5.17 -18.29 10.97
N ILE C 202 -5.73 -17.15 10.58
CA ILE C 202 -7.10 -17.09 10.10
C ILE C 202 -7.31 -18.01 8.90
N LYS C 203 -6.40 -17.98 7.93
CA LYS C 203 -6.60 -18.74 6.70
C LYS C 203 -6.45 -20.22 6.91
N ARG C 204 -5.46 -20.65 7.70
CA ARG C 204 -5.28 -22.07 7.95
C ARG C 204 -6.52 -22.62 8.65
N ALA C 205 -7.04 -21.83 9.59
CA ALA C 205 -8.24 -22.19 10.31
C ALA C 205 -9.46 -22.26 9.39
N THR C 206 -9.70 -21.21 8.60
CA THR C 206 -11.00 -21.03 7.91
C THR C 206 -10.97 -20.95 6.38
N ASP C 207 -9.80 -20.74 5.78
CA ASP C 207 -9.65 -20.46 4.33
C ASP C 207 -10.49 -19.29 3.81
N VAL C 208 -10.88 -18.37 4.71
CA VAL C 208 -11.80 -17.30 4.31
C VAL C 208 -11.06 -16.27 3.47
N MET C 209 -11.81 -15.60 2.59
CA MET C 209 -11.31 -14.46 1.85
C MET C 209 -11.23 -13.21 2.73
N ILE C 210 -10.10 -12.51 2.65
CA ILE C 210 -9.97 -11.24 3.39
C ILE C 210 -10.58 -10.08 2.60
N ALA C 211 -10.27 -10.01 1.30
CA ALA C 211 -10.79 -9.01 0.37
C ALA C 211 -12.29 -8.88 0.48
N GLY C 212 -12.75 -7.64 0.60
CA GLY C 212 -14.17 -7.35 0.66
C GLY C 212 -14.77 -7.36 2.07
N LYS C 213 -14.03 -7.89 3.05
CA LYS C 213 -14.52 -7.99 4.43
C LYS C 213 -14.38 -6.71 5.26
N THR C 214 -15.23 -6.58 6.27
CA THR C 214 -15.09 -5.55 7.27
C THR C 214 -14.46 -6.19 8.51
N CYS C 215 -13.39 -5.57 9.02
CA CYS C 215 -12.72 -6.12 10.19
C CYS C 215 -12.63 -5.13 11.34
N CYS C 216 -12.89 -5.63 12.55
CA CYS C 216 -12.70 -4.85 13.75
C CYS C 216 -11.41 -5.25 14.44
N VAL C 217 -10.41 -4.36 14.45
CA VAL C 217 -9.15 -4.61 15.16
C VAL C 217 -9.14 -3.75 16.42
N CYS C 218 -9.14 -4.40 17.58
CA CYS C 218 -9.26 -3.72 18.88
C CYS C 218 -7.86 -3.50 19.44
N GLY C 219 -7.51 -2.24 19.68
CA GLY C 219 -6.13 -1.88 20.06
C GLY C 219 -5.25 -1.55 18.85
N TYR C 220 -4.31 -0.62 19.03
CA TYR C 220 -3.44 -0.17 17.93
C TYR C 220 -2.06 0.14 18.46
N GLY C 221 -1.52 -0.80 19.23
CA GLY C 221 -0.09 -0.82 19.59
C GLY C 221 0.59 -1.51 18.42
N ASP C 222 1.82 -1.96 18.59
CA ASP C 222 2.52 -2.58 17.48
C ASP C 222 1.78 -3.78 16.88
N VAL C 223 1.17 -4.59 17.75
CA VAL C 223 0.40 -5.77 17.32
C VAL C 223 -0.81 -5.37 16.47
N GLY C 224 -1.62 -4.44 16.98
CA GLY C 224 -2.77 -3.94 16.22
C GLY C 224 -2.38 -3.30 14.89
N LYS C 225 -1.24 -2.59 14.89
CA LYS C 225 -0.77 -1.96 13.65
C LYS C 225 -0.42 -3.02 12.59
N GLY C 226 0.26 -4.08 13.02
CA GLY C 226 0.64 -5.18 12.13
C GLY C 226 -0.59 -5.93 11.64
N CYS C 227 -1.53 -6.18 12.55
CA CYS C 227 -2.77 -6.90 12.20
C CYS C 227 -3.62 -6.09 11.24
N ALA C 228 -3.69 -4.79 11.48
CA ALA C 228 -4.45 -3.90 10.57
C ALA C 228 -3.80 -3.83 9.18
N ALA C 229 -2.47 -3.78 9.13
CA ALA C 229 -1.76 -3.67 7.84
C ALA C 229 -1.96 -4.96 7.04
N ALA C 230 -1.93 -6.09 7.73
CA ALA C 230 -2.13 -7.41 7.11
C ALA C 230 -3.47 -7.48 6.41
N LEU C 231 -4.54 -7.17 7.16
CA LEU C 231 -5.90 -7.23 6.62
C LEU C 231 -6.13 -6.22 5.48
N ARG C 232 -5.68 -4.99 5.66
CA ARG C 232 -5.82 -3.97 4.63
C ARG C 232 -5.11 -4.37 3.32
N ALA C 233 -3.92 -4.94 3.43
CA ALA C 233 -3.17 -5.42 2.27
C ALA C 233 -3.99 -6.36 1.37
N PHE C 234 -4.77 -7.24 1.98
CA PHE C 234 -5.59 -8.17 1.22
C PHE C 234 -6.94 -7.59 0.79
N GLY C 235 -7.15 -6.31 1.06
CA GLY C 235 -8.38 -5.64 0.60
C GLY C 235 -9.56 -5.63 1.58
N ALA C 236 -9.27 -5.83 2.87
CA ALA C 236 -10.29 -5.71 3.88
C ALA C 236 -10.37 -4.26 4.31
N ARG C 237 -11.54 -3.87 4.80
CA ARG C 237 -11.72 -2.58 5.42
C ARG C 237 -11.63 -2.79 6.92
N VAL C 238 -10.71 -2.07 7.54
CA VAL C 238 -10.42 -2.23 8.96
C VAL C 238 -10.95 -1.03 9.73
N VAL C 239 -11.72 -1.32 10.78
CA VAL C 239 -12.10 -0.34 11.78
C VAL C 239 -11.28 -0.67 13.02
N VAL C 240 -10.62 0.35 13.56
CA VAL C 240 -9.75 0.19 14.69
C VAL C 240 -10.45 0.75 15.95
N THR C 241 -10.27 0.09 17.09
CA THR C 241 -10.74 0.63 18.38
C THR C 241 -9.53 0.92 19.25
N GLU C 242 -9.62 1.96 20.07
CA GLU C 242 -8.52 2.40 20.91
C GLU C 242 -9.01 3.19 22.14
N VAL C 243 -8.25 3.10 23.22
CA VAL C 243 -8.53 3.89 24.42
C VAL C 243 -7.55 5.04 24.56
N ASP C 244 -6.42 4.92 23.87
CA ASP C 244 -5.35 5.90 23.95
C ASP C 244 -5.44 6.86 22.76
N PRO C 245 -5.54 8.18 23.03
CA PRO C 245 -5.65 9.19 21.97
C PRO C 245 -4.47 9.22 20.98
N ILE C 246 -3.25 8.97 21.46
CA ILE C 246 -2.07 8.93 20.59
C ILE C 246 -2.21 7.83 19.51
N ASN C 247 -2.40 6.58 19.95
CA ASN C 247 -2.63 5.47 19.01
C ASN C 247 -3.84 5.67 18.10
N ALA C 248 -4.92 6.20 18.65
CA ALA C 248 -6.15 6.47 17.87
C ALA C 248 -5.90 7.45 16.69
N LEU C 249 -5.13 8.51 16.95
CA LEU C 249 -4.69 9.48 15.95
C LEU C 249 -3.77 8.87 14.88
N GLN C 250 -2.82 8.04 15.31
CA GLN C 250 -2.00 7.25 14.36
C GLN C 250 -2.86 6.38 13.42
N ALA C 251 -3.82 5.65 13.98
CA ALA C 251 -4.70 4.79 13.15
C ALA C 251 -5.40 5.66 12.11
N SER C 252 -5.89 6.79 12.59
CA SER C 252 -6.56 7.75 11.75
C SER C 252 -5.66 8.34 10.64
N MET C 253 -4.40 8.63 10.97
CA MET C 253 -3.45 9.14 9.97
C MET C 253 -3.03 8.03 9.01
N GLU C 254 -3.33 6.78 9.36
CA GLU C 254 -3.01 5.68 8.48
C GLU C 254 -4.19 5.25 7.62
N GLY C 255 -5.29 5.99 7.69
CA GLY C 255 -6.47 5.73 6.86
C GLY C 255 -7.56 4.83 7.43
N TYR C 256 -7.52 4.56 8.73
CA TYR C 256 -8.49 3.67 9.34
C TYR C 256 -9.53 4.49 10.12
N GLN C 257 -10.79 4.08 10.02
CA GLN C 257 -11.81 4.63 10.88
C GLN C 257 -11.53 4.12 12.30
N VAL C 258 -11.62 5.02 13.26
CA VAL C 258 -11.49 4.65 14.66
C VAL C 258 -12.88 4.76 15.29
N ALA C 259 -13.38 3.66 15.86
CA ALA C 259 -14.75 3.64 16.36
C ALA C 259 -14.85 2.71 17.56
N LEU C 260 -16.08 2.52 18.06
CA LEU C 260 -16.35 1.58 19.15
C LEU C 260 -16.71 0.20 18.61
N VAL C 261 -16.52 -0.83 19.41
CA VAL C 261 -16.91 -2.18 18.98
C VAL C 261 -18.40 -2.24 18.59
N GLU C 262 -19.21 -1.52 19.36
CA GLU C 262 -20.66 -1.56 19.14
C GLU C 262 -21.11 -0.78 17.90
N ASP C 263 -20.25 0.12 17.41
CA ASP C 263 -20.47 0.78 16.10
C ASP C 263 -20.39 -0.18 14.91
N VAL C 264 -19.56 -1.22 15.00
CA VAL C 264 -19.33 -2.12 13.87
C VAL C 264 -19.65 -3.61 14.13
N MET C 265 -20.12 -3.93 15.34
CA MET C 265 -20.37 -5.32 15.73
C MET C 265 -21.39 -6.07 14.85
N ALA C 266 -22.35 -5.35 14.26
CA ALA C 266 -23.36 -5.96 13.40
C ALA C 266 -22.88 -6.18 11.97
N ASP C 267 -21.83 -5.45 11.60
CA ASP C 267 -21.29 -5.45 10.22
C ASP C 267 -20.01 -6.26 10.01
N ALA C 268 -19.19 -6.38 11.04
CA ALA C 268 -17.86 -6.95 10.91
C ALA C 268 -17.88 -8.44 10.61
N HIS C 269 -17.09 -8.86 9.62
CA HIS C 269 -16.91 -10.28 9.31
C HIS C 269 -15.87 -10.91 10.24
N ILE C 270 -14.90 -10.10 10.67
CA ILE C 270 -13.79 -10.60 11.49
C ILE C 270 -13.58 -9.63 12.62
N PHE C 271 -13.31 -10.18 13.82
CA PHE C 271 -12.95 -9.43 15.02
C PHE C 271 -11.54 -9.91 15.43
N VAL C 272 -10.61 -8.97 15.64
CA VAL C 272 -9.28 -9.31 16.15
C VAL C 272 -8.94 -8.45 17.37
N THR C 273 -8.68 -9.12 18.49
CA THR C 273 -8.35 -8.43 19.73
C THR C 273 -6.83 -8.42 19.93
N THR C 274 -6.29 -7.24 20.24
CA THR C 274 -4.83 -7.06 20.30
C THR C 274 -4.44 -6.15 21.47
N THR C 275 -5.29 -6.06 22.48
CA THR C 275 -5.17 -5.03 23.51
C THR C 275 -4.26 -5.39 24.68
N GLY C 276 -4.11 -6.68 24.95
CA GLY C 276 -3.44 -7.11 26.19
C GLY C 276 -4.34 -6.88 27.40
N ASN C 277 -5.62 -6.61 27.16
CA ASN C 277 -6.56 -6.37 28.24
C ASN C 277 -7.76 -7.33 28.15
N ASP C 278 -8.48 -7.49 29.26
CA ASP C 278 -9.62 -8.40 29.32
C ASP C 278 -10.92 -7.75 28.93
N ASP C 279 -11.85 -8.60 28.47
CA ASP C 279 -13.25 -8.21 28.22
C ASP C 279 -13.38 -7.18 27.11
N ILE C 280 -12.81 -7.51 25.94
CA ILE C 280 -12.89 -6.67 24.77
C ILE C 280 -14.10 -7.04 23.93
N ILE C 281 -14.25 -8.34 23.70
CA ILE C 281 -15.41 -8.94 23.00
C ILE C 281 -16.21 -9.74 24.03
N THR C 282 -17.46 -9.33 24.25
CA THR C 282 -18.22 -9.74 25.43
C THR C 282 -19.61 -10.20 25.08
N SER C 283 -20.31 -10.67 26.11
CA SER C 283 -21.75 -10.95 26.06
C SER C 283 -22.56 -9.79 25.49
N ASP C 284 -22.03 -8.57 25.57
CA ASP C 284 -22.69 -7.41 24.95
C ASP C 284 -22.55 -7.38 23.43
N HIS C 285 -21.68 -8.23 22.89
CA HIS C 285 -21.38 -8.18 21.45
C HIS C 285 -21.85 -9.40 20.65
N PHE C 286 -21.64 -10.59 21.22
CA PHE C 286 -21.93 -11.83 20.51
C PHE C 286 -23.34 -11.89 19.90
N PRO C 287 -24.40 -11.44 20.64
CA PRO C 287 -25.77 -11.55 20.10
C PRO C 287 -26.06 -10.66 18.92
N HIS C 288 -25.21 -9.66 18.67
CA HIS C 288 -25.46 -8.77 17.53
C HIS C 288 -24.59 -9.06 16.31
N MET C 289 -23.72 -10.05 16.41
CA MET C 289 -22.81 -10.40 15.31
C MET C 289 -23.53 -11.02 14.13
N ARG C 290 -23.09 -10.67 12.92
CA ARG C 290 -23.66 -11.24 11.70
C ARG C 290 -23.29 -12.73 11.59
N ASP C 291 -23.98 -13.43 10.70
CA ASP C 291 -23.81 -14.87 10.57
C ASP C 291 -22.37 -15.25 10.16
N ASP C 292 -21.79 -16.22 10.87
CA ASP C 292 -20.43 -16.75 10.64
C ASP C 292 -19.32 -15.69 10.79
N ALA C 293 -19.57 -14.69 11.65
CA ALA C 293 -18.55 -13.77 12.04
C ALA C 293 -17.41 -14.53 12.72
N ILE C 294 -16.19 -14.13 12.42
CA ILE C 294 -15.04 -14.82 12.93
C ILE C 294 -14.43 -13.98 14.06
N VAL C 295 -14.25 -14.61 15.22
CA VAL C 295 -13.70 -13.94 16.37
C VAL C 295 -12.37 -14.56 16.77
N CYS C 296 -11.32 -13.75 16.86
CA CYS C 296 -10.03 -14.30 17.29
C CYS C 296 -9.22 -13.29 18.10
N ASN C 297 -8.18 -13.80 18.76
CA ASN C 297 -7.32 -13.03 19.65
C ASN C 297 -5.87 -13.31 19.34
N ILE C 298 -5.03 -12.26 19.33
CA ILE C 298 -3.60 -12.42 19.10
C ILE C 298 -2.79 -11.87 20.29
N GLY C 299 -3.51 -11.31 21.26
CA GLY C 299 -2.92 -10.87 22.53
C GLY C 299 -2.59 -12.08 23.38
N HIS C 300 -1.75 -11.89 24.39
CA HIS C 300 -1.16 -13.01 25.13
C HIS C 300 -2.17 -13.90 25.88
N PHE C 301 -3.17 -13.30 26.54
CA PHE C 301 -4.16 -14.09 27.26
C PHE C 301 -5.49 -14.11 26.51
N ASP C 302 -6.11 -15.30 26.49
CA ASP C 302 -7.40 -15.51 25.83
C ASP C 302 -8.58 -14.74 26.42
N THR C 303 -8.42 -14.18 27.62
CA THR C 303 -9.55 -13.51 28.31
C THR C 303 -9.95 -12.16 27.73
N GLU C 304 -9.30 -11.75 26.64
CA GLU C 304 -9.75 -10.58 25.87
C GLU C 304 -11.17 -10.82 25.31
N ILE C 305 -11.51 -12.08 25.09
CA ILE C 305 -12.81 -12.51 24.56
C ILE C 305 -13.48 -13.32 25.64
N GLN C 306 -14.77 -13.09 25.88
CA GLN C 306 -15.47 -13.85 26.92
C GLN C 306 -15.93 -15.21 26.38
N VAL C 307 -14.96 -16.10 26.16
CA VAL C 307 -15.22 -17.44 25.62
C VAL C 307 -16.07 -18.28 26.59
N GLY C 308 -15.74 -18.20 27.88
CA GLY C 308 -16.53 -18.85 28.93
C GLY C 308 -18.02 -18.59 28.70
N TRP C 309 -18.36 -17.32 28.47
CA TRP C 309 -19.76 -16.95 28.20
C TRP C 309 -20.30 -17.51 26.89
N LEU C 310 -19.55 -17.33 25.80
CA LEU C 310 -19.97 -17.86 24.50
C LEU C 310 -20.34 -19.35 24.62
N GLU C 311 -19.44 -20.14 25.19
CA GLU C 311 -19.65 -21.59 25.28
C GLU C 311 -20.85 -21.93 26.15
N ALA C 312 -21.08 -21.17 27.20
CA ALA C 312 -22.17 -21.48 28.12
C ALA C 312 -23.53 -21.05 27.58
N ASN C 313 -23.51 -20.08 26.65
CA ASN C 313 -24.74 -19.50 26.13
C ASN C 313 -25.15 -19.89 24.72
N ALA C 314 -24.24 -20.55 23.99
CA ALA C 314 -24.55 -21.06 22.66
C ALA C 314 -25.54 -22.22 22.76
N LYS C 315 -26.55 -22.20 21.89
CA LYS C 315 -27.46 -23.34 21.78
C LYS C 315 -26.87 -24.58 21.09
N GLU C 316 -25.89 -24.37 20.20
CA GLU C 316 -25.18 -25.47 19.51
C GLU C 316 -23.69 -25.17 19.41
N HIS C 317 -22.87 -26.21 19.51
CA HIS C 317 -21.44 -26.10 19.24
C HIS C 317 -21.01 -27.20 18.27
N VAL C 318 -20.21 -26.87 17.26
CA VAL C 318 -19.61 -27.86 16.37
C VAL C 318 -18.09 -27.61 16.24
N GLU C 319 -17.26 -28.59 16.61
CA GLU C 319 -15.86 -28.46 16.28
C GLU C 319 -15.66 -28.75 14.79
N ILE C 320 -15.34 -27.70 14.02
CA ILE C 320 -15.11 -27.89 12.58
C ILE C 320 -13.89 -28.79 12.39
N LYS C 321 -12.85 -28.49 13.17
CA LYS C 321 -11.62 -29.26 13.26
C LYS C 321 -10.90 -28.68 14.47
N PRO C 322 -9.78 -29.29 14.90
CA PRO C 322 -9.13 -28.71 16.07
C PRO C 322 -8.84 -27.20 15.94
N GLN C 323 -9.29 -26.44 16.95
CA GLN C 323 -9.08 -24.97 17.09
C GLN C 323 -9.95 -24.11 16.19
N VAL C 324 -11.02 -24.72 15.65
CA VAL C 324 -12.00 -23.99 14.86
C VAL C 324 -13.38 -24.42 15.37
N ASP C 325 -14.02 -23.54 16.14
CA ASP C 325 -15.28 -23.91 16.77
C ASP C 325 -16.38 -22.96 16.35
N ARG C 326 -17.49 -23.56 15.90
CA ARG C 326 -18.66 -22.84 15.42
C ARG C 326 -19.78 -22.95 16.45
N TYR C 327 -20.31 -21.80 16.85
CA TYR C 327 -21.36 -21.72 17.86
C TYR C 327 -22.64 -21.14 17.25
N THR C 328 -23.76 -21.83 17.50
CA THR C 328 -25.07 -21.34 17.11
C THR C 328 -25.69 -20.63 18.30
N MET C 329 -26.05 -19.37 18.10
CA MET C 329 -26.67 -18.59 19.15
C MET C 329 -28.19 -18.80 19.12
N GLU C 330 -28.85 -18.37 20.18
CA GLU C 330 -30.30 -18.46 20.28
C GLU C 330 -31.03 -17.79 19.11
N ASN C 331 -30.49 -16.70 18.61
CA ASN C 331 -31.02 -16.03 17.42
C ASN C 331 -30.92 -16.87 16.13
N GLY C 332 -30.33 -18.05 16.20
CA GLY C 332 -30.14 -18.86 14.99
C GLY C 332 -28.86 -18.61 14.18
N ARG C 333 -28.16 -17.51 14.45
CA ARG C 333 -26.93 -17.18 13.69
C ARG C 333 -25.67 -17.85 14.29
N HIS C 334 -24.60 -17.91 13.51
CA HIS C 334 -23.39 -18.61 13.95
C HIS C 334 -22.24 -17.66 14.25
N ILE C 335 -21.35 -18.12 15.12
CA ILE C 335 -20.10 -17.41 15.42
C ILE C 335 -18.95 -18.40 15.34
N ILE C 336 -17.93 -18.04 14.57
CA ILE C 336 -16.74 -18.87 14.44
C ILE C 336 -15.63 -18.33 15.33
N LEU C 337 -15.23 -19.13 16.32
CA LEU C 337 -14.19 -18.77 17.27
C LEU C 337 -12.93 -19.56 16.96
N LEU C 338 -11.77 -18.94 17.12
CA LEU C 338 -10.51 -19.57 16.71
C LEU C 338 -9.58 -19.84 17.89
N ALA C 339 -9.00 -21.04 17.91
CA ALA C 339 -8.12 -21.51 19.00
C ALA C 339 -8.65 -21.24 20.42
N LYS C 340 -9.96 -21.36 20.58
CA LYS C 340 -10.63 -21.03 21.85
C LYS C 340 -10.17 -19.69 22.42
N GLY C 341 -9.97 -18.71 21.54
CA GLY C 341 -9.54 -17.39 21.95
C GLY C 341 -8.07 -17.26 22.29
N ARG C 342 -7.28 -18.33 22.25
CA ARG C 342 -5.83 -18.19 22.53
C ARG C 342 -5.13 -17.64 21.28
N LEU C 343 -3.92 -17.09 21.43
CA LEU C 343 -3.25 -16.40 20.32
C LEU C 343 -3.31 -17.15 18.99
N VAL C 344 -4.00 -16.53 18.06
CA VAL C 344 -4.48 -17.21 16.86
C VAL C 344 -3.33 -17.57 15.92
N ASN C 345 -2.30 -16.72 15.86
CA ASN C 345 -1.18 -16.98 14.94
C ASN C 345 -0.44 -18.25 15.36
N LEU C 346 -0.20 -18.40 16.64
CA LEU C 346 0.42 -19.60 17.19
C LEU C 346 -0.56 -20.76 17.32
N GLY C 347 -1.83 -20.47 17.63
CA GLY C 347 -2.81 -21.50 17.89
C GLY C 347 -3.35 -22.17 16.65
N CYS C 348 -3.51 -21.38 15.58
CA CYS C 348 -3.99 -21.91 14.30
C CYS C 348 -2.95 -21.98 13.18
N ALA C 349 -1.77 -21.40 13.39
CA ALA C 349 -0.68 -21.54 12.39
C ALA C 349 0.65 -21.74 13.10
N SER C 350 1.73 -21.16 12.59
CA SER C 350 3.06 -21.43 13.15
C SER C 350 3.69 -20.30 13.94
N GLY C 351 2.89 -19.30 14.33
CA GLY C 351 3.43 -18.10 14.95
C GLY C 351 4.18 -17.24 13.95
N HIS C 352 4.93 -16.25 14.46
CA HIS C 352 5.80 -15.41 13.60
C HIS C 352 6.79 -16.28 12.87
N PRO C 353 7.14 -15.89 11.65
CA PRO C 353 8.22 -16.62 10.95
C PRO C 353 9.59 -16.44 11.60
N SER C 354 10.49 -17.37 11.30
CA SER C 354 11.85 -17.48 11.84
C SER C 354 12.67 -16.20 11.77
N PHE C 355 12.70 -15.54 10.61
CA PHE C 355 13.57 -14.39 10.44
C PHE C 355 13.36 -13.32 11.53
N VAL C 356 12.10 -13.02 11.83
CA VAL C 356 11.83 -11.95 12.80
C VAL C 356 12.05 -12.41 14.23
N MET C 357 11.77 -13.69 14.51
CA MET C 357 12.01 -14.28 15.81
C MET C 357 13.51 -14.31 16.13
N SER C 358 14.33 -14.34 15.09
CA SER C 358 15.77 -14.30 15.23
C SER C 358 16.21 -13.00 15.92
N ASN C 359 15.61 -11.88 15.57
CA ASN C 359 15.91 -10.62 16.27
C ASN C 359 15.52 -10.66 17.74
N SER C 360 14.29 -11.10 18.01
CA SER C 360 13.79 -11.20 19.37
C SER C 360 14.62 -12.20 20.23
N PHE C 361 14.90 -13.38 19.66
CA PHE C 361 15.63 -14.43 20.38
C PHE C 361 17.12 -14.15 20.57
N THR C 362 17.72 -13.43 19.62
CA THR C 362 19.13 -13.01 19.73
C THR C 362 19.27 -12.06 20.92
N ASN C 363 18.28 -11.17 21.09
CA ASN C 363 18.20 -10.32 22.28
C ASN C 363 18.04 -11.14 23.56
N GLN C 364 17.22 -12.17 23.46
CA GLN C 364 16.96 -13.08 24.57
C GLN C 364 18.28 -13.68 25.12
N VAL C 365 19.14 -14.10 24.20
CA VAL C 365 20.42 -14.72 24.54
C VAL C 365 21.37 -13.72 25.19
N LEU C 366 21.45 -12.53 24.59
CA LEU C 366 22.26 -11.46 25.13
C LEU C 366 21.76 -11.01 26.51
N ALA C 367 20.45 -11.11 26.74
CA ALA C 367 19.89 -10.78 28.05
C ALA C 367 20.31 -11.84 29.08
N GLN C 368 20.36 -13.09 28.66
CA GLN C 368 20.77 -14.15 29.57
C GLN C 368 22.28 -14.07 29.88
N ILE C 369 23.10 -13.85 28.85
CA ILE C 369 24.54 -13.60 29.06
C ILE C 369 24.78 -12.42 29.99
N GLU C 370 24.04 -11.34 29.77
CA GLU C 370 24.21 -10.13 30.55
C GLU C 370 23.87 -10.33 32.03
N LEU C 371 22.77 -11.05 32.29
CA LEU C 371 22.32 -11.28 33.66
C LEU C 371 23.20 -12.29 34.38
N TRP C 372 23.59 -13.32 33.65
CA TRP C 372 24.38 -14.40 34.19
C TRP C 372 25.79 -13.90 34.51
N SER C 373 26.41 -13.22 33.54
CA SER C 373 27.81 -12.85 33.69
C SER C 373 28.03 -11.75 34.72
N ASN C 374 26.96 -11.04 35.07
CA ASN C 374 27.01 -10.00 36.10
C ASN C 374 26.40 -10.43 37.44
N ARG C 375 26.24 -11.74 37.65
CA ARG C 375 25.50 -12.26 38.83
C ARG C 375 26.11 -11.98 40.21
N ASP C 376 27.44 -11.91 40.31
CA ASP C 376 28.11 -11.63 41.58
C ASP C 376 28.77 -10.24 41.57
N ASN C 377 28.00 -9.22 41.20
CA ASN C 377 28.46 -7.83 41.27
C ASN C 377 27.35 -6.81 41.53
N GLY C 378 26.13 -7.29 41.67
CA GLY C 378 25.00 -6.45 42.07
C GLY C 378 24.46 -5.44 41.06
N LYS C 379 24.88 -5.53 39.79
CA LYS C 379 24.31 -4.69 38.73
C LYS C 379 22.82 -4.95 38.57
N TYR C 380 22.44 -6.20 38.76
CA TYR C 380 21.04 -6.65 38.73
C TYR C 380 20.63 -7.23 40.09
N PRO C 381 20.24 -6.35 41.02
CA PRO C 381 20.04 -6.71 42.42
C PRO C 381 18.94 -7.74 42.64
N ARG C 382 19.24 -8.74 43.46
CA ARG C 382 18.21 -9.58 44.04
C ARG C 382 17.66 -8.90 45.30
N GLY C 383 16.39 -9.12 45.60
CA GLY C 383 15.76 -8.63 46.84
C GLY C 383 14.96 -7.37 46.62
N ASP C 384 14.87 -6.57 47.67
CA ASP C 384 14.03 -5.36 47.70
C ASP C 384 14.50 -4.25 46.75
N LYS C 385 15.77 -4.33 46.37
CA LYS C 385 16.38 -3.38 45.45
C LYS C 385 16.16 -3.72 43.96
N ALA C 386 15.50 -4.84 43.68
CA ALA C 386 15.31 -5.33 42.30
C ALA C 386 14.48 -4.40 41.41
N GLY C 387 14.74 -4.45 40.11
CA GLY C 387 14.03 -3.63 39.14
C GLY C 387 14.09 -4.18 37.73
N VAL C 388 13.55 -3.41 36.80
CA VAL C 388 13.46 -3.78 35.39
C VAL C 388 14.44 -2.95 34.58
N PHE C 389 15.26 -3.62 33.77
CA PHE C 389 16.29 -2.95 32.96
C PHE C 389 16.15 -3.27 31.47
N PHE C 390 16.68 -2.40 30.62
CA PHE C 390 16.82 -2.69 29.20
C PHE C 390 18.23 -3.19 28.97
N LEU C 391 18.43 -3.91 27.85
CA LEU C 391 19.76 -4.26 27.37
C LEU C 391 20.62 -3.02 27.11
N PRO C 392 21.97 -3.14 27.23
CA PRO C 392 22.85 -2.04 26.82
C PRO C 392 22.46 -1.49 25.45
N LYS C 393 22.52 -0.17 25.32
CA LYS C 393 22.05 0.54 24.11
C LYS C 393 22.69 0.04 22.81
N ALA C 394 23.97 -0.29 22.86
CA ALA C 394 24.72 -0.63 21.64
C ALA C 394 24.45 -2.05 21.11
N LEU C 395 23.77 -2.86 21.91
CA LEU C 395 23.42 -4.22 21.49
C LEU C 395 22.34 -4.24 20.39
N ASP C 396 21.48 -3.22 20.40
CA ASP C 396 20.44 -3.01 19.39
C ASP C 396 21.00 -3.01 17.99
N GLU C 397 22.02 -2.19 17.77
CA GLU C 397 22.74 -2.12 16.50
C GLU C 397 23.44 -3.43 16.14
N LYS C 398 24.10 -4.04 17.12
CA LYS C 398 24.76 -5.34 16.93
C LYS C 398 23.81 -6.38 16.41
N VAL C 399 22.61 -6.44 17.01
CA VAL C 399 21.61 -7.44 16.63
C VAL C 399 21.08 -7.18 15.22
N ALA C 400 20.72 -5.92 14.97
CA ALA C 400 20.20 -5.53 13.66
C ALA C 400 21.22 -5.84 12.56
N ALA C 401 22.49 -5.51 12.79
CA ALA C 401 23.56 -5.72 11.77
C ALA C 401 23.73 -7.19 11.37
N LEU C 402 23.44 -8.09 12.30
CA LEU C 402 23.61 -9.52 12.03
C LEU C 402 22.65 -10.04 10.98
N HIS C 403 21.54 -9.33 10.77
CA HIS C 403 20.46 -9.76 9.88
C HIS C 403 20.46 -9.13 8.49
N LEU C 404 21.38 -8.19 8.25
CA LEU C 404 21.43 -7.43 7.00
C LEU C 404 21.91 -8.24 5.81
N ALA C 405 22.87 -9.13 6.02
CA ALA C 405 23.40 -9.93 4.91
C ALA C 405 22.31 -10.79 4.29
N HIS C 406 21.55 -11.50 5.14
CA HIS C 406 20.47 -12.38 4.65
C HIS C 406 19.55 -11.68 3.63
N VAL C 407 19.23 -10.41 3.90
CA VAL C 407 18.35 -9.60 3.05
C VAL C 407 19.04 -8.75 1.99
N GLY C 408 20.37 -8.87 1.93
CA GLY C 408 21.19 -8.19 0.90
C GLY C 408 21.25 -6.67 1.04
N ALA C 409 21.15 -6.19 2.27
CA ALA C 409 21.18 -4.76 2.54
C ALA C 409 22.61 -4.29 2.70
N LYS C 410 23.02 -3.29 1.92
CA LYS C 410 24.39 -2.76 1.98
C LYS C 410 24.42 -1.47 2.81
N LEU C 411 25.25 -1.44 3.85
CA LEU C 411 25.36 -0.26 4.71
C LEU C 411 26.34 0.76 4.16
N THR C 412 25.96 2.02 4.23
CA THR C 412 26.86 3.12 3.91
C THR C 412 27.82 3.35 5.09
N LYS C 413 29.07 3.62 4.77
CA LYS C 413 30.13 3.84 5.75
C LYS C 413 30.31 5.35 5.89
N LEU C 414 30.11 5.89 7.09
CA LEU C 414 30.37 7.33 7.33
C LEU C 414 31.84 7.68 7.19
N THR C 415 32.13 8.79 6.53
CA THR C 415 33.49 9.33 6.49
C THR C 415 33.81 9.90 7.88
N PRO C 416 35.12 10.05 8.21
CA PRO C 416 35.54 10.73 9.45
C PRO C 416 34.87 12.11 9.65
N LYS C 417 34.83 12.92 8.59
CA LYS C 417 34.15 14.22 8.67
C LYS C 417 32.68 14.06 9.08
N GLN C 418 31.99 13.08 8.50
CA GLN C 418 30.57 12.86 8.79
C GLN C 418 30.33 12.39 10.22
N ALA C 419 31.21 11.52 10.74
CA ALA C 419 31.12 11.03 12.12
C ALA C 419 31.27 12.17 13.14
N GLU C 420 32.23 13.07 12.88
CA GLU C 420 32.39 14.29 13.68
C GLU C 420 31.07 15.06 13.79
N TYR C 421 30.38 15.24 12.66
CA TYR C 421 29.11 16.00 12.60
C TYR C 421 27.95 15.39 13.38
N ILE C 422 27.73 14.08 13.22
CA ILE C 422 26.74 13.36 14.02
C ILE C 422 27.21 13.26 15.48
N ASN C 423 28.49 13.54 15.69
CA ASN C 423 29.12 13.40 17.01
C ASN C 423 28.96 11.96 17.51
N CYS C 424 29.36 11.02 16.67
CA CYS C 424 29.31 9.59 16.99
C CYS C 424 30.60 8.89 16.52
N PRO C 425 30.86 7.67 17.02
CA PRO C 425 31.99 6.86 16.48
C PRO C 425 31.75 6.37 15.04
N VAL C 426 32.82 6.18 14.26
CA VAL C 426 32.73 5.79 12.84
C VAL C 426 32.06 4.42 12.68
N PRO C 429 28.03 3.71 18.18
CA PRO C 429 26.58 3.86 17.99
C PRO C 429 26.19 5.14 17.23
N PHE C 430 25.12 5.04 16.43
CA PHE C 430 24.69 6.14 15.55
C PHE C 430 23.60 7.05 16.15
N LYS C 431 22.46 6.48 16.50
CA LYS C 431 21.36 7.22 17.13
C LYS C 431 21.37 7.07 18.65
N ASP D 3 -19.22 -46.67 -6.81
CA ASP D 3 -19.08 -45.85 -8.07
C ASP D 3 -18.37 -44.51 -7.81
N TYR D 4 -17.15 -44.59 -7.29
CA TYR D 4 -16.29 -43.46 -7.01
C TYR D 4 -14.95 -44.01 -6.49
N LYS D 5 -13.94 -43.15 -6.47
CA LYS D 5 -12.68 -43.50 -5.82
C LYS D 5 -12.06 -42.24 -5.21
N VAL D 6 -11.97 -42.24 -3.89
CA VAL D 6 -11.42 -41.13 -3.10
C VAL D 6 -10.48 -41.75 -2.06
N LYS D 7 -9.68 -40.92 -1.40
CA LYS D 7 -8.72 -41.42 -0.45
C LYS D 7 -9.34 -42.04 0.78
N ASP D 8 -10.44 -41.46 1.29
CA ASP D 8 -10.94 -41.84 2.60
C ASP D 8 -12.35 -41.31 2.85
N ILE D 9 -13.33 -42.20 2.69
CA ILE D 9 -14.75 -41.82 2.81
C ILE D 9 -15.11 -41.29 4.21
N SER D 10 -14.26 -41.56 5.19
CA SER D 10 -14.49 -41.15 6.58
C SER D 10 -14.28 -39.65 6.79
N LEU D 11 -13.60 -39.00 5.85
CA LEU D 11 -13.40 -37.55 5.90
C LEU D 11 -14.65 -36.83 5.45
N ALA D 12 -15.71 -37.58 5.16
CA ALA D 12 -16.94 -36.99 4.61
C ALA D 12 -17.60 -35.97 5.54
N GLU D 13 -17.64 -36.29 6.84
CA GLU D 13 -18.33 -35.43 7.81
C GLU D 13 -17.64 -34.07 8.00
N TRP D 14 -16.31 -34.11 8.03
CA TRP D 14 -15.49 -32.90 8.10
C TRP D 14 -15.67 -32.10 6.79
N GLY D 15 -15.59 -32.78 5.64
CA GLY D 15 -15.87 -32.14 4.36
C GLY D 15 -17.22 -31.46 4.33
N ARG D 16 -18.25 -32.14 4.84
CA ARG D 16 -19.60 -31.55 4.91
C ARG D 16 -19.61 -30.23 5.67
N LYS D 17 -18.98 -30.17 6.84
CA LYS D 17 -18.91 -28.93 7.64
C LYS D 17 -18.18 -27.79 6.91
N ALA D 18 -17.09 -28.12 6.22
CA ALA D 18 -16.34 -27.11 5.48
C ALA D 18 -17.18 -26.56 4.31
N ILE D 19 -17.87 -27.46 3.62
CA ILE D 19 -18.80 -27.10 2.54
C ILE D 19 -19.90 -26.15 3.00
N GLU D 20 -20.51 -26.44 4.16
CA GLU D 20 -21.51 -25.51 4.76
C GLU D 20 -20.94 -24.12 5.05
N LEU D 21 -19.69 -24.03 5.49
CA LEU D 21 -19.08 -22.72 5.66
C LEU D 21 -18.86 -22.02 4.32
N ALA D 22 -18.45 -22.79 3.31
CA ALA D 22 -18.22 -22.30 1.95
C ALA D 22 -19.51 -21.77 1.33
N GLU D 23 -20.61 -22.48 1.54
CA GLU D 23 -21.92 -22.07 1.05
C GLU D 23 -22.23 -20.64 1.48
N ASN D 24 -22.00 -20.33 2.76
CA ASN D 24 -22.19 -18.97 3.25
C ASN D 24 -21.30 -17.91 2.63
N GLU D 25 -20.20 -18.33 2.01
CA GLU D 25 -19.28 -17.41 1.33
C GLU D 25 -19.48 -17.43 -0.19
N MET D 26 -20.50 -18.14 -0.64
CA MET D 26 -20.73 -18.30 -2.07
C MET D 26 -22.18 -17.97 -2.47
N PRO D 27 -22.64 -16.73 -2.16
CA PRO D 27 -24.02 -16.28 -2.39
C PRO D 27 -24.42 -16.31 -3.86
N GLY D 28 -23.47 -16.17 -4.77
CA GLY D 28 -23.75 -16.31 -6.21
C GLY D 28 -24.33 -17.69 -6.51
N LEU D 29 -23.60 -18.74 -6.13
CA LEU D 29 -24.06 -20.13 -6.29
C LEU D 29 -25.35 -20.46 -5.53
N MET D 30 -25.46 -19.97 -4.28
CA MET D 30 -26.65 -20.25 -3.47
C MET D 30 -27.90 -19.56 -4.03
N GLU D 31 -27.70 -18.42 -4.68
CA GLU D 31 -28.80 -17.72 -5.30
C GLU D 31 -29.25 -18.38 -6.60
N LEU D 32 -28.32 -19.00 -7.32
CA LEU D 32 -28.68 -19.75 -8.53
C LEU D 32 -29.57 -20.94 -8.18
N ARG D 33 -29.32 -21.56 -7.02
CA ARG D 33 -30.17 -22.64 -6.54
C ARG D 33 -31.59 -22.18 -6.22
N ARG D 34 -31.72 -21.01 -5.60
CA ARG D 34 -33.03 -20.43 -5.26
C ARG D 34 -33.80 -20.10 -6.54
N GLU D 35 -33.18 -19.29 -7.40
CA GLU D 35 -33.78 -18.80 -8.64
C GLU D 35 -34.11 -19.88 -9.67
N TYR D 36 -33.29 -20.93 -9.76
CA TYR D 36 -33.42 -21.86 -10.87
C TYR D 36 -33.80 -23.28 -10.47
N GLY D 37 -33.82 -23.55 -9.17
CA GLY D 37 -34.20 -24.87 -8.66
C GLY D 37 -35.53 -25.33 -9.23
N PRO D 38 -36.58 -24.49 -9.07
CA PRO D 38 -37.92 -24.79 -9.60
C PRO D 38 -37.93 -25.28 -11.05
N SER D 39 -37.25 -24.56 -11.95
CA SER D 39 -37.36 -24.82 -13.37
C SER D 39 -36.42 -25.93 -13.89
N GLN D 40 -35.61 -26.49 -12.99
CA GLN D 40 -34.65 -27.54 -13.34
C GLN D 40 -34.06 -27.38 -14.75
N PRO D 41 -33.37 -26.24 -15.02
CA PRO D 41 -32.87 -25.95 -16.38
C PRO D 41 -31.83 -26.95 -16.91
N LEU D 42 -31.17 -27.71 -16.04
CA LEU D 42 -30.17 -28.67 -16.51
C LEU D 42 -30.66 -30.11 -16.53
N LYS D 43 -31.98 -30.29 -16.37
CA LYS D 43 -32.59 -31.63 -16.47
C LYS D 43 -32.25 -32.24 -17.82
N GLY D 44 -31.56 -33.38 -17.81
CA GLY D 44 -31.14 -34.01 -19.06
C GLY D 44 -29.66 -33.82 -19.36
N ALA D 45 -29.04 -32.82 -18.72
CA ALA D 45 -27.60 -32.61 -18.88
C ALA D 45 -26.79 -33.64 -18.14
N LYS D 46 -25.82 -34.21 -18.84
CA LYS D 46 -24.88 -35.16 -18.26
C LYS D 46 -23.48 -34.57 -18.38
N ILE D 47 -23.02 -33.97 -17.29
CA ILE D 47 -21.77 -33.20 -17.33
C ILE D 47 -20.58 -34.03 -16.85
N ALA D 48 -19.57 -34.14 -17.71
CA ALA D 48 -18.27 -34.61 -17.30
C ALA D 48 -17.45 -33.42 -16.82
N GLY D 49 -17.03 -33.45 -15.56
CA GLY D 49 -16.33 -32.34 -14.93
C GLY D 49 -14.89 -32.69 -14.62
N CYS D 50 -13.97 -31.81 -15.02
CA CYS D 50 -12.55 -31.95 -14.68
C CYS D 50 -12.03 -30.63 -14.13
N LEU D 51 -12.07 -30.51 -12.81
CA LEU D 51 -11.73 -29.28 -12.12
C LEU D 51 -11.33 -29.65 -10.69
N HIS D 52 -10.27 -29.02 -10.18
CA HIS D 52 -9.75 -29.24 -8.82
C HIS D 52 -10.85 -29.57 -7.83
N MET D 53 -10.77 -30.76 -7.22
CA MET D 53 -11.86 -31.28 -6.40
C MET D 53 -11.73 -30.70 -4.99
N THR D 54 -12.10 -29.44 -4.83
CA THR D 54 -11.94 -28.72 -3.58
C THR D 54 -13.29 -28.49 -2.95
N VAL D 55 -13.28 -27.94 -1.75
CA VAL D 55 -14.50 -27.54 -1.04
C VAL D 55 -15.33 -26.59 -1.90
N GLN D 56 -14.66 -25.69 -2.63
CA GLN D 56 -15.34 -24.74 -3.52
C GLN D 56 -16.03 -25.41 -4.69
N THR D 57 -15.33 -26.37 -5.30
CA THR D 57 -15.88 -27.18 -6.40
C THR D 57 -17.07 -28.04 -5.96
N ALA D 58 -17.10 -28.45 -4.70
CA ALA D 58 -18.24 -29.20 -4.18
C ALA D 58 -19.49 -28.33 -4.15
N VAL D 59 -19.33 -27.03 -3.91
CA VAL D 59 -20.50 -26.14 -3.93
C VAL D 59 -21.00 -26.01 -5.36
N LEU D 60 -20.05 -25.98 -6.29
CA LEU D 60 -20.35 -25.95 -7.71
C LEU D 60 -21.08 -27.23 -8.13
N ILE D 61 -20.50 -28.41 -7.81
CA ILE D 61 -21.16 -29.70 -8.11
C ILE D 61 -22.60 -29.78 -7.57
N GLU D 62 -22.80 -29.32 -6.34
CA GLU D 62 -24.12 -29.48 -5.73
C GLU D 62 -25.09 -28.44 -6.24
N THR D 63 -24.57 -27.35 -6.79
CA THR D 63 -25.40 -26.38 -7.47
C THR D 63 -25.91 -26.93 -8.79
N LEU D 64 -25.00 -27.53 -9.57
CA LEU D 64 -25.35 -28.13 -10.84
C LEU D 64 -26.32 -29.30 -10.63
N LYS D 65 -26.12 -30.06 -9.56
CA LYS D 65 -26.99 -31.19 -9.21
C LYS D 65 -28.40 -30.69 -8.85
N ALA D 66 -28.47 -29.63 -8.04
CA ALA D 66 -29.74 -29.00 -7.63
C ALA D 66 -30.55 -28.39 -8.79
N LEU D 67 -29.89 -28.22 -9.93
CA LEU D 67 -30.56 -27.66 -11.10
C LEU D 67 -30.93 -28.75 -12.11
N GLY D 68 -30.61 -30.00 -11.75
CA GLY D 68 -31.08 -31.16 -12.48
C GLY D 68 -30.04 -31.95 -13.24
N ALA D 69 -28.79 -31.47 -13.24
CA ALA D 69 -27.72 -32.17 -13.97
C ALA D 69 -27.31 -33.48 -13.32
N GLU D 70 -26.80 -34.35 -14.18
CA GLU D 70 -26.17 -35.58 -13.78
C GLU D 70 -24.68 -35.32 -14.00
N LEU D 71 -23.87 -35.74 -13.03
CA LEU D 71 -22.45 -35.41 -13.03
C LEU D 71 -21.53 -36.59 -12.79
N ARG D 72 -20.37 -36.57 -13.46
CA ARG D 72 -19.24 -37.39 -13.06
C ARG D 72 -18.02 -36.48 -13.03
N TRP D 73 -17.22 -36.60 -11.97
CA TRP D 73 -16.18 -35.62 -11.69
C TRP D 73 -14.78 -36.18 -11.45
N SER D 74 -13.77 -35.46 -11.93
CA SER D 74 -12.38 -35.70 -11.57
C SER D 74 -11.70 -34.37 -11.32
N SER D 75 -10.50 -34.39 -10.73
CA SER D 75 -9.70 -33.18 -10.55
C SER D 75 -8.77 -32.97 -11.75
N CYS D 76 -8.43 -31.72 -12.04
CA CYS D 76 -7.53 -31.41 -13.15
C CYS D 76 -6.06 -31.22 -12.73
N ASN D 77 -5.76 -31.63 -11.50
CA ASN D 77 -4.38 -31.60 -11.04
C ASN D 77 -4.17 -32.73 -10.05
N ILE D 78 -2.98 -33.33 -10.08
CA ILE D 78 -2.63 -34.45 -9.18
C ILE D 78 -2.53 -34.09 -7.69
N PHE D 79 -2.24 -32.81 -7.38
CA PHE D 79 -2.07 -32.38 -5.97
C PHE D 79 -3.12 -31.40 -5.47
N SER D 80 -4.14 -31.10 -6.28
CA SER D 80 -5.15 -30.09 -5.90
C SER D 80 -6.37 -30.57 -5.10
N THR D 81 -6.65 -31.88 -5.12
CA THR D 81 -7.87 -32.39 -4.46
C THR D 81 -7.84 -32.13 -2.97
N GLN D 82 -8.95 -31.67 -2.43
CA GLN D 82 -9.10 -31.68 -0.99
C GLN D 82 -9.89 -32.94 -0.62
N ASP D 83 -9.23 -33.88 0.05
CA ASP D 83 -9.79 -35.23 0.31
C ASP D 83 -11.10 -35.23 1.11
N ASN D 84 -11.25 -34.25 2.02
CA ASN D 84 -12.47 -34.14 2.80
C ASN D 84 -13.69 -33.74 1.93
N ALA D 85 -13.48 -32.81 1.02
CA ALA D 85 -14.49 -32.39 0.05
C ALA D 85 -14.82 -33.48 -0.99
N ALA D 86 -13.79 -34.20 -1.44
CA ALA D 86 -13.99 -35.30 -2.37
C ALA D 86 -14.82 -36.39 -1.69
N ALA D 87 -14.49 -36.71 -0.44
CA ALA D 87 -15.28 -37.67 0.35
C ALA D 87 -16.73 -37.22 0.64
N ALA D 88 -16.92 -35.95 0.96
CA ALA D 88 -18.27 -35.44 1.22
C ALA D 88 -19.16 -35.60 -0.04
N ILE D 89 -18.59 -35.31 -1.21
CA ILE D 89 -19.27 -35.49 -2.49
C ILE D 89 -19.57 -36.98 -2.78
N ALA D 90 -18.58 -37.84 -2.56
CA ALA D 90 -18.72 -39.28 -2.77
C ALA D 90 -19.85 -39.84 -1.92
N LYS D 91 -19.93 -39.39 -0.67
CA LYS D 91 -20.98 -39.82 0.25
C LYS D 91 -22.39 -39.49 -0.24
N THR D 92 -22.54 -38.46 -1.06
CA THR D 92 -23.87 -38.06 -1.53
C THR D 92 -24.32 -38.92 -2.69
N GLY D 93 -23.39 -39.63 -3.32
CA GLY D 93 -23.71 -40.47 -4.47
C GLY D 93 -23.32 -39.88 -5.82
N VAL D 94 -22.64 -38.73 -5.81
CA VAL D 94 -22.05 -38.20 -7.05
C VAL D 94 -20.76 -38.98 -7.37
N PRO D 95 -20.68 -39.60 -8.57
CA PRO D 95 -19.41 -40.27 -8.90
C PRO D 95 -18.26 -39.25 -9.01
N VAL D 96 -17.30 -39.41 -8.10
CA VAL D 96 -16.13 -38.56 -8.08
C VAL D 96 -14.90 -39.45 -8.01
N PHE D 97 -13.91 -39.09 -8.81
CA PHE D 97 -12.68 -39.85 -8.87
C PHE D 97 -11.51 -38.89 -8.66
N ALA D 98 -11.12 -38.70 -7.39
CA ALA D 98 -10.13 -37.69 -7.03
C ALA D 98 -9.55 -37.88 -5.64
N TRP D 99 -8.22 -37.81 -5.57
CA TRP D 99 -7.50 -37.79 -4.30
C TRP D 99 -6.20 -37.00 -4.42
N LYS D 100 -5.77 -36.37 -3.33
CA LYS D 100 -4.52 -35.63 -3.30
C LYS D 100 -3.35 -36.59 -3.46
N GLY D 101 -2.48 -36.31 -4.42
CA GLY D 101 -1.28 -37.08 -4.59
C GLY D 101 -1.41 -38.25 -5.55
N GLU D 102 -2.12 -38.06 -6.65
CA GLU D 102 -2.27 -39.07 -7.70
C GLU D 102 -0.96 -39.24 -8.48
N THR D 103 -0.70 -40.45 -8.98
CA THR D 103 0.34 -40.66 -10.00
C THR D 103 -0.25 -40.26 -11.36
N ASP D 104 0.61 -40.03 -12.33
CA ASP D 104 0.20 -39.70 -13.71
C ASP D 104 -0.82 -40.71 -14.25
N GLU D 105 -0.60 -41.98 -13.92
CA GLU D 105 -1.49 -43.05 -14.40
C GLU D 105 -2.86 -42.98 -13.73
N GLU D 106 -2.86 -42.86 -12.41
CA GLU D 106 -4.10 -42.71 -11.65
C GLU D 106 -4.93 -41.50 -12.12
N TYR D 107 -4.21 -40.42 -12.44
CA TYR D 107 -4.80 -39.20 -12.95
C TYR D 107 -5.59 -39.45 -14.23
N GLU D 108 -4.91 -40.02 -15.23
CA GLU D 108 -5.54 -40.38 -16.51
C GLU D 108 -6.70 -41.35 -16.30
N TRP D 109 -6.51 -42.37 -15.46
CA TRP D 109 -7.60 -43.29 -15.09
C TRP D 109 -8.85 -42.55 -14.61
N CYS D 110 -8.64 -41.56 -13.73
CA CYS D 110 -9.74 -40.79 -13.12
C CYS D 110 -10.58 -40.04 -14.16
N ILE D 111 -9.91 -39.31 -15.05
CA ILE D 111 -10.62 -38.62 -16.14
C ILE D 111 -11.37 -39.61 -17.03
N ALA D 112 -10.77 -40.78 -17.27
CA ALA D 112 -11.45 -41.82 -18.09
C ALA D 112 -12.76 -42.30 -17.45
N GLN D 113 -12.86 -42.22 -16.12
CA GLN D 113 -14.07 -42.67 -15.42
C GLN D 113 -15.28 -41.73 -15.59
N THR D 114 -15.00 -40.50 -16.04
CA THR D 114 -16.03 -39.46 -16.11
C THR D 114 -16.71 -39.47 -17.47
N VAL D 115 -16.17 -40.27 -18.37
CA VAL D 115 -16.60 -40.25 -19.75
C VAL D 115 -17.47 -41.47 -20.09
N LYS D 116 -17.84 -42.23 -19.05
CA LYS D 116 -18.75 -43.38 -19.18
C LYS D 116 -19.51 -43.56 -17.85
N GLY D 117 -20.54 -44.40 -17.85
CA GLY D 117 -21.24 -44.77 -16.61
C GLY D 117 -22.45 -43.95 -16.19
N PHE D 118 -22.89 -43.02 -17.05
CA PHE D 118 -24.13 -42.25 -16.81
C PHE D 118 -25.37 -43.14 -17.02
N SER D 119 -26.56 -42.53 -16.94
CA SER D 119 -27.84 -43.19 -17.24
CA SER D 119 -27.82 -43.22 -17.24
C SER D 119 -28.04 -43.29 -18.75
N GLY D 120 -28.89 -44.24 -19.18
CA GLY D 120 -29.17 -44.40 -20.61
C GLY D 120 -28.00 -45.08 -21.31
N ASP D 121 -27.53 -44.51 -22.41
CA ASP D 121 -26.34 -45.05 -23.07
C ASP D 121 -25.06 -44.90 -22.25
N GLY D 122 -25.14 -44.20 -21.12
CA GLY D 122 -23.99 -44.01 -20.23
C GLY D 122 -23.01 -42.93 -20.66
N LEU D 123 -23.40 -42.09 -21.63
CA LEU D 123 -22.49 -41.11 -22.20
C LEU D 123 -22.74 -39.68 -21.72
N PRO D 124 -21.66 -38.90 -21.54
CA PRO D 124 -21.84 -37.48 -21.23
C PRO D 124 -22.39 -36.74 -22.44
N ASN D 125 -23.05 -35.60 -22.19
CA ASN D 125 -23.40 -34.71 -23.29
C ASN D 125 -22.86 -33.27 -23.15
N MET D 126 -22.16 -33.02 -22.04
CA MET D 126 -21.62 -31.70 -21.70
C MET D 126 -20.22 -31.82 -21.08
N ILE D 127 -19.36 -30.83 -21.31
CA ILE D 127 -18.03 -30.80 -20.69
C ILE D 127 -17.82 -29.51 -19.89
N LEU D 128 -17.41 -29.66 -18.63
CA LEU D 128 -16.92 -28.55 -17.82
C LEU D 128 -15.44 -28.78 -17.49
N ASP D 129 -14.56 -27.92 -17.99
CA ASP D 129 -13.13 -28.24 -17.97
C ASP D 129 -12.28 -27.09 -17.44
N ASP D 130 -11.10 -27.44 -16.93
CA ASP D 130 -10.15 -26.49 -16.38
C ASP D 130 -8.75 -26.89 -16.81
N GLY D 131 -8.24 -26.22 -17.83
CA GLY D 131 -6.92 -26.52 -18.33
C GLY D 131 -6.96 -27.31 -19.62
N GLY D 132 -8.06 -28.01 -19.86
CA GLY D 132 -8.26 -28.61 -21.16
C GLY D 132 -7.94 -30.08 -21.29
N ASP D 133 -7.44 -30.69 -20.23
CA ASP D 133 -7.15 -32.13 -20.24
C ASP D 133 -8.34 -33.01 -20.72
N LEU D 134 -9.55 -32.70 -20.24
CA LEU D 134 -10.74 -33.51 -20.57
C LEU D 134 -11.25 -33.21 -21.98
N THR D 135 -11.18 -31.94 -22.37
CA THR D 135 -11.45 -31.50 -23.75
C THR D 135 -10.55 -32.24 -24.75
N ASN D 136 -9.25 -32.25 -24.49
CA ASN D 136 -8.33 -32.97 -25.36
C ASN D 136 -8.61 -34.47 -25.35
N LEU D 137 -8.83 -35.05 -24.17
CA LEU D 137 -9.14 -36.48 -24.05
C LEU D 137 -10.33 -36.90 -24.92
N VAL D 138 -11.42 -36.14 -24.86
CA VAL D 138 -12.62 -36.46 -25.62
C VAL D 138 -12.40 -36.31 -27.12
N ILE D 139 -11.84 -35.18 -27.55
CA ILE D 139 -11.60 -34.96 -28.97
C ILE D 139 -10.61 -35.98 -29.52
N ASP D 140 -9.46 -36.16 -28.86
CA ASP D 140 -8.39 -37.02 -29.38
C ASP D 140 -8.56 -38.53 -29.18
N ARG D 141 -9.20 -38.94 -28.10
CA ARG D 141 -9.25 -40.36 -27.76
C ARG D 141 -10.64 -40.98 -27.84
N TYR D 142 -11.66 -40.13 -27.90
CA TYR D 142 -13.05 -40.60 -27.96
C TYR D 142 -13.77 -39.92 -29.13
N PRO D 143 -13.32 -40.21 -30.38
CA PRO D 143 -13.92 -39.55 -31.56
C PRO D 143 -15.41 -39.88 -31.77
N GLU D 144 -15.83 -41.06 -31.32
CA GLU D 144 -17.23 -41.48 -31.39
C GLU D 144 -18.15 -40.66 -30.47
N LEU D 145 -17.55 -40.07 -29.43
CA LEU D 145 -18.29 -39.30 -28.43
C LEU D 145 -18.46 -37.83 -28.82
N VAL D 146 -17.52 -37.29 -29.57
CA VAL D 146 -17.57 -35.88 -30.00
C VAL D 146 -18.96 -35.37 -30.43
N PRO D 147 -19.68 -36.11 -31.31
CA PRO D 147 -20.97 -35.59 -31.79
C PRO D 147 -22.09 -35.59 -30.75
N LYS D 148 -21.84 -36.13 -29.57
CA LYS D 148 -22.84 -36.14 -28.51
C LYS D 148 -22.64 -35.00 -27.50
N ILE D 149 -21.50 -34.32 -27.61
CA ILE D 149 -21.19 -33.24 -26.68
C ILE D 149 -21.68 -31.90 -27.22
N PHE D 150 -22.67 -31.34 -26.52
CA PHE D 150 -23.28 -30.09 -26.93
C PHE D 150 -22.44 -28.86 -26.62
N GLY D 151 -21.51 -28.94 -25.68
CA GLY D 151 -20.74 -27.75 -25.32
C GLY D 151 -19.68 -27.92 -24.27
N ILE D 152 -18.68 -27.06 -24.35
CA ILE D 152 -17.60 -26.96 -23.36
C ILE D 152 -17.64 -25.60 -22.64
N SER D 153 -17.52 -25.61 -21.31
CA SER D 153 -17.17 -24.37 -20.60
C SER D 153 -15.78 -24.52 -19.99
N GLU D 154 -14.93 -23.52 -20.22
CA GLU D 154 -13.54 -23.54 -19.80
C GLU D 154 -13.25 -22.45 -18.74
N GLU D 155 -12.60 -22.89 -17.67
CA GLU D 155 -12.40 -22.10 -16.46
C GLU D 155 -11.19 -21.15 -16.55
N THR D 156 -10.10 -21.61 -17.18
CA THR D 156 -8.80 -20.99 -16.99
C THR D 156 -8.10 -20.49 -18.26
N THR D 157 -7.13 -19.59 -18.08
CA THR D 157 -6.38 -19.02 -19.20
C THR D 157 -5.72 -20.05 -20.13
N THR D 158 -4.95 -20.98 -19.59
CA THR D 158 -4.25 -21.96 -20.45
C THR D 158 -5.25 -22.86 -21.21
N GLY D 159 -6.36 -23.17 -20.55
CA GLY D 159 -7.47 -23.88 -21.18
C GLY D 159 -8.01 -23.10 -22.37
N VAL D 160 -8.17 -21.79 -22.21
CA VAL D 160 -8.62 -20.93 -23.32
C VAL D 160 -7.59 -20.86 -24.45
N LYS D 161 -6.30 -20.73 -24.10
CA LYS D 161 -5.20 -20.76 -25.09
C LYS D 161 -5.22 -22.04 -25.91
N ASN D 162 -5.46 -23.17 -25.24
CA ASN D 162 -5.57 -24.48 -25.88
C ASN D 162 -6.77 -24.54 -26.82
N LEU D 163 -7.88 -23.87 -26.46
CA LEU D 163 -9.05 -23.84 -27.34
C LEU D 163 -8.77 -23.15 -28.68
N TYR D 164 -8.08 -22.01 -28.63
CA TYR D 164 -7.71 -21.27 -29.83
C TYR D 164 -6.67 -21.97 -30.70
N LYS D 165 -5.61 -22.49 -30.08
CA LYS D 165 -4.62 -23.27 -30.79
C LYS D 165 -5.31 -24.41 -31.57
N ARG D 166 -6.20 -25.15 -30.90
CA ARG D 166 -7.01 -26.20 -31.53
C ARG D 166 -7.82 -25.67 -32.71
N LEU D 167 -8.59 -24.62 -32.48
CA LEU D 167 -9.41 -23.99 -33.50
C LEU D 167 -8.58 -23.58 -34.74
N SER D 168 -7.39 -23.02 -34.49
CA SER D 168 -6.49 -22.59 -35.56
C SER D 168 -5.88 -23.76 -36.37
N LYS D 169 -6.00 -24.98 -35.87
CA LYS D 169 -5.50 -26.17 -36.58
C LYS D 169 -6.65 -27.02 -37.14
N GLY D 170 -7.87 -26.51 -37.05
CA GLY D 170 -9.07 -27.24 -37.47
C GLY D 170 -9.42 -28.40 -36.56
N ASN D 171 -8.92 -28.37 -35.32
CA ASN D 171 -9.07 -29.45 -34.35
C ASN D 171 -10.13 -29.20 -33.25
N LEU D 172 -10.99 -28.21 -33.43
CA LEU D 172 -12.06 -27.97 -32.45
C LEU D 172 -13.47 -28.25 -33.03
N PRO D 173 -14.03 -29.43 -32.75
CA PRO D 173 -15.36 -29.79 -33.25
C PRO D 173 -16.54 -29.48 -32.31
N ILE D 174 -16.26 -29.01 -31.10
CA ILE D 174 -17.32 -28.66 -30.15
C ILE D 174 -17.22 -27.17 -29.81
N SER D 175 -18.37 -26.53 -29.66
CA SER D 175 -18.36 -25.12 -29.27
C SER D 175 -18.08 -24.95 -27.78
N ALA D 176 -17.40 -23.87 -27.45
CA ALA D 176 -17.01 -23.59 -26.06
C ALA D 176 -17.39 -22.19 -25.59
N ILE D 177 -17.76 -22.08 -24.31
CA ILE D 177 -17.86 -20.77 -23.68
C ILE D 177 -16.64 -20.48 -22.82
N ASN D 178 -16.01 -19.35 -23.10
CA ASN D 178 -14.87 -18.82 -22.33
C ASN D 178 -15.33 -18.14 -21.04
N VAL D 179 -15.16 -18.83 -19.91
CA VAL D 179 -15.55 -18.28 -18.61
C VAL D 179 -14.40 -17.54 -17.91
N ASN D 180 -13.15 -17.88 -18.24
CA ASN D 180 -11.96 -17.17 -17.72
C ASN D 180 -11.97 -15.65 -18.02
N ASP D 181 -12.36 -15.28 -19.25
CA ASP D 181 -12.39 -13.86 -19.66
C ASP D 181 -13.78 -13.23 -19.55
N SER D 182 -14.75 -13.98 -19.01
CA SER D 182 -16.14 -13.50 -18.95
C SER D 182 -16.38 -12.41 -17.91
N SER D 186 -11.34 -13.28 -14.73
CA SER D 186 -9.90 -13.17 -14.46
C SER D 186 -9.54 -11.86 -13.78
N LYS D 187 -10.34 -10.82 -14.04
CA LYS D 187 -10.22 -9.54 -13.33
C LYS D 187 -10.33 -9.77 -11.84
N PHE D 188 -11.06 -10.84 -11.49
CA PHE D 188 -11.44 -11.19 -10.13
C PHE D 188 -10.75 -12.46 -9.69
N ASP D 189 -11.22 -13.58 -10.22
CA ASP D 189 -10.58 -14.86 -9.93
C ASP D 189 -9.09 -14.61 -9.84
N ASN D 190 -8.48 -14.29 -10.98
CA ASN D 190 -7.05 -14.41 -11.13
C ASN D 190 -6.27 -13.45 -10.23
N LEU D 191 -6.68 -12.19 -10.15
CA LEU D 191 -5.89 -11.22 -9.41
C LEU D 191 -6.14 -11.27 -7.89
N TYR D 192 -7.38 -11.07 -7.49
CA TYR D 192 -7.75 -11.11 -6.07
C TYR D 192 -7.51 -12.49 -5.46
N GLY D 193 -7.76 -13.52 -6.25
CA GLY D 193 -7.58 -14.91 -5.85
C GLY D 193 -6.14 -15.21 -5.48
N CYS D 194 -5.21 -14.93 -6.41
CA CYS D 194 -3.78 -15.17 -6.21
C CYS D 194 -3.18 -14.26 -5.16
N ARG D 195 -3.69 -13.03 -5.08
CA ARG D 195 -3.19 -12.08 -4.09
C ARG D 195 -3.36 -12.62 -2.65
N GLU D 196 -4.21 -13.62 -2.49
CA GLU D 196 -4.40 -14.18 -1.17
C GLU D 196 -3.91 -15.60 -1.04
N SER D 197 -3.96 -16.34 -2.14
CA SER D 197 -3.66 -17.77 -2.06
C SER D 197 -2.20 -18.16 -2.36
N LEU D 198 -1.43 -17.26 -2.97
CA LEU D 198 -0.01 -17.55 -3.26
C LEU D 198 0.84 -17.65 -2.02
N VAL D 199 0.79 -16.61 -1.20
CA VAL D 199 1.52 -16.55 0.07
C VAL D 199 1.03 -17.61 1.09
N ASP D 200 -0.27 -17.86 1.09
CA ASP D 200 -0.89 -18.96 1.84
C ASP D 200 -0.24 -20.32 1.51
N GLY D 201 -0.11 -20.62 0.22
CA GLY D 201 0.62 -21.81 -0.23
C GLY D 201 2.08 -21.85 0.22
N ILE D 202 2.82 -20.78 -0.04
CA ILE D 202 4.22 -20.63 0.38
C ILE D 202 4.41 -20.76 1.90
N LYS D 203 3.48 -20.17 2.68
CA LYS D 203 3.53 -20.21 4.16
C LYS D 203 3.23 -21.59 4.74
N ARG D 204 2.18 -22.24 4.24
CA ARG D 204 1.85 -23.57 4.74
C ARG D 204 3.02 -24.51 4.45
N ALA D 205 3.66 -24.32 3.30
CA ALA D 205 4.77 -25.17 2.90
C ALA D 205 6.07 -24.92 3.69
N THR D 206 6.39 -23.66 3.97
CA THR D 206 7.74 -23.32 4.45
C THR D 206 7.81 -22.44 5.69
N ASP D 207 6.70 -21.81 6.08
CA ASP D 207 6.66 -20.83 7.21
C ASP D 207 7.62 -19.63 7.08
N VAL D 208 8.23 -19.48 5.91
CA VAL D 208 9.19 -18.43 5.60
C VAL D 208 8.59 -17.03 5.78
N MET D 209 9.42 -16.11 6.28
CA MET D 209 9.05 -14.71 6.30
C MET D 209 9.13 -14.07 4.91
N ILE D 210 8.13 -13.27 4.57
CA ILE D 210 8.09 -12.58 3.29
C ILE D 210 8.84 -11.23 3.33
N ALA D 211 8.70 -10.49 4.42
CA ALA D 211 9.36 -9.20 4.61
C ALA D 211 10.88 -9.34 4.46
N GLY D 212 11.52 -8.43 3.73
CA GLY D 212 12.97 -8.45 3.59
C GLY D 212 13.46 -9.26 2.40
N LYS D 213 12.62 -10.15 1.89
CA LYS D 213 12.97 -11.02 0.77
C LYS D 213 12.92 -10.31 -0.57
N THR D 214 13.72 -10.83 -1.49
CA THR D 214 13.70 -10.42 -2.87
C THR D 214 12.97 -11.52 -3.61
N CYS D 215 11.92 -11.17 -4.33
CA CYS D 215 11.16 -12.19 -5.04
C CYS D 215 11.18 -11.93 -6.53
N CYS D 216 11.25 -13.01 -7.30
CA CYS D 216 11.18 -12.93 -8.74
C CYS D 216 9.84 -13.48 -9.17
N VAL D 217 9.00 -12.62 -9.70
CA VAL D 217 7.70 -13.03 -10.23
C VAL D 217 7.77 -12.97 -11.73
N CYS D 218 7.63 -14.14 -12.36
CA CYS D 218 7.71 -14.29 -13.81
C CYS D 218 6.34 -14.17 -14.47
N GLY D 219 6.21 -13.14 -15.30
CA GLY D 219 4.93 -12.84 -15.93
C GLY D 219 4.09 -11.87 -15.12
N TYR D 220 3.27 -11.08 -15.81
CA TYR D 220 2.52 -10.01 -15.17
C TYR D 220 1.15 -9.84 -15.85
N GLY D 221 0.47 -10.97 -16.06
CA GLY D 221 -0.97 -10.93 -16.35
C GLY D 221 -1.69 -10.79 -15.01
N ASP D 222 -3.00 -11.02 -15.01
CA ASP D 222 -3.77 -10.95 -13.75
C ASP D 222 -3.20 -11.84 -12.62
N VAL D 223 -2.67 -13.00 -12.98
CA VAL D 223 -2.07 -13.89 -11.99
C VAL D 223 -0.81 -13.29 -11.38
N GLY D 224 0.16 -12.93 -12.23
CA GLY D 224 1.37 -12.23 -11.79
C GLY D 224 1.14 -10.92 -11.02
N LYS D 225 0.11 -10.16 -11.38
CA LYS D 225 -0.22 -8.91 -10.67
C LYS D 225 -0.66 -9.15 -9.22
N GLY D 226 -1.52 -10.15 -9.04
CA GLY D 226 -1.97 -10.59 -7.72
C GLY D 226 -0.83 -11.10 -6.86
N CYS D 227 -0.02 -11.98 -7.44
CA CYS D 227 1.13 -12.53 -6.73
C CYS D 227 2.07 -11.43 -6.28
N ALA D 228 2.44 -10.56 -7.21
CA ALA D 228 3.33 -9.46 -6.92
C ALA D 228 2.75 -8.54 -5.83
N ALA D 229 1.46 -8.21 -5.94
CA ALA D 229 0.77 -7.39 -4.90
C ALA D 229 0.87 -8.05 -3.53
N ALA D 230 0.70 -9.38 -3.51
CA ALA D 230 0.76 -10.14 -2.26
C ALA D 230 2.15 -10.13 -1.61
N LEU D 231 3.19 -10.47 -2.37
CA LEU D 231 4.56 -10.42 -1.83
C LEU D 231 4.94 -8.98 -1.39
N ARG D 232 4.63 -7.99 -2.23
CA ARG D 232 4.84 -6.58 -1.88
C ARG D 232 4.18 -6.14 -0.55
N ALA D 233 2.93 -6.51 -0.35
CA ALA D 233 2.16 -6.10 0.84
C ALA D 233 2.82 -6.55 2.13
N PHE D 234 3.50 -7.69 2.09
CA PHE D 234 4.18 -8.20 3.25
C PHE D 234 5.61 -7.70 3.39
N GLY D 235 6.02 -6.84 2.47
CA GLY D 235 7.32 -6.21 2.61
C GLY D 235 8.43 -6.86 1.82
N ALA D 236 8.07 -7.62 0.80
CA ALA D 236 9.07 -8.18 -0.11
C ALA D 236 9.38 -7.18 -1.20
N ARG D 237 10.59 -7.27 -1.74
CA ARG D 237 10.91 -6.50 -2.95
C ARG D 237 10.71 -7.45 -4.13
N VAL D 238 9.81 -7.10 -5.03
CA VAL D 238 9.45 -7.95 -6.14
C VAL D 238 10.12 -7.45 -7.42
N VAL D 239 10.78 -8.36 -8.13
CA VAL D 239 11.27 -8.07 -9.48
C VAL D 239 10.39 -8.87 -10.43
N VAL D 240 9.93 -8.21 -11.48
CA VAL D 240 9.03 -8.80 -12.42
C VAL D 240 9.75 -9.07 -13.74
N THR D 241 9.40 -10.18 -14.38
CA THR D 241 9.83 -10.46 -15.75
C THR D 241 8.61 -10.56 -16.66
N GLU D 242 8.78 -10.10 -17.90
CA GLU D 242 7.73 -10.04 -18.91
C GLU D 242 8.32 -10.05 -20.33
N VAL D 243 7.55 -10.57 -21.28
CA VAL D 243 7.91 -10.56 -22.70
C VAL D 243 7.07 -9.56 -23.46
N ASP D 244 5.99 -9.11 -22.81
CA ASP D 244 5.01 -8.24 -23.43
C ASP D 244 5.22 -6.83 -22.85
N PRO D 245 5.48 -5.85 -23.73
CA PRO D 245 5.78 -4.46 -23.35
C PRO D 245 4.65 -3.73 -22.60
N ILE D 246 3.39 -4.04 -22.92
CA ILE D 246 2.26 -3.44 -22.22
C ILE D 246 2.31 -3.83 -20.75
N ASN D 247 2.38 -5.12 -20.49
CA ASN D 247 2.42 -5.63 -19.12
C ASN D 247 3.66 -5.16 -18.35
N ALA D 248 4.79 -5.02 -19.03
CA ALA D 248 6.04 -4.59 -18.41
C ALA D 248 5.95 -3.11 -17.98
N LEU D 249 5.34 -2.29 -18.83
CA LEU D 249 5.10 -0.88 -18.49
C LEU D 249 4.16 -0.74 -17.28
N GLN D 250 3.12 -1.56 -17.24
CA GLN D 250 2.20 -1.62 -16.10
C GLN D 250 2.93 -1.92 -14.79
N ALA D 251 3.68 -3.03 -14.76
CA ALA D 251 4.53 -3.39 -13.61
C ALA D 251 5.43 -2.25 -13.18
N SER D 252 6.07 -1.58 -14.14
CA SER D 252 6.93 -0.48 -13.77
C SER D 252 6.12 0.71 -13.22
N MET D 253 4.92 0.93 -13.74
CA MET D 253 4.04 1.97 -13.24
C MET D 253 3.56 1.63 -11.83
N GLU D 254 3.59 0.35 -11.48
CA GLU D 254 3.20 -0.08 -10.14
C GLU D 254 4.37 -0.15 -9.14
N GLY D 255 5.55 0.32 -9.55
CA GLY D 255 6.68 0.41 -8.65
C GLY D 255 7.65 -0.76 -8.68
N TYR D 256 7.51 -1.63 -9.68
CA TYR D 256 8.34 -2.83 -9.75
C TYR D 256 9.47 -2.68 -10.75
N GLN D 257 10.65 -3.14 -10.38
CA GLN D 257 11.71 -3.34 -11.33
C GLN D 257 11.30 -4.46 -12.30
N VAL D 258 11.48 -4.20 -13.59
CA VAL D 258 11.23 -5.21 -14.61
C VAL D 258 12.60 -5.63 -15.16
N ALA D 259 12.90 -6.91 -15.05
CA ALA D 259 14.22 -7.45 -15.39
C ALA D 259 14.16 -8.88 -15.94
N LEU D 260 15.31 -9.41 -16.30
CA LEU D 260 15.43 -10.81 -16.76
C LEU D 260 15.60 -11.67 -15.53
N VAL D 261 15.24 -12.94 -15.64
CA VAL D 261 15.52 -13.90 -14.57
C VAL D 261 17.02 -13.96 -14.21
N GLU D 262 17.88 -13.84 -15.22
CA GLU D 262 19.35 -13.84 -15.03
C GLU D 262 19.83 -12.71 -14.16
N ASP D 263 19.16 -11.57 -14.24
CA ASP D 263 19.49 -10.38 -13.45
C ASP D 263 19.32 -10.54 -11.93
N VAL D 264 18.43 -11.45 -11.51
CA VAL D 264 18.10 -11.59 -10.09
C VAL D 264 18.33 -13.01 -9.56
N MET D 265 18.61 -13.96 -10.46
CA MET D 265 18.67 -15.38 -10.08
C MET D 265 19.61 -15.64 -8.89
N ALA D 266 20.63 -14.81 -8.73
CA ALA D 266 21.60 -15.00 -7.68
C ALA D 266 21.13 -14.39 -6.35
N ASP D 267 20.11 -13.52 -6.43
CA ASP D 267 19.67 -12.71 -5.29
C ASP D 267 18.31 -13.10 -4.73
N ALA D 268 17.45 -13.67 -5.56
CA ALA D 268 16.08 -13.91 -5.17
C ALA D 268 15.95 -15.04 -4.15
N HIS D 269 15.27 -14.76 -3.04
CA HIS D 269 14.92 -15.80 -2.07
C HIS D 269 13.78 -16.69 -2.57
N ILE D 270 12.94 -16.12 -3.43
CA ILE D 270 11.73 -16.82 -3.88
C ILE D 270 11.55 -16.53 -5.37
N PHE D 271 11.17 -17.58 -6.11
CA PHE D 271 10.83 -17.51 -7.51
C PHE D 271 9.39 -18.03 -7.70
N VAL D 272 8.56 -17.22 -8.36
CA VAL D 272 7.17 -17.58 -8.65
C VAL D 272 6.93 -17.43 -10.15
N THR D 273 6.56 -18.52 -10.82
CA THR D 273 6.22 -18.48 -12.25
C THR D 273 4.68 -18.38 -12.44
N THR D 274 4.28 -17.49 -13.34
CA THR D 274 2.86 -17.16 -13.56
C THR D 274 2.60 -17.02 -15.04
N THR D 275 3.46 -17.58 -15.89
CA THR D 275 3.37 -17.26 -17.32
C THR D 275 2.34 -18.04 -18.11
N GLY D 276 2.10 -19.29 -17.72
CA GLY D 276 1.34 -20.21 -18.58
C GLY D 276 2.20 -20.72 -19.72
N ASN D 277 3.51 -20.65 -19.58
CA ASN D 277 4.45 -21.10 -20.63
C ASN D 277 5.49 -22.00 -20.03
N ASP D 278 6.13 -22.81 -20.89
CA ASP D 278 7.16 -23.76 -20.44
C ASP D 278 8.52 -23.10 -20.32
N ASP D 279 9.39 -23.75 -19.54
CA ASP D 279 10.81 -23.43 -19.43
C ASP D 279 11.13 -21.99 -18.97
N ILE D 280 10.50 -21.54 -17.89
CA ILE D 280 10.71 -20.20 -17.35
C ILE D 280 11.90 -20.19 -16.39
N ILE D 281 11.93 -21.16 -15.49
CA ILE D 281 13.03 -21.39 -14.55
C ILE D 281 13.70 -22.69 -15.00
N THR D 282 14.98 -22.60 -15.36
CA THR D 282 15.69 -23.66 -16.09
C THR D 282 17.02 -24.12 -15.49
N SER D 283 17.58 -25.16 -16.12
CA SER D 283 18.99 -25.57 -15.91
C SER D 283 19.98 -24.41 -15.94
N ASP D 284 19.73 -23.41 -16.78
CA ASP D 284 20.51 -22.16 -16.80
C ASP D 284 20.39 -21.32 -15.52
N HIS D 285 19.42 -21.65 -14.66
CA HIS D 285 19.15 -20.84 -13.47
C HIS D 285 19.50 -21.49 -12.11
N PHE D 286 19.06 -22.73 -11.91
CA PHE D 286 19.29 -23.45 -10.63
C PHE D 286 20.72 -23.37 -10.05
N PRO D 287 21.75 -23.60 -10.89
CA PRO D 287 23.12 -23.64 -10.35
C PRO D 287 23.55 -22.34 -9.71
N HIS D 288 22.84 -21.26 -9.99
CA HIS D 288 23.22 -19.95 -9.51
C HIS D 288 22.41 -19.38 -8.35
N MET D 289 21.38 -20.10 -7.92
CA MET D 289 20.48 -19.60 -6.88
C MET D 289 21.13 -19.67 -5.49
N ARG D 290 20.81 -18.71 -4.62
CA ARG D 290 21.32 -18.72 -3.26
C ARG D 290 20.81 -19.94 -2.49
N ASP D 291 21.44 -20.21 -1.35
CA ASP D 291 21.02 -21.32 -0.53
C ASP D 291 19.57 -21.16 -0.04
N ASP D 292 18.83 -22.27 -0.10
CA ASP D 292 17.42 -22.36 0.31
C ASP D 292 16.44 -21.46 -0.42
N ALA D 293 16.84 -20.98 -1.61
CA ALA D 293 15.93 -20.34 -2.55
C ALA D 293 14.67 -21.20 -2.75
N ILE D 294 13.52 -20.54 -2.81
CA ILE D 294 12.26 -21.25 -2.94
C ILE D 294 11.70 -21.08 -4.35
N VAL D 295 11.43 -22.21 -5.02
CA VAL D 295 10.90 -22.22 -6.37
C VAL D 295 9.49 -22.83 -6.40
N CYS D 296 8.57 -22.13 -7.03
CA CYS D 296 7.20 -22.60 -7.14
C CYS D 296 6.57 -22.01 -8.38
N ASN D 297 5.44 -22.60 -8.78
CA ASN D 297 4.68 -22.24 -9.95
C ASN D 297 3.21 -22.08 -9.56
N ILE D 298 2.52 -21.14 -10.19
CA ILE D 298 1.11 -20.95 -9.93
C ILE D 298 0.32 -20.97 -11.26
N GLY D 299 1.05 -21.08 -12.37
CA GLY D 299 0.45 -21.34 -13.68
C GLY D 299 -0.12 -22.76 -13.79
N HIS D 300 -0.95 -23.01 -14.81
CA HIS D 300 -1.66 -24.31 -14.87
C HIS D 300 -0.76 -25.56 -14.98
N PHE D 301 0.30 -25.52 -15.79
CA PHE D 301 1.18 -26.69 -15.92
C PHE D 301 2.51 -26.53 -15.21
N ASP D 302 2.95 -27.61 -14.55
CA ASP D 302 4.23 -27.63 -13.84
C ASP D 302 5.47 -27.40 -14.73
N THR D 303 5.32 -27.50 -16.04
CA THR D 303 6.49 -27.42 -16.93
C THR D 303 7.06 -26.00 -17.08
N GLU D 304 6.51 -25.03 -16.34
CA GLU D 304 7.13 -23.69 -16.22
C GLU D 304 8.53 -23.81 -15.59
N ILE D 305 8.67 -24.80 -14.70
CA ILE D 305 9.93 -25.10 -14.03
C ILE D 305 10.47 -26.43 -14.55
N GLN D 306 11.77 -26.50 -14.76
CA GLN D 306 12.43 -27.75 -15.20
C GLN D 306 12.67 -28.66 -14.01
N VAL D 307 11.57 -29.20 -13.49
CA VAL D 307 11.58 -30.13 -12.35
C VAL D 307 12.42 -31.37 -12.69
N GLY D 308 12.19 -31.94 -13.87
CA GLY D 308 12.93 -33.13 -14.33
C GLY D 308 14.43 -32.93 -14.23
N TRP D 309 14.93 -31.83 -14.81
CA TRP D 309 16.35 -31.52 -14.78
C TRP D 309 16.85 -31.37 -13.36
N LEU D 310 16.08 -30.70 -12.51
CA LEU D 310 16.46 -30.51 -11.12
C LEU D 310 16.61 -31.85 -10.39
N GLU D 311 15.58 -32.70 -10.46
CA GLU D 311 15.60 -34.00 -9.81
C GLU D 311 16.78 -34.86 -10.27
N ALA D 312 17.06 -34.83 -11.57
CA ALA D 312 18.14 -35.59 -12.21
C ALA D 312 19.56 -35.13 -11.88
N ASN D 313 19.72 -33.84 -11.57
CA ASN D 313 21.04 -33.26 -11.42
C ASN D 313 21.43 -32.92 -9.99
N ALA D 314 20.50 -33.08 -9.05
CA ALA D 314 20.80 -32.85 -7.64
C ALA D 314 21.65 -33.99 -7.09
N LYS D 315 22.56 -33.66 -6.19
CA LYS D 315 23.39 -34.64 -5.47
C LYS D 315 22.63 -35.35 -4.36
N GLU D 316 21.73 -34.63 -3.68
CA GLU D 316 20.86 -35.22 -2.68
C GLU D 316 19.45 -34.68 -2.87
N HIS D 317 18.47 -35.45 -2.42
CA HIS D 317 17.09 -35.01 -2.30
C HIS D 317 16.53 -35.44 -0.96
N VAL D 318 15.94 -34.50 -0.23
CA VAL D 318 15.26 -34.77 1.03
C VAL D 318 13.82 -34.24 0.96
N GLU D 319 12.85 -35.06 1.37
CA GLU D 319 11.46 -34.62 1.52
C GLU D 319 11.22 -34.10 2.93
N ILE D 320 11.02 -32.79 3.06
CA ILE D 320 10.74 -32.16 4.37
C ILE D 320 9.39 -32.58 4.91
N LYS D 321 8.41 -32.62 4.02
CA LYS D 321 7.05 -33.06 4.29
C LYS D 321 6.38 -33.08 2.94
N PRO D 322 5.22 -33.75 2.82
CA PRO D 322 4.58 -33.85 1.50
C PRO D 322 4.50 -32.48 0.78
N GLN D 323 4.86 -32.50 -0.51
CA GLN D 323 4.86 -31.32 -1.41
C GLN D 323 5.93 -30.26 -1.07
N VAL D 324 6.85 -30.60 -0.17
CA VAL D 324 7.99 -29.75 0.15
C VAL D 324 9.29 -30.54 0.03
N ASP D 325 10.07 -30.24 -1.00
CA ASP D 325 11.23 -31.03 -1.34
C ASP D 325 12.49 -30.18 -1.39
N ARG D 326 13.56 -30.70 -0.78
CA ARG D 326 14.84 -30.01 -0.69
C ARG D 326 15.90 -30.76 -1.48
N TYR D 327 16.51 -30.03 -2.41
CA TYR D 327 17.53 -30.54 -3.31
C TYR D 327 18.87 -29.91 -2.97
N THR D 328 19.89 -30.76 -2.81
CA THR D 328 21.24 -30.28 -2.64
C THR D 328 21.99 -30.36 -3.96
N MET D 329 22.43 -29.22 -4.46
CA MET D 329 23.18 -29.15 -5.72
C MET D 329 24.67 -29.42 -5.53
N GLU D 330 25.37 -29.63 -6.65
CA GLU D 330 26.84 -29.74 -6.69
C GLU D 330 27.54 -28.59 -5.98
N ASN D 331 26.91 -27.42 -6.02
CA ASN D 331 27.22 -26.23 -5.18
C ASN D 331 27.49 -26.49 -3.69
N GLY D 332 26.89 -27.54 -3.17
CA GLY D 332 26.71 -27.65 -1.72
C GLY D 332 25.55 -26.80 -1.22
N ARG D 333 24.90 -26.07 -2.14
CA ARG D 333 23.75 -25.22 -1.80
C ARG D 333 22.42 -25.93 -2.01
N HIS D 334 21.36 -25.39 -1.43
CA HIS D 334 20.04 -26.01 -1.53
C HIS D 334 19.02 -25.19 -2.32
N ILE D 335 18.09 -25.92 -2.92
CA ILE D 335 16.92 -25.36 -3.53
C ILE D 335 15.69 -26.05 -2.95
N ILE D 336 14.71 -25.26 -2.53
CA ILE D 336 13.44 -25.78 -2.02
C ILE D 336 12.36 -25.69 -3.11
N LEU D 337 11.79 -26.83 -3.48
CA LEU D 337 10.78 -26.88 -4.54
C LEU D 337 9.40 -27.16 -3.95
N LEU D 338 8.39 -26.40 -4.38
CA LEU D 338 7.04 -26.58 -3.83
C LEU D 338 6.13 -27.38 -4.77
N ALA D 339 5.43 -28.37 -4.20
CA ALA D 339 4.44 -29.20 -4.91
C ALA D 339 4.95 -29.79 -6.22
N LYS D 340 6.25 -30.12 -6.28
CA LYS D 340 6.89 -30.58 -7.53
C LYS D 340 6.54 -29.68 -8.71
N GLY D 341 6.41 -28.37 -8.42
CA GLY D 341 6.14 -27.38 -9.46
C GLY D 341 4.69 -27.28 -9.93
N ARG D 342 3.78 -27.95 -9.22
CA ARG D 342 2.35 -27.89 -9.53
C ARG D 342 1.78 -26.65 -8.85
N LEU D 343 0.64 -26.16 -9.34
CA LEU D 343 0.08 -24.88 -8.86
C LEU D 343 0.11 -24.85 -7.34
N VAL D 344 0.88 -23.91 -6.83
CA VAL D 344 1.31 -23.93 -5.45
C VAL D 344 0.16 -23.64 -4.47
N ASN D 345 -0.77 -22.77 -4.88
CA ASN D 345 -1.88 -22.40 -4.02
C ASN D 345 -2.82 -23.58 -3.72
N LEU D 346 -3.05 -24.41 -4.73
CA LEU D 346 -3.85 -25.62 -4.55
C LEU D 346 -3.04 -26.80 -4.02
N GLY D 347 -1.75 -26.84 -4.37
CA GLY D 347 -0.86 -27.93 -4.00
C GLY D 347 -0.37 -27.89 -2.57
N CYS D 348 -0.14 -26.69 -2.03
CA CYS D 348 0.37 -26.52 -0.69
C CYS D 348 -0.61 -25.87 0.28
N ALA D 349 -1.71 -25.32 -0.24
CA ALA D 349 -2.74 -24.75 0.63
C ALA D 349 -4.11 -25.18 0.12
N SER D 350 -5.08 -24.27 0.05
CA SER D 350 -6.44 -24.65 -0.32
CA SER D 350 -6.45 -24.65 -0.33
C SER D 350 -6.95 -23.89 -1.55
N GLY D 351 -6.04 -23.33 -2.34
CA GLY D 351 -6.39 -22.53 -3.50
C GLY D 351 -7.10 -21.24 -3.13
N HIS D 352 -7.73 -20.60 -4.12
CA HIS D 352 -8.56 -19.39 -3.91
C HIS D 352 -9.64 -19.62 -2.88
N PRO D 353 -9.92 -18.61 -2.04
CA PRO D 353 -10.99 -18.71 -1.06
C PRO D 353 -12.33 -18.77 -1.77
N SER D 354 -13.37 -19.24 -1.08
N SER D 354 -13.35 -19.25 -1.05
CA SER D 354 -14.67 -19.48 -1.71
CA SER D 354 -14.71 -19.47 -1.57
C SER D 354 -15.42 -18.23 -2.19
C SER D 354 -15.35 -18.23 -2.21
N PHE D 355 -15.15 -17.05 -1.61
CA PHE D 355 -15.85 -15.83 -2.08
C PHE D 355 -15.56 -15.51 -3.54
N VAL D 356 -14.29 -15.51 -3.90
CA VAL D 356 -13.94 -15.17 -5.26
C VAL D 356 -14.24 -16.31 -6.24
N MET D 357 -14.17 -17.56 -5.76
CA MET D 357 -14.57 -18.72 -6.55
C MET D 357 -16.05 -18.68 -6.88
N SER D 358 -16.83 -18.07 -5.99
CA SER D 358 -18.27 -17.88 -6.26
C SER D 358 -18.49 -17.12 -7.56
N ASN D 359 -17.62 -16.15 -7.88
CA ASN D 359 -17.75 -15.42 -9.16
C ASN D 359 -17.55 -16.32 -10.37
N SER D 360 -16.43 -17.02 -10.41
N SER D 360 -16.43 -17.03 -10.39
CA SER D 360 -16.10 -17.85 -11.56
CA SER D 360 -16.06 -17.87 -11.50
C SER D 360 -17.06 -19.05 -11.70
C SER D 360 -17.07 -19.01 -11.68
N PHE D 361 -17.45 -19.63 -10.57
CA PHE D 361 -18.39 -20.75 -10.58
C PHE D 361 -19.81 -20.37 -10.88
N THR D 362 -20.24 -19.17 -10.46
CA THR D 362 -21.56 -18.70 -10.87
C THR D 362 -21.61 -18.62 -12.40
N ASN D 363 -20.54 -18.08 -12.99
CA ASN D 363 -20.40 -18.02 -14.46
C ASN D 363 -20.40 -19.41 -15.09
N GLN D 364 -19.69 -20.34 -14.46
CA GLN D 364 -19.58 -21.72 -14.91
C GLN D 364 -20.98 -22.32 -15.06
N VAL D 365 -21.82 -22.10 -14.06
CA VAL D 365 -23.18 -22.63 -14.10
C VAL D 365 -24.03 -21.97 -15.18
N LEU D 366 -23.89 -20.64 -15.34
CA LEU D 366 -24.69 -19.90 -16.31
C LEU D 366 -24.30 -20.29 -17.73
N ALA D 367 -23.06 -20.76 -17.87
CA ALA D 367 -22.51 -21.22 -19.15
C ALA D 367 -23.02 -22.62 -19.53
N GLN D 368 -23.07 -23.52 -18.54
CA GLN D 368 -23.65 -24.83 -18.74
C GLN D 368 -25.12 -24.66 -19.12
N ILE D 369 -25.83 -23.77 -18.43
CA ILE D 369 -27.23 -23.48 -18.75
C ILE D 369 -27.35 -22.95 -20.18
N GLU D 370 -26.47 -22.04 -20.54
CA GLU D 370 -26.50 -21.38 -21.83
C GLU D 370 -26.29 -22.37 -22.97
N LEU D 371 -25.27 -23.22 -22.83
CA LEU D 371 -24.94 -24.19 -23.86
C LEU D 371 -25.98 -25.30 -23.92
N TRP D 372 -26.44 -25.71 -22.74
CA TRP D 372 -27.41 -26.80 -22.66
C TRP D 372 -28.76 -26.43 -23.26
N SER D 373 -29.26 -25.24 -22.93
CA SER D 373 -30.62 -24.86 -23.37
C SER D 373 -30.68 -24.48 -24.84
N ASN D 374 -29.55 -24.10 -25.42
CA ASN D 374 -29.40 -23.82 -26.86
C ASN D 374 -28.99 -25.05 -27.71
N ARG D 375 -29.21 -26.25 -27.16
CA ARG D 375 -29.03 -27.55 -27.84
C ARG D 375 -29.34 -27.53 -29.34
N ASP D 376 -30.60 -27.22 -29.66
CA ASP D 376 -31.15 -27.34 -31.03
C ASP D 376 -31.08 -26.05 -31.84
N ASN D 377 -30.07 -25.22 -31.61
CA ASN D 377 -30.09 -23.83 -32.08
C ASN D 377 -29.09 -23.44 -33.13
N GLY D 378 -28.00 -24.18 -33.25
CA GLY D 378 -26.89 -23.75 -34.08
C GLY D 378 -26.30 -22.41 -33.63
N LYS D 379 -26.71 -21.97 -32.44
CA LYS D 379 -26.10 -20.81 -31.77
C LYS D 379 -24.67 -21.14 -31.34
N TYR D 380 -24.46 -22.41 -30.96
CA TYR D 380 -23.15 -22.92 -30.58
C TYR D 380 -22.87 -24.17 -31.39
N PRO D 381 -22.43 -23.98 -32.66
CA PRO D 381 -22.38 -25.05 -33.67
C PRO D 381 -21.49 -26.23 -33.28
N ARG D 382 -21.97 -27.45 -33.53
CA ARG D 382 -21.10 -28.61 -33.54
C ARG D 382 -20.54 -28.79 -34.95
N GLY D 383 -19.31 -29.32 -35.03
CA GLY D 383 -18.65 -29.62 -36.30
C GLY D 383 -17.70 -28.54 -36.77
N ASP D 384 -17.93 -28.03 -37.97
CA ASP D 384 -17.01 -27.11 -38.64
C ASP D 384 -17.13 -25.67 -38.20
N LYS D 385 -18.34 -25.26 -37.84
CA LYS D 385 -18.62 -23.87 -37.47
C LYS D 385 -18.39 -23.60 -35.97
N ALA D 386 -17.87 -24.62 -35.28
CA ALA D 386 -17.61 -24.59 -33.83
C ALA D 386 -16.66 -23.45 -33.43
N GLY D 387 -17.11 -22.63 -32.48
CA GLY D 387 -16.32 -21.49 -32.02
C GLY D 387 -16.14 -21.36 -30.53
N VAL D 388 -15.36 -20.35 -30.13
CA VAL D 388 -15.20 -19.96 -28.75
C VAL D 388 -16.03 -18.70 -28.55
N PHE D 389 -16.89 -18.69 -27.53
CA PHE D 389 -17.74 -17.53 -27.23
C PHE D 389 -17.60 -17.10 -25.76
N PHE D 390 -17.82 -15.80 -25.53
CA PHE D 390 -17.91 -15.26 -24.18
C PHE D 390 -19.38 -15.36 -23.76
N LEU D 391 -19.64 -15.34 -22.45
CA LEU D 391 -21.02 -15.26 -21.97
C LEU D 391 -21.64 -13.94 -22.40
N PRO D 392 -22.97 -13.93 -22.67
CA PRO D 392 -23.66 -12.67 -22.97
C PRO D 392 -23.37 -11.65 -21.88
N LYS D 393 -23.11 -10.40 -22.26
CA LYS D 393 -22.60 -9.38 -21.33
C LYS D 393 -23.50 -8.93 -20.16
N ALA D 394 -24.82 -9.07 -20.28
CA ALA D 394 -25.75 -8.65 -19.21
C ALA D 394 -25.56 -9.48 -17.95
N LEU D 395 -25.01 -10.67 -18.13
CA LEU D 395 -24.79 -11.61 -17.04
C LEU D 395 -23.64 -11.20 -16.11
N ASP D 396 -22.68 -10.43 -16.63
CA ASP D 396 -21.57 -9.95 -15.83
C ASP D 396 -22.07 -9.05 -14.71
N GLU D 397 -23.03 -8.20 -15.02
CA GLU D 397 -23.71 -7.37 -14.03
C GLU D 397 -24.50 -8.22 -13.03
N LYS D 398 -25.22 -9.22 -13.55
CA LYS D 398 -26.01 -10.12 -12.71
C LYS D 398 -25.14 -10.80 -11.64
N VAL D 399 -24.00 -11.35 -12.06
CA VAL D 399 -23.10 -12.06 -11.17
C VAL D 399 -22.50 -11.14 -10.13
N ALA D 400 -21.98 -10.00 -10.57
CA ALA D 400 -21.44 -9.02 -9.63
C ALA D 400 -22.51 -8.67 -8.58
N ALA D 401 -23.72 -8.38 -9.04
CA ALA D 401 -24.80 -7.92 -8.14
C ALA D 401 -25.08 -8.90 -6.99
N LEU D 402 -25.00 -10.21 -7.29
CA LEU D 402 -25.29 -11.26 -6.31
C LEU D 402 -24.30 -11.31 -5.14
N HIS D 403 -23.13 -10.71 -5.33
CA HIS D 403 -22.09 -10.73 -4.29
C HIS D 403 -21.96 -9.45 -3.48
N LEU D 404 -22.81 -8.46 -3.77
CA LEU D 404 -22.71 -7.16 -3.10
C LEU D 404 -23.26 -7.11 -1.68
N ALA D 405 -24.38 -7.79 -1.43
CA ALA D 405 -24.97 -7.79 -0.07
C ALA D 405 -24.01 -8.35 0.98
N HIS D 406 -23.25 -9.39 0.60
CA HIS D 406 -22.29 -10.03 1.51
C HIS D 406 -21.29 -9.04 2.06
N VAL D 407 -20.91 -8.07 1.23
CA VAL D 407 -19.82 -7.18 1.52
C VAL D 407 -20.36 -5.87 2.09
N GLY D 408 -21.68 -5.74 2.11
CA GLY D 408 -22.34 -4.56 2.67
C GLY D 408 -22.18 -3.36 1.74
N ALA D 409 -21.99 -3.64 0.44
CA ALA D 409 -21.82 -2.60 -0.59
C ALA D 409 -23.18 -2.06 -1.08
N LYS D 410 -23.38 -0.75 -1.01
CA LYS D 410 -24.66 -0.14 -1.28
CA LYS D 410 -24.67 -0.13 -1.28
C LYS D 410 -24.60 0.57 -2.63
N LEU D 411 -25.48 0.17 -3.56
CA LEU D 411 -25.51 0.78 -4.88
C LEU D 411 -26.38 2.04 -4.91
N THR D 412 -25.90 3.05 -5.62
CA THR D 412 -26.68 4.25 -5.91
C THR D 412 -27.68 3.98 -7.05
N LYS D 413 -28.90 4.46 -6.88
CA LYS D 413 -29.92 4.32 -7.91
C LYS D 413 -29.91 5.56 -8.76
N LEU D 414 -29.88 5.37 -10.08
CA LEU D 414 -29.91 6.50 -11.02
C LEU D 414 -31.31 7.13 -11.04
N THR D 415 -31.39 8.44 -11.19
CA THR D 415 -32.67 9.13 -11.37
C THR D 415 -33.13 8.88 -12.82
N PRO D 416 -34.44 9.09 -13.11
CA PRO D 416 -34.86 8.95 -14.51
C PRO D 416 -33.95 9.75 -15.47
N LYS D 417 -33.70 11.04 -15.17
CA LYS D 417 -32.82 11.86 -16.04
C LYS D 417 -31.44 11.23 -16.21
N GLN D 418 -30.86 10.76 -15.11
CA GLN D 418 -29.54 10.13 -15.17
C GLN D 418 -29.53 8.87 -16.01
N ALA D 419 -30.59 8.07 -15.85
CA ALA D 419 -30.75 6.81 -16.56
C ALA D 419 -30.87 7.06 -18.06
N GLU D 420 -31.67 8.05 -18.45
CA GLU D 420 -31.83 8.40 -19.87
C GLU D 420 -30.46 8.62 -20.50
N TYR D 421 -29.65 9.46 -19.85
CA TYR D 421 -28.40 9.94 -20.44
C TYR D 421 -27.16 9.15 -20.02
N ILE D 422 -27.32 7.84 -19.91
CA ILE D 422 -26.23 6.89 -19.62
C ILE D 422 -26.51 5.56 -20.33
N ASN D 423 -27.80 5.25 -20.49
CA ASN D 423 -28.32 4.05 -21.18
C ASN D 423 -27.78 2.71 -20.71
O5' ADN E . -10.53 16.21 -20.63
C5' ADN E . -10.16 14.91 -20.17
C4' ADN E . -8.85 14.55 -20.85
O4' ADN E . -7.90 15.52 -20.39
C3' ADN E . -8.33 13.23 -20.28
O3' ADN E . -8.63 12.13 -21.16
C2' ADN E . -6.82 13.46 -20.15
O2' ADN E . -6.10 12.65 -21.06
C1' ADN E . -6.63 14.92 -20.57
N9 ADN E . -5.45 15.43 -19.80
C8 ADN E . -5.09 15.13 -18.53
N7 ADN E . -3.96 15.76 -18.22
C5 ADN E . -3.59 16.47 -19.28
C6 ADN E . -2.52 17.31 -19.57
N6 ADN E . -1.59 17.56 -18.65
N1 ADN E . -2.46 17.89 -20.78
C2 ADN E . -3.38 17.67 -21.71
N3 ADN E . -4.41 16.87 -21.47
C4 ADN E . -4.54 16.27 -20.28
PA NAD F . -16.17 5.61 -16.61
O1A NAD F . -17.48 5.70 -17.30
O2A NAD F . -15.45 4.34 -16.85
O5B NAD F . -16.41 5.78 -15.04
C5B NAD F . -17.55 6.44 -14.55
C4B NAD F . -18.15 5.57 -13.46
O4B NAD F . -19.08 6.34 -12.74
C3B NAD F . -18.92 4.38 -14.05
O3B NAD F . -18.41 3.19 -13.52
C2B NAD F . -20.37 4.59 -13.64
O2B NAD F . -20.95 3.38 -13.19
C1B NAD F . -20.23 5.55 -12.47
N9A NAD F . -21.38 6.43 -12.26
C8A NAD F . -22.19 7.00 -13.21
N7A NAD F . -23.11 7.75 -12.55
C5A NAD F . -22.90 7.66 -11.22
C6A NAD F . -23.54 8.22 -10.12
N6A NAD F . -24.83 8.54 -10.24
N1A NAD F . -23.05 7.94 -8.84
C2A NAD F . -21.96 7.10 -8.68
N3A NAD F . -21.34 6.56 -9.79
C4A NAD F . -21.80 6.84 -11.03
O3 NAD F . -15.33 6.92 -17.02
PN NAD F . -13.78 7.19 -16.65
O1N NAD F . -12.93 6.75 -17.78
O2N NAD F . -13.52 6.70 -15.29
O5D NAD F . -13.79 8.80 -16.70
C5D NAD F . -14.63 9.57 -15.86
C4D NAD F . -14.77 11.02 -16.35
O4D NAD F . -13.54 11.71 -16.29
C3D NAD F . -15.19 11.14 -17.80
O3D NAD F . -15.94 12.33 -17.86
C2D NAD F . -13.88 11.35 -18.54
O2D NAD F . -14.03 11.96 -19.81
C1D NAD F . -13.13 12.22 -17.56
N1N NAD F . -11.67 12.07 -17.55
C2N NAD F . -10.95 13.07 -16.96
C3N NAD F . -9.55 12.99 -16.86
C7N NAD F . -8.76 14.15 -16.35
O7N NAD F . -7.38 14.19 -16.59
N7N NAD F . -9.35 15.11 -15.68
C4N NAD F . -8.89 11.86 -17.35
C5N NAD F . -9.65 10.84 -17.95
C6N NAD F . -11.04 10.94 -18.03
O5' ADN G . 13.33 22.80 9.84
C5' ADN G . 12.55 21.62 9.75
C4' ADN G . 11.19 21.88 10.41
O4' ADN G . 10.37 22.60 9.48
C3' ADN G . 10.49 20.53 10.56
O3' ADN G . 10.76 19.96 11.86
C2' ADN G . 8.99 20.90 10.35
O2' ADN G . 8.23 20.77 11.54
C1' ADN G . 9.03 22.40 9.93
N9 ADN G . 7.91 22.66 8.95
C8 ADN G . 7.47 21.86 7.95
N7 ADN G . 6.42 22.42 7.33
C5 ADN G . 6.19 23.60 7.94
C6 ADN G . 5.25 24.64 7.76
N6 ADN G . 4.32 24.58 6.81
N1 ADN G . 5.32 25.72 8.57
C2 ADN G . 6.24 25.82 9.51
N3 ADN G . 7.13 24.85 9.72
C4 ADN G . 7.14 23.74 8.95
PA NAD H . 16.98 11.07 11.89
O1A NAD H . 18.30 11.34 12.48
O2A NAD H . 16.15 10.16 12.71
O5B NAD H . 17.19 10.42 10.43
C5B NAD H . 18.43 10.56 9.76
C4B NAD H . 18.82 9.19 9.21
O4B NAD H . 19.84 9.36 8.26
C3B NAD H . 19.37 8.29 10.32
O3B NAD H . 18.72 7.04 10.21
C2B NAD H . 20.86 8.21 10.02
O2B NAD H . 21.41 6.95 10.34
C1B NAD H . 20.88 8.43 8.51
N9A NAD H . 22.14 8.97 8.02
C8A NAD H . 22.99 9.88 8.59
N7A NAD H . 24.02 10.07 7.74
C5A NAD H . 23.85 9.30 6.65
C6A NAD H . 24.59 9.11 5.47
N6A NAD H . 25.76 9.71 5.25
N1A NAD H . 24.13 8.23 4.52
C2A NAD H . 22.94 7.56 4.71
N3A NAD H . 22.21 7.77 5.87
C4A NAD H . 22.66 8.62 6.81
O3 NAD H . 16.33 12.51 11.64
PN NAD H . 14.94 12.87 10.92
O1N NAD H . 14.00 13.22 12.00
O2N NAD H . 14.59 11.84 9.91
O5D NAD H . 15.33 14.21 10.15
C5D NAD H . 16.24 14.26 9.07
C4D NAD H . 16.51 15.73 8.72
O4D NAD H . 15.35 16.39 8.23
C3D NAD H . 16.96 16.55 9.91
O3D NAD H . 17.82 17.51 9.35
C2D NAD H . 15.67 17.19 10.39
O2D NAD H . 15.85 18.35 11.18
C1D NAD H . 15.05 17.53 9.04
N1N NAD H . 13.59 17.63 9.06
C2N NAD H . 13.03 18.28 7.99
C3N NAD H . 11.66 18.38 7.90
C7N NAD H . 11.08 19.18 6.78
O7N NAD H . 9.77 19.65 6.86
N7N NAD H . 11.84 19.46 5.73
C4N NAD H . 10.83 17.80 8.90
C5N NAD H . 11.43 17.14 9.99
C6N NAD H . 12.82 17.05 10.05
O5' ADN I . 3.23 -14.49 23.88
C5' ADN I . 3.63 -13.48 22.97
C4' ADN I . 5.00 -13.82 22.37
O4' ADN I . 4.83 -14.92 21.45
C3' ADN I . 5.32 -12.64 21.47
O3' ADN I . 6.20 -11.69 22.11
C2' ADN I . 6.00 -13.30 20.28
O2' ADN I . 7.35 -12.86 20.20
C1' ADN I . 5.96 -14.81 20.59
N9 ADN I . 6.02 -15.59 19.28
C8 ADN I . 5.47 -15.30 18.10
N7 ADN I . 5.79 -16.23 17.18
C5 ADN I . 6.57 -17.12 17.78
C6 ADN I . 7.22 -18.28 17.36
N6 ADN I . 7.11 -18.72 16.12
N1 ADN I . 7.95 -18.98 18.26
C2 ADN I . 8.06 -18.56 19.52
N3 ADN I . 7.45 -17.46 19.94
C4 ADN I . 6.71 -16.72 19.11
PA NAD J . 0.50 -2.35 23.49
O1A NAD J . 0.28 -2.15 24.92
O2A NAD J . 1.55 -1.47 22.98
O5B NAD J . -0.86 -2.13 22.64
C5B NAD J . -2.15 -2.42 23.14
C4B NAD J . -3.05 -1.24 22.79
O4B NAD J . -4.38 -1.58 23.10
C3B NAD J . -2.72 0.01 23.59
O3B NAD J . -2.41 1.02 22.66
C2B NAD J . -3.99 0.33 24.39
O2B NAD J . -4.28 1.71 24.45
C1B NAD J . -5.05 -0.45 23.61
N9A NAD J . -6.21 -0.87 24.42
C8A NAD J . -6.18 -1.32 25.73
N7A NAD J . -7.45 -1.61 26.11
C5A NAD J . -8.29 -1.36 25.08
C6A NAD J . -9.68 -1.49 24.94
N6A NAD J . -10.45 -1.75 25.97
N1A NAD J . -10.28 -1.16 23.73
C2A NAD J . -9.49 -0.69 22.67
N3A NAD J . -8.12 -0.58 22.82
C4A NAD J . -7.52 -0.89 24.01
O3 NAD J . 0.89 -3.90 23.29
PN NAD J . 1.36 -4.66 21.95
O1N NAD J . 2.83 -4.72 21.88
O2N NAD J . 0.57 -4.20 20.78
O5D NAD J . 0.90 -6.14 22.40
C5D NAD J . -0.46 -6.43 22.64
C4D NAD J . -0.66 -7.87 23.09
O4D NAD J . -0.15 -8.85 22.18
C3D NAD J . 0.07 -8.09 24.39
O3D NAD J . -0.72 -8.98 25.10
C2D NAD J . 1.35 -8.78 23.94
O2D NAD J . 1.99 -9.47 24.97
C1D NAD J . 0.81 -9.69 22.85
N1N NAD J . 1.76 -10.05 21.81
C2N NAD J . 1.44 -11.13 21.06
C3N NAD J . 2.26 -11.48 19.99
C7N NAD J . 1.96 -12.71 19.19
O7N NAD J . 3.00 -13.24 18.43
N7N NAD J . 0.75 -13.26 19.21
C4N NAD J . 3.40 -10.72 19.70
C5N NAD J . 3.71 -9.60 20.47
C6N NAD J . 2.85 -9.26 21.54
O5' ADN K . -6.23 -24.39 -12.85
C5' ADN K . -6.32 -22.96 -12.71
C4' ADN K . -7.73 -22.64 -12.18
O4' ADN K . -7.76 -23.16 -10.83
C3' ADN K . -7.98 -21.13 -12.01
O3' ADN K . -8.80 -20.61 -13.06
C2' ADN K . -8.71 -21.06 -10.67
O2' ADN K . -10.00 -20.49 -10.87
C1' ADN K . -8.87 -22.53 -10.25
N9 ADN K . -8.94 -22.56 -8.73
C8 ADN K . -8.22 -21.84 -7.85
N7 ADN K . -8.62 -22.10 -6.60
C5 ADN K . -9.59 -23.00 -6.68
C6 ADN K . -10.39 -23.64 -5.73
N6 ADN K . -10.22 -23.40 -4.43
N1 ADN K . -11.31 -24.52 -6.16
C2 ADN K . -11.48 -24.77 -7.46
N3 ADN K . -10.76 -24.16 -8.39
C4 ADN K . -9.81 -23.29 -8.03
PA NAD L . -1.81 -14.17 -18.90
O1A NAD L . -1.68 -14.74 -20.26
O2A NAD L . -2.68 -12.98 -18.92
O5B NAD L . -0.39 -13.87 -18.25
C5B NAD L . 0.82 -14.51 -18.53
C4B NAD L . 1.89 -13.44 -18.73
O4B NAD L . 3.16 -14.02 -18.81
C3B NAD L . 1.67 -12.69 -20.06
O3B NAD L . 1.53 -11.34 -19.72
C2B NAD L . 2.93 -12.90 -20.89
O2B NAD L . 3.40 -11.71 -21.49
C1B NAD L . 3.92 -13.39 -19.85
N9A NAD L . 4.93 -14.35 -20.37
C8A NAD L . 4.76 -15.38 -21.28
N7A NAD L . 5.95 -16.01 -21.43
C5A NAD L . 6.87 -15.42 -20.62
C6A NAD L . 8.22 -15.65 -20.37
N6A NAD L . 8.91 -16.58 -21.02
N1A NAD L . 8.90 -14.83 -19.46
C2A NAD L . 8.25 -13.82 -18.81
N3A NAD L . 6.91 -13.59 -19.07
C4A NAD L . 6.23 -14.37 -19.95
O3 NAD L . -2.37 -15.38 -17.99
PN NAD L . -2.98 -15.27 -16.51
O1N NAD L . -4.45 -15.06 -16.63
O2N NAD L . -2.18 -14.33 -15.70
O5D NAD L . -2.71 -16.77 -16.05
C5D NAD L . -1.41 -17.31 -16.08
C4D NAD L . -1.43 -18.81 -15.77
O4D NAD L . -2.02 -19.07 -14.50
C3D NAD L . -2.25 -19.61 -16.74
O3D NAD L . -1.60 -20.87 -16.75
C2D NAD L . -3.60 -19.74 -16.06
O2D NAD L . -4.41 -20.78 -16.48
C1D NAD L . -3.16 -19.93 -14.64
N1N NAD L . -4.11 -19.50 -13.61
C2N NAD L . -3.94 -20.09 -12.39
C3N NAD L . -4.72 -19.74 -11.32
C7N NAD L . -4.53 -20.49 -10.05
O7N NAD L . -5.60 -20.54 -9.15
N7N NAD L . -3.38 -21.12 -9.84
C4N NAD L . -5.70 -18.74 -11.46
C5N NAD L . -5.87 -18.14 -12.71
C6N NAD L . -5.04 -18.51 -13.79
#